data_3OA9
# 
_entry.id   3OA9 
# 
_audit_conform.dict_name       mmcif_pdbx.dic 
_audit_conform.dict_version    5.387 
_audit_conform.dict_location   http://mmcif.pdb.org/dictionaries/ascii/mmcif_pdbx.dic 
# 
loop_
_database_2.database_id 
_database_2.database_code 
_database_2.pdbx_database_accession 
_database_2.pdbx_DOI 
PDB   3OA9         pdb_00003oa9 10.2210/pdb3oa9/pdb 
RCSB  RCSB060861   ?            ?                   
WWPDB D_1000060861 ?            ?                   
# 
loop_
_pdbx_audit_revision_history.ordinal 
_pdbx_audit_revision_history.data_content_type 
_pdbx_audit_revision_history.major_revision 
_pdbx_audit_revision_history.minor_revision 
_pdbx_audit_revision_history.revision_date 
1 'Structure model' 1 0 2011-05-11 
2 'Structure model' 1 1 2011-07-13 
3 'Structure model' 1 2 2024-02-21 
# 
_pdbx_audit_revision_details.ordinal             1 
_pdbx_audit_revision_details.revision_ordinal    1 
_pdbx_audit_revision_details.data_content_type   'Structure model' 
_pdbx_audit_revision_details.provider            repository 
_pdbx_audit_revision_details.type                'Initial release' 
_pdbx_audit_revision_details.description         ? 
_pdbx_audit_revision_details.details             ? 
# 
loop_
_pdbx_audit_revision_group.ordinal 
_pdbx_audit_revision_group.revision_ordinal 
_pdbx_audit_revision_group.data_content_type 
_pdbx_audit_revision_group.group 
1 2 'Structure model' 'Version format compliance' 
2 3 'Structure model' 'Data collection'           
3 3 'Structure model' 'Database references'       
# 
loop_
_pdbx_audit_revision_category.ordinal 
_pdbx_audit_revision_category.revision_ordinal 
_pdbx_audit_revision_category.data_content_type 
_pdbx_audit_revision_category.category 
1 3 'Structure model' chem_comp_atom 
2 3 'Structure model' chem_comp_bond 
3 3 'Structure model' database_2     
# 
loop_
_pdbx_audit_revision_item.ordinal 
_pdbx_audit_revision_item.revision_ordinal 
_pdbx_audit_revision_item.data_content_type 
_pdbx_audit_revision_item.item 
1 3 'Structure model' '_database_2.pdbx_DOI'                
2 3 'Structure model' '_database_2.pdbx_database_accession' 
# 
_pdbx_database_status.status_code                     REL 
_pdbx_database_status.entry_id                        3OA9 
_pdbx_database_status.recvd_initial_deposition_date   2010-08-05 
_pdbx_database_status.deposit_site                    RCSB 
_pdbx_database_status.process_site                    RCSB 
_pdbx_database_status.status_code_sf                  REL 
_pdbx_database_status.status_code_mr                  ? 
_pdbx_database_status.SG_entry                        ? 
_pdbx_database_status.status_code_cs                  ? 
_pdbx_database_status.pdb_format_compatible           Y 
_pdbx_database_status.status_code_nmr_data            ? 
_pdbx_database_status.methods_development_category    ? 
# 
loop_
_pdbx_database_related.db_name 
_pdbx_database_related.db_id 
_pdbx_database_related.details 
_pdbx_database_related.content_type 
PDB 3d6r . unspecified 
PDB 3o9q . unspecified 
PDB 3o9r . unspecified 
PDB 3o9s . unspecified 
PDB 3o9t . unspecified 
PDB 3o9u . unspecified 
# 
loop_
_audit_author.name 
_audit_author.pdbx_ordinal 
'Kerry, P.S.'     1 
'Lewis, A.'       2 
'Hale, B.G.'      3 
'Hass, C.'        4 
'Taylor, M.A.'    5 
'Randall, R.E.'   6 
'Russell, R.J.M.' 7 
# 
_citation.id                        primary 
_citation.title                     
'A Transient Homotypic Interaction Model for the Influenza A Virus NS1 Protein Effector Domain.' 
_citation.journal_abbrev            'Plos One' 
_citation.journal_volume            6 
_citation.page_first                e17946 
_citation.page_last                 e17946 
_citation.year                      2011 
_citation.journal_id_ASTM           ? 
_citation.country                   US 
_citation.journal_id_ISSN           1932-6203 
_citation.journal_id_CSD            ? 
_citation.book_publisher            ? 
_citation.pdbx_database_id_PubMed   21464929 
_citation.pdbx_database_id_DOI      10.1371/journal.pone.0017946 
# 
loop_
_citation_author.citation_id 
_citation_author.name 
_citation_author.ordinal 
_citation_author.identifier_ORCID 
primary 'Kerry, P.S.'       1 ? 
primary 'Ayllon, J.'        2 ? 
primary 'Taylor, M.A.'      3 ? 
primary 'Hass, C.'          4 ? 
primary 'Lewis, A.'         5 ? 
primary 'Garcia-Sastre, A.' 6 ? 
primary 'Randall, R.E.'     7 ? 
primary 'Hale, B.G.'        8 ? 
primary 'Russell, R.J.'     9 ? 
# 
loop_
_entity.id 
_entity.type 
_entity.src_method 
_entity.pdbx_description 
_entity.formula_weight 
_entity.pdbx_number_of_molecules 
_entity.pdbx_ec 
_entity.pdbx_mutation 
_entity.pdbx_fragment 
_entity.details 
1 polymer man 'Non-structural protein 1' 17754.348 2  ? ? ? ? 
2 water   nat water                      18.015    16 ? ? ? ? 
# 
_entity_name_com.entity_id   1 
_entity_name_com.name        'NS1, NS1A' 
# 
_entity_poly.entity_id                      1 
_entity_poly.type                           'polypeptide(L)' 
_entity_poly.nstd_linkage                   no 
_entity_poly.nstd_monomer                   no 
_entity_poly.pdbx_seq_one_letter_code       
;TDENLKIAIASSPAPRYITDMSIEEISREWYMLMPRQKITGGLMVKMDQAIMDKRITLKANFSVLFDQLETLVSLRAFTD
DGAIVAEISPIPSMPGHSTEDVKNAIGILIGGLEWNDNSIRASENIQRFAWGIRDENGGPPLPPKQKRYMARRVESEV
;
_entity_poly.pdbx_seq_one_letter_code_can   
;TDENLKIAIASSPAPRYITDMSIEEISREWYMLMPRQKITGGLMVKMDQAIMDKRITLKANFSVLFDQLETLVSLRAFTD
DGAIVAEISPIPSMPGHSTEDVKNAIGILIGGLEWNDNSIRASENIQRFAWGIRDENGGPPLPPKQKRYMARRVESEV
;
_entity_poly.pdbx_strand_id                 A,B 
_entity_poly.pdbx_target_identifier         ? 
# 
_pdbx_entity_nonpoly.entity_id   2 
_pdbx_entity_nonpoly.name        water 
_pdbx_entity_nonpoly.comp_id     HOH 
# 
loop_
_entity_poly_seq.entity_id 
_entity_poly_seq.num 
_entity_poly_seq.mon_id 
_entity_poly_seq.hetero 
1 1   THR n 
1 2   ASP n 
1 3   GLU n 
1 4   ASN n 
1 5   LEU n 
1 6   LYS n 
1 7   ILE n 
1 8   ALA n 
1 9   ILE n 
1 10  ALA n 
1 11  SER n 
1 12  SER n 
1 13  PRO n 
1 14  ALA n 
1 15  PRO n 
1 16  ARG n 
1 17  TYR n 
1 18  ILE n 
1 19  THR n 
1 20  ASP n 
1 21  MET n 
1 22  SER n 
1 23  ILE n 
1 24  GLU n 
1 25  GLU n 
1 26  ILE n 
1 27  SER n 
1 28  ARG n 
1 29  GLU n 
1 30  TRP n 
1 31  TYR n 
1 32  MET n 
1 33  LEU n 
1 34  MET n 
1 35  PRO n 
1 36  ARG n 
1 37  GLN n 
1 38  LYS n 
1 39  ILE n 
1 40  THR n 
1 41  GLY n 
1 42  GLY n 
1 43  LEU n 
1 44  MET n 
1 45  VAL n 
1 46  LYS n 
1 47  MET n 
1 48  ASP n 
1 49  GLN n 
1 50  ALA n 
1 51  ILE n 
1 52  MET n 
1 53  ASP n 
1 54  LYS n 
1 55  ARG n 
1 56  ILE n 
1 57  THR n 
1 58  LEU n 
1 59  LYS n 
1 60  ALA n 
1 61  ASN n 
1 62  PHE n 
1 63  SER n 
1 64  VAL n 
1 65  LEU n 
1 66  PHE n 
1 67  ASP n 
1 68  GLN n 
1 69  LEU n 
1 70  GLU n 
1 71  THR n 
1 72  LEU n 
1 73  VAL n 
1 74  SER n 
1 75  LEU n 
1 76  ARG n 
1 77  ALA n 
1 78  PHE n 
1 79  THR n 
1 80  ASP n 
1 81  ASP n 
1 82  GLY n 
1 83  ALA n 
1 84  ILE n 
1 85  VAL n 
1 86  ALA n 
1 87  GLU n 
1 88  ILE n 
1 89  SER n 
1 90  PRO n 
1 91  ILE n 
1 92  PRO n 
1 93  SER n 
1 94  MET n 
1 95  PRO n 
1 96  GLY n 
1 97  HIS n 
1 98  SER n 
1 99  THR n 
1 100 GLU n 
1 101 ASP n 
1 102 VAL n 
1 103 LYS n 
1 104 ASN n 
1 105 ALA n 
1 106 ILE n 
1 107 GLY n 
1 108 ILE n 
1 109 LEU n 
1 110 ILE n 
1 111 GLY n 
1 112 GLY n 
1 113 LEU n 
1 114 GLU n 
1 115 TRP n 
1 116 ASN n 
1 117 ASP n 
1 118 ASN n 
1 119 SER n 
1 120 ILE n 
1 121 ARG n 
1 122 ALA n 
1 123 SER n 
1 124 GLU n 
1 125 ASN n 
1 126 ILE n 
1 127 GLN n 
1 128 ARG n 
1 129 PHE n 
1 130 ALA n 
1 131 TRP n 
1 132 GLY n 
1 133 ILE n 
1 134 ARG n 
1 135 ASP n 
1 136 GLU n 
1 137 ASN n 
1 138 GLY n 
1 139 GLY n 
1 140 PRO n 
1 141 PRO n 
1 142 LEU n 
1 143 PRO n 
1 144 PRO n 
1 145 LYS n 
1 146 GLN n 
1 147 LYS n 
1 148 ARG n 
1 149 TYR n 
1 150 MET n 
1 151 ALA n 
1 152 ARG n 
1 153 ARG n 
1 154 VAL n 
1 155 GLU n 
1 156 SER n 
1 157 GLU n 
1 158 VAL n 
# 
_entity_src_gen.entity_id                          1 
_entity_src_gen.pdbx_src_id                        1 
_entity_src_gen.pdbx_alt_source_flag               sample 
_entity_src_gen.pdbx_seq_type                      ? 
_entity_src_gen.pdbx_beg_seq_num                   ? 
_entity_src_gen.pdbx_end_seq_num                   ? 
_entity_src_gen.gene_src_common_name               ? 
_entity_src_gen.gene_src_genus                     ? 
_entity_src_gen.pdbx_gene_src_gene                 NS 
_entity_src_gen.gene_src_species                   ? 
_entity_src_gen.gene_src_strain                    'A/Duck/Alberta/60/1976 H12N5' 
_entity_src_gen.gene_src_tissue                    ? 
_entity_src_gen.gene_src_tissue_fraction           ? 
_entity_src_gen.gene_src_details                   ? 
_entity_src_gen.pdbx_gene_src_fragment             ? 
_entity_src_gen.pdbx_gene_src_scientific_name      'Influenza A virus' 
_entity_src_gen.pdbx_gene_src_ncbi_taxonomy_id     385582 
_entity_src_gen.pdbx_gene_src_variant              ? 
_entity_src_gen.pdbx_gene_src_cell_line            ? 
_entity_src_gen.pdbx_gene_src_atcc                 ? 
_entity_src_gen.pdbx_gene_src_organ                ? 
_entity_src_gen.pdbx_gene_src_organelle            ? 
_entity_src_gen.pdbx_gene_src_cell                 ? 
_entity_src_gen.pdbx_gene_src_cellular_location    ? 
_entity_src_gen.host_org_common_name               ? 
_entity_src_gen.pdbx_host_org_scientific_name      'Escherichia coli' 
_entity_src_gen.pdbx_host_org_ncbi_taxonomy_id     562 
_entity_src_gen.host_org_genus                     ? 
_entity_src_gen.pdbx_host_org_gene                 ? 
_entity_src_gen.pdbx_host_org_organ                ? 
_entity_src_gen.host_org_species                   ? 
_entity_src_gen.pdbx_host_org_tissue               ? 
_entity_src_gen.pdbx_host_org_tissue_fraction      ? 
_entity_src_gen.pdbx_host_org_strain               ? 
_entity_src_gen.pdbx_host_org_variant              ? 
_entity_src_gen.pdbx_host_org_cell_line            ? 
_entity_src_gen.pdbx_host_org_atcc                 ? 
_entity_src_gen.pdbx_host_org_culture_collection   ? 
_entity_src_gen.pdbx_host_org_cell                 ? 
_entity_src_gen.pdbx_host_org_organelle            ? 
_entity_src_gen.pdbx_host_org_cellular_location    ? 
_entity_src_gen.pdbx_host_org_vector_type          ? 
_entity_src_gen.pdbx_host_org_vector               ? 
_entity_src_gen.host_org_details                   ? 
_entity_src_gen.expression_system_id               ? 
_entity_src_gen.plasmid_name                       ? 
_entity_src_gen.plasmid_details                    ? 
_entity_src_gen.pdbx_description                   ? 
# 
loop_
_chem_comp.id 
_chem_comp.type 
_chem_comp.mon_nstd_flag 
_chem_comp.name 
_chem_comp.pdbx_synonyms 
_chem_comp.formula 
_chem_comp.formula_weight 
ALA 'L-peptide linking' y ALANINE         ? 'C3 H7 N O2'     89.093  
ARG 'L-peptide linking' y ARGININE        ? 'C6 H15 N4 O2 1' 175.209 
ASN 'L-peptide linking' y ASPARAGINE      ? 'C4 H8 N2 O3'    132.118 
ASP 'L-peptide linking' y 'ASPARTIC ACID' ? 'C4 H7 N O4'     133.103 
GLN 'L-peptide linking' y GLUTAMINE       ? 'C5 H10 N2 O3'   146.144 
GLU 'L-peptide linking' y 'GLUTAMIC ACID' ? 'C5 H9 N O4'     147.129 
GLY 'peptide linking'   y GLYCINE         ? 'C2 H5 N O2'     75.067  
HIS 'L-peptide linking' y HISTIDINE       ? 'C6 H10 N3 O2 1' 156.162 
HOH non-polymer         . WATER           ? 'H2 O'           18.015  
ILE 'L-peptide linking' y ISOLEUCINE      ? 'C6 H13 N O2'    131.173 
LEU 'L-peptide linking' y LEUCINE         ? 'C6 H13 N O2'    131.173 
LYS 'L-peptide linking' y LYSINE          ? 'C6 H15 N2 O2 1' 147.195 
MET 'L-peptide linking' y METHIONINE      ? 'C5 H11 N O2 S'  149.211 
PHE 'L-peptide linking' y PHENYLALANINE   ? 'C9 H11 N O2'    165.189 
PRO 'L-peptide linking' y PROLINE         ? 'C5 H9 N O2'     115.130 
SER 'L-peptide linking' y SERINE          ? 'C3 H7 N O3'     105.093 
THR 'L-peptide linking' y THREONINE       ? 'C4 H9 N O3'     119.119 
TRP 'L-peptide linking' y TRYPTOPHAN      ? 'C11 H12 N2 O2'  204.225 
TYR 'L-peptide linking' y TYROSINE        ? 'C9 H11 N O3'    181.189 
VAL 'L-peptide linking' y VALINE          ? 'C5 H11 N O2'    117.146 
# 
loop_
_pdbx_poly_seq_scheme.asym_id 
_pdbx_poly_seq_scheme.entity_id 
_pdbx_poly_seq_scheme.seq_id 
_pdbx_poly_seq_scheme.mon_id 
_pdbx_poly_seq_scheme.ndb_seq_num 
_pdbx_poly_seq_scheme.pdb_seq_num 
_pdbx_poly_seq_scheme.auth_seq_num 
_pdbx_poly_seq_scheme.pdb_mon_id 
_pdbx_poly_seq_scheme.auth_mon_id 
_pdbx_poly_seq_scheme.pdb_strand_id 
_pdbx_poly_seq_scheme.pdb_ins_code 
_pdbx_poly_seq_scheme.hetero 
A 1 1   THR 1   73  ?   ?   ?   A . n 
A 1 2   ASP 2   74  ?   ?   ?   A . n 
A 1 3   GLU 3   75  ?   ?   ?   A . n 
A 1 4   ASN 4   76  ?   ?   ?   A . n 
A 1 5   LEU 5   77  ?   ?   ?   A . n 
A 1 6   LYS 6   78  ?   ?   ?   A . n 
A 1 7   ILE 7   79  ?   ?   ?   A . n 
A 1 8   ALA 8   80  ?   ?   ?   A . n 
A 1 9   ILE 9   81  ?   ?   ?   A . n 
A 1 10  ALA 10  82  ?   ?   ?   A . n 
A 1 11  SER 11  83  ?   ?   ?   A . n 
A 1 12  SER 12  84  ?   ?   ?   A . n 
A 1 13  PRO 13  85  ?   ?   ?   A . n 
A 1 14  ALA 14  86  ?   ?   ?   A . n 
A 1 15  PRO 15  87  ?   ?   ?   A . n 
A 1 16  ARG 16  88  ?   ?   ?   A . n 
A 1 17  TYR 17  89  89  TYR TYR A . n 
A 1 18  ILE 18  90  90  ILE ILE A . n 
A 1 19  THR 19  91  91  THR THR A . n 
A 1 20  ASP 20  92  92  ASP ASP A . n 
A 1 21  MET 21  93  93  MET MET A . n 
A 1 22  SER 22  94  94  SER SER A . n 
A 1 23  ILE 23  95  95  ILE ILE A . n 
A 1 24  GLU 24  96  96  GLU GLU A . n 
A 1 25  GLU 25  97  97  GLU GLU A . n 
A 1 26  ILE 26  98  98  ILE ILE A . n 
A 1 27  SER 27  99  99  SER SER A . n 
A 1 28  ARG 28  100 100 ARG ARG A . n 
A 1 29  GLU 29  101 101 GLU GLU A . n 
A 1 30  TRP 30  102 102 TRP TRP A . n 
A 1 31  TYR 31  103 103 TYR TYR A . n 
A 1 32  MET 32  104 104 MET MET A . n 
A 1 33  LEU 33  105 105 LEU LEU A . n 
A 1 34  MET 34  106 106 MET MET A . n 
A 1 35  PRO 35  107 107 PRO PRO A . n 
A 1 36  ARG 36  108 108 ARG ARG A . n 
A 1 37  GLN 37  109 109 GLN GLN A . n 
A 1 38  LYS 38  110 110 LYS LYS A . n 
A 1 39  ILE 39  111 111 ILE ILE A . n 
A 1 40  THR 40  112 112 THR THR A . n 
A 1 41  GLY 41  113 113 GLY GLY A . n 
A 1 42  GLY 42  114 114 GLY GLY A . n 
A 1 43  LEU 43  115 115 LEU LEU A . n 
A 1 44  MET 44  116 116 MET MET A . n 
A 1 45  VAL 45  117 117 VAL VAL A . n 
A 1 46  LYS 46  118 118 LYS LYS A . n 
A 1 47  MET 47  119 119 MET MET A . n 
A 1 48  ASP 48  120 120 ASP ASP A . n 
A 1 49  GLN 49  121 121 GLN GLN A . n 
A 1 50  ALA 50  122 122 ALA ALA A . n 
A 1 51  ILE 51  123 123 ILE ILE A . n 
A 1 52  MET 52  124 124 MET MET A . n 
A 1 53  ASP 53  125 125 ASP ASP A . n 
A 1 54  LYS 54  126 126 LYS LYS A . n 
A 1 55  ARG 55  127 127 ARG ARG A . n 
A 1 56  ILE 56  128 128 ILE ILE A . n 
A 1 57  THR 57  129 129 THR THR A . n 
A 1 58  LEU 58  130 130 LEU LEU A . n 
A 1 59  LYS 59  131 131 LYS LYS A . n 
A 1 60  ALA 60  132 132 ALA ALA A . n 
A 1 61  ASN 61  133 133 ASN ASN A . n 
A 1 62  PHE 62  134 134 PHE PHE A . n 
A 1 63  SER 63  135 135 SER SER A . n 
A 1 64  VAL 64  136 136 VAL VAL A . n 
A 1 65  LEU 65  137 137 LEU LEU A . n 
A 1 66  PHE 66  138 138 PHE PHE A . n 
A 1 67  ASP 67  139 139 ASP ASP A . n 
A 1 68  GLN 68  140 140 GLN GLN A . n 
A 1 69  LEU 69  141 141 LEU LEU A . n 
A 1 70  GLU 70  142 142 GLU GLU A . n 
A 1 71  THR 71  143 143 THR THR A . n 
A 1 72  LEU 72  144 144 LEU LEU A . n 
A 1 73  VAL 73  145 145 VAL VAL A . n 
A 1 74  SER 74  146 146 SER SER A . n 
A 1 75  LEU 75  147 147 LEU LEU A . n 
A 1 76  ARG 76  148 148 ARG ARG A . n 
A 1 77  ALA 77  149 149 ALA ALA A . n 
A 1 78  PHE 78  150 150 PHE PHE A . n 
A 1 79  THR 79  151 151 THR THR A . n 
A 1 80  ASP 80  152 152 ASP ASP A . n 
A 1 81  ASP 81  153 153 ASP ASP A . n 
A 1 82  GLY 82  154 154 GLY GLY A . n 
A 1 83  ALA 83  155 155 ALA ALA A . n 
A 1 84  ILE 84  156 156 ILE ILE A . n 
A 1 85  VAL 85  157 157 VAL VAL A . n 
A 1 86  ALA 86  158 158 ALA ALA A . n 
A 1 87  GLU 87  159 159 GLU GLU A . n 
A 1 88  ILE 88  160 160 ILE ILE A . n 
A 1 89  SER 89  161 161 SER SER A . n 
A 1 90  PRO 90  162 162 PRO PRO A . n 
A 1 91  ILE 91  163 163 ILE ILE A . n 
A 1 92  PRO 92  164 164 PRO PRO A . n 
A 1 93  SER 93  165 165 SER SER A . n 
A 1 94  MET 94  166 166 MET MET A . n 
A 1 95  PRO 95  167 167 PRO PRO A . n 
A 1 96  GLY 96  168 168 GLY GLY A . n 
A 1 97  HIS 97  169 169 HIS HIS A . n 
A 1 98  SER 98  170 170 SER SER A . n 
A 1 99  THR 99  171 171 THR THR A . n 
A 1 100 GLU 100 172 172 GLU GLU A . n 
A 1 101 ASP 101 173 173 ASP ASP A . n 
A 1 102 VAL 102 174 174 VAL VAL A . n 
A 1 103 LYS 103 175 175 LYS LYS A . n 
A 1 104 ASN 104 176 176 ASN ASN A . n 
A 1 105 ALA 105 177 177 ALA ALA A . n 
A 1 106 ILE 106 178 178 ILE ILE A . n 
A 1 107 GLY 107 179 179 GLY GLY A . n 
A 1 108 ILE 108 180 180 ILE ILE A . n 
A 1 109 LEU 109 181 181 LEU LEU A . n 
A 1 110 ILE 110 182 182 ILE ILE A . n 
A 1 111 GLY 111 183 183 GLY GLY A . n 
A 1 112 GLY 112 184 184 GLY GLY A . n 
A 1 113 LEU 113 185 185 LEU LEU A . n 
A 1 114 GLU 114 186 186 GLU GLU A . n 
A 1 115 TRP 115 187 187 TRP TRP A . n 
A 1 116 ASN 116 188 188 ASN ASN A . n 
A 1 117 ASP 117 189 189 ASP ASP A . n 
A 1 118 ASN 118 190 190 ASN ASN A . n 
A 1 119 SER 119 191 191 SER SER A . n 
A 1 120 ILE 120 192 192 ILE ILE A . n 
A 1 121 ARG 121 193 193 ARG ARG A . n 
A 1 122 ALA 122 194 194 ALA ALA A . n 
A 1 123 SER 123 195 195 SER SER A . n 
A 1 124 GLU 124 196 196 GLU GLU A . n 
A 1 125 ASN 125 197 197 ASN ASN A . n 
A 1 126 ILE 126 198 198 ILE ILE A . n 
A 1 127 GLN 127 199 199 GLN GLN A . n 
A 1 128 ARG 128 200 200 ARG ARG A . n 
A 1 129 PHE 129 201 201 PHE PHE A . n 
A 1 130 ALA 130 202 202 ALA ALA A . n 
A 1 131 TRP 131 203 ?   ?   ?   A . n 
A 1 132 GLY 132 204 ?   ?   ?   A . n 
A 1 133 ILE 133 205 ?   ?   ?   A . n 
A 1 134 ARG 134 206 ?   ?   ?   A . n 
A 1 135 ASP 135 207 ?   ?   ?   A . n 
A 1 136 GLU 136 208 ?   ?   ?   A . n 
A 1 137 ASN 137 209 ?   ?   ?   A . n 
A 1 138 GLY 138 210 ?   ?   ?   A . n 
A 1 139 GLY 139 211 ?   ?   ?   A . n 
A 1 140 PRO 140 212 ?   ?   ?   A . n 
A 1 141 PRO 141 213 ?   ?   ?   A . n 
A 1 142 LEU 142 214 ?   ?   ?   A . n 
A 1 143 PRO 143 215 ?   ?   ?   A . n 
A 1 144 PRO 144 216 ?   ?   ?   A . n 
A 1 145 LYS 145 217 ?   ?   ?   A . n 
A 1 146 GLN 146 218 ?   ?   ?   A . n 
A 1 147 LYS 147 219 ?   ?   ?   A . n 
A 1 148 ARG 148 220 ?   ?   ?   A . n 
A 1 149 TYR 149 221 ?   ?   ?   A . n 
A 1 150 MET 150 222 ?   ?   ?   A . n 
A 1 151 ALA 151 223 ?   ?   ?   A . n 
A 1 152 ARG 152 224 ?   ?   ?   A . n 
A 1 153 ARG 153 225 ?   ?   ?   A . n 
A 1 154 VAL 154 226 ?   ?   ?   A . n 
A 1 155 GLU 155 227 ?   ?   ?   A . n 
A 1 156 SER 156 228 ?   ?   ?   A . n 
A 1 157 GLU 157 229 ?   ?   ?   A . n 
A 1 158 VAL 158 230 ?   ?   ?   A . n 
B 1 1   THR 1   73  ?   ?   ?   B . n 
B 1 2   ASP 2   74  ?   ?   ?   B . n 
B 1 3   GLU 3   75  ?   ?   ?   B . n 
B 1 4   ASN 4   76  ?   ?   ?   B . n 
B 1 5   LEU 5   77  ?   ?   ?   B . n 
B 1 6   LYS 6   78  ?   ?   ?   B . n 
B 1 7   ILE 7   79  ?   ?   ?   B . n 
B 1 8   ALA 8   80  ?   ?   ?   B . n 
B 1 9   ILE 9   81  ?   ?   ?   B . n 
B 1 10  ALA 10  82  ?   ?   ?   B . n 
B 1 11  SER 11  83  ?   ?   ?   B . n 
B 1 12  SER 12  84  ?   ?   ?   B . n 
B 1 13  PRO 13  85  ?   ?   ?   B . n 
B 1 14  ALA 14  86  ?   ?   ?   B . n 
B 1 15  PRO 15  87  ?   ?   ?   B . n 
B 1 16  ARG 16  88  ?   ?   ?   B . n 
B 1 17  TYR 17  89  89  TYR TYR B . n 
B 1 18  ILE 18  90  90  ILE ILE B . n 
B 1 19  THR 19  91  91  THR THR B . n 
B 1 20  ASP 20  92  92  ASP ASP B . n 
B 1 21  MET 21  93  93  MET MET B . n 
B 1 22  SER 22  94  94  SER SER B . n 
B 1 23  ILE 23  95  95  ILE ILE B . n 
B 1 24  GLU 24  96  96  GLU GLU B . n 
B 1 25  GLU 25  97  97  GLU GLU B . n 
B 1 26  ILE 26  98  98  ILE ILE B . n 
B 1 27  SER 27  99  99  SER SER B . n 
B 1 28  ARG 28  100 100 ARG ARG B . n 
B 1 29  GLU 29  101 101 GLU GLU B . n 
B 1 30  TRP 30  102 102 TRP TRP B . n 
B 1 31  TYR 31  103 103 TYR TYR B . n 
B 1 32  MET 32  104 104 MET MET B . n 
B 1 33  LEU 33  105 105 LEU LEU B . n 
B 1 34  MET 34  106 106 MET MET B . n 
B 1 35  PRO 35  107 107 PRO PRO B . n 
B 1 36  ARG 36  108 108 ARG ARG B . n 
B 1 37  GLN 37  109 109 GLN GLN B . n 
B 1 38  LYS 38  110 110 LYS LYS B . n 
B 1 39  ILE 39  111 111 ILE ILE B . n 
B 1 40  THR 40  112 112 THR THR B . n 
B 1 41  GLY 41  113 113 GLY GLY B . n 
B 1 42  GLY 42  114 114 GLY GLY B . n 
B 1 43  LEU 43  115 115 LEU LEU B . n 
B 1 44  MET 44  116 116 MET MET B . n 
B 1 45  VAL 45  117 117 VAL VAL B . n 
B 1 46  LYS 46  118 118 LYS LYS B . n 
B 1 47  MET 47  119 119 MET MET B . n 
B 1 48  ASP 48  120 120 ASP ASP B . n 
B 1 49  GLN 49  121 121 GLN GLN B . n 
B 1 50  ALA 50  122 122 ALA ALA B . n 
B 1 51  ILE 51  123 123 ILE ILE B . n 
B 1 52  MET 52  124 124 MET MET B . n 
B 1 53  ASP 53  125 125 ASP ASP B . n 
B 1 54  LYS 54  126 126 LYS LYS B . n 
B 1 55  ARG 55  127 127 ARG ARG B . n 
B 1 56  ILE 56  128 128 ILE ILE B . n 
B 1 57  THR 57  129 129 THR THR B . n 
B 1 58  LEU 58  130 130 LEU LEU B . n 
B 1 59  LYS 59  131 131 LYS LYS B . n 
B 1 60  ALA 60  132 132 ALA ALA B . n 
B 1 61  ASN 61  133 133 ASN ASN B . n 
B 1 62  PHE 62  134 134 PHE PHE B . n 
B 1 63  SER 63  135 135 SER SER B . n 
B 1 64  VAL 64  136 136 VAL VAL B . n 
B 1 65  LEU 65  137 137 LEU LEU B . n 
B 1 66  PHE 66  138 138 PHE PHE B . n 
B 1 67  ASP 67  139 139 ASP ASP B . n 
B 1 68  GLN 68  140 140 GLN GLN B . n 
B 1 69  LEU 69  141 141 LEU LEU B . n 
B 1 70  GLU 70  142 142 GLU GLU B . n 
B 1 71  THR 71  143 143 THR THR B . n 
B 1 72  LEU 72  144 144 LEU LEU B . n 
B 1 73  VAL 73  145 145 VAL VAL B . n 
B 1 74  SER 74  146 146 SER SER B . n 
B 1 75  LEU 75  147 147 LEU LEU B . n 
B 1 76  ARG 76  148 148 ARG ARG B . n 
B 1 77  ALA 77  149 149 ALA ALA B . n 
B 1 78  PHE 78  150 150 PHE PHE B . n 
B 1 79  THR 79  151 151 THR THR B . n 
B 1 80  ASP 80  152 152 ASP ASP B . n 
B 1 81  ASP 81  153 153 ASP ASP B . n 
B 1 82  GLY 82  154 154 GLY GLY B . n 
B 1 83  ALA 83  155 155 ALA ALA B . n 
B 1 84  ILE 84  156 156 ILE ILE B . n 
B 1 85  VAL 85  157 157 VAL VAL B . n 
B 1 86  ALA 86  158 158 ALA ALA B . n 
B 1 87  GLU 87  159 159 GLU GLU B . n 
B 1 88  ILE 88  160 160 ILE ILE B . n 
B 1 89  SER 89  161 161 SER SER B . n 
B 1 90  PRO 90  162 162 PRO PRO B . n 
B 1 91  ILE 91  163 163 ILE ILE B . n 
B 1 92  PRO 92  164 164 PRO PRO B . n 
B 1 93  SER 93  165 165 SER SER B . n 
B 1 94  MET 94  166 166 MET MET B . n 
B 1 95  PRO 95  167 167 PRO PRO B . n 
B 1 96  GLY 96  168 168 GLY GLY B . n 
B 1 97  HIS 97  169 169 HIS HIS B . n 
B 1 98  SER 98  170 170 SER SER B . n 
B 1 99  THR 99  171 171 THR THR B . n 
B 1 100 GLU 100 172 172 GLU GLU B . n 
B 1 101 ASP 101 173 173 ASP ASP B . n 
B 1 102 VAL 102 174 174 VAL VAL B . n 
B 1 103 LYS 103 175 175 LYS LYS B . n 
B 1 104 ASN 104 176 176 ASN ASN B . n 
B 1 105 ALA 105 177 177 ALA ALA B . n 
B 1 106 ILE 106 178 178 ILE ILE B . n 
B 1 107 GLY 107 179 179 GLY GLY B . n 
B 1 108 ILE 108 180 180 ILE ILE B . n 
B 1 109 LEU 109 181 181 LEU LEU B . n 
B 1 110 ILE 110 182 182 ILE ILE B . n 
B 1 111 GLY 111 183 183 GLY GLY B . n 
B 1 112 GLY 112 184 184 GLY GLY B . n 
B 1 113 LEU 113 185 185 LEU LEU B . n 
B 1 114 GLU 114 186 186 GLU GLU B . n 
B 1 115 TRP 115 187 187 TRP TRP B . n 
B 1 116 ASN 116 188 188 ASN ASN B . n 
B 1 117 ASP 117 189 189 ASP ASP B . n 
B 1 118 ASN 118 190 190 ASN ASN B . n 
B 1 119 SER 119 191 191 SER SER B . n 
B 1 120 ILE 120 192 192 ILE ILE B . n 
B 1 121 ARG 121 193 193 ARG ARG B . n 
B 1 122 ALA 122 194 194 ALA ALA B . n 
B 1 123 SER 123 195 195 SER SER B . n 
B 1 124 GLU 124 196 196 GLU GLU B . n 
B 1 125 ASN 125 197 197 ASN ASN B . n 
B 1 126 ILE 126 198 198 ILE ILE B . n 
B 1 127 GLN 127 199 199 GLN GLN B . n 
B 1 128 ARG 128 200 200 ARG ARG B . n 
B 1 129 PHE 129 201 201 PHE PHE B . n 
B 1 130 ALA 130 202 202 ALA ALA B . n 
B 1 131 TRP 131 203 ?   ?   ?   B . n 
B 1 132 GLY 132 204 ?   ?   ?   B . n 
B 1 133 ILE 133 205 ?   ?   ?   B . n 
B 1 134 ARG 134 206 ?   ?   ?   B . n 
B 1 135 ASP 135 207 ?   ?   ?   B . n 
B 1 136 GLU 136 208 ?   ?   ?   B . n 
B 1 137 ASN 137 209 ?   ?   ?   B . n 
B 1 138 GLY 138 210 ?   ?   ?   B . n 
B 1 139 GLY 139 211 ?   ?   ?   B . n 
B 1 140 PRO 140 212 ?   ?   ?   B . n 
B 1 141 PRO 141 213 ?   ?   ?   B . n 
B 1 142 LEU 142 214 ?   ?   ?   B . n 
B 1 143 PRO 143 215 ?   ?   ?   B . n 
B 1 144 PRO 144 216 ?   ?   ?   B . n 
B 1 145 LYS 145 217 ?   ?   ?   B . n 
B 1 146 GLN 146 218 ?   ?   ?   B . n 
B 1 147 LYS 147 219 ?   ?   ?   B . n 
B 1 148 ARG 148 220 ?   ?   ?   B . n 
B 1 149 TYR 149 221 ?   ?   ?   B . n 
B 1 150 MET 150 222 ?   ?   ?   B . n 
B 1 151 ALA 151 223 ?   ?   ?   B . n 
B 1 152 ARG 152 224 ?   ?   ?   B . n 
B 1 153 ARG 153 225 ?   ?   ?   B . n 
B 1 154 VAL 154 226 ?   ?   ?   B . n 
B 1 155 GLU 155 227 ?   ?   ?   B . n 
B 1 156 SER 156 228 ?   ?   ?   B . n 
B 1 157 GLU 157 229 ?   ?   ?   B . n 
B 1 158 VAL 158 230 ?   ?   ?   B . n 
# 
loop_
_pdbx_nonpoly_scheme.asym_id 
_pdbx_nonpoly_scheme.entity_id 
_pdbx_nonpoly_scheme.mon_id 
_pdbx_nonpoly_scheme.ndb_seq_num 
_pdbx_nonpoly_scheme.pdb_seq_num 
_pdbx_nonpoly_scheme.auth_seq_num 
_pdbx_nonpoly_scheme.pdb_mon_id 
_pdbx_nonpoly_scheme.auth_mon_id 
_pdbx_nonpoly_scheme.pdb_strand_id 
_pdbx_nonpoly_scheme.pdb_ins_code 
C 2 HOH 1 1  1  HOH HOH A . 
C 2 HOH 2 2  2  HOH HOH A . 
C 2 HOH 3 3  3  HOH HOH A . 
C 2 HOH 4 5  5  HOH HOH A . 
C 2 HOH 5 9  9  HOH HOH A . 
C 2 HOH 6 10 10 HOH HOH A . 
C 2 HOH 7 13 13 HOH HOH A . 
C 2 HOH 8 14 14 HOH HOH A . 
C 2 HOH 9 16 16 HOH HOH A . 
D 2 HOH 1 4  4  HOH HOH B . 
D 2 HOH 2 6  6  HOH HOH B . 
D 2 HOH 3 7  7  HOH HOH B . 
D 2 HOH 4 8  8  HOH HOH B . 
D 2 HOH 5 11 11 HOH HOH B . 
D 2 HOH 6 12 12 HOH HOH B . 
D 2 HOH 7 15 15 HOH HOH B . 
# 
_pdbx_unobs_or_zero_occ_atoms.id               1 
_pdbx_unobs_or_zero_occ_atoms.PDB_model_num    1 
_pdbx_unobs_or_zero_occ_atoms.polymer_flag     Y 
_pdbx_unobs_or_zero_occ_atoms.occupancy_flag   0 
_pdbx_unobs_or_zero_occ_atoms.auth_asym_id     A 
_pdbx_unobs_or_zero_occ_atoms.auth_comp_id     ASP 
_pdbx_unobs_or_zero_occ_atoms.auth_seq_id      139 
_pdbx_unobs_or_zero_occ_atoms.PDB_ins_code     ? 
_pdbx_unobs_or_zero_occ_atoms.auth_atom_id     OD2 
_pdbx_unobs_or_zero_occ_atoms.label_alt_id     ? 
_pdbx_unobs_or_zero_occ_atoms.label_asym_id    A 
_pdbx_unobs_or_zero_occ_atoms.label_comp_id    ASP 
_pdbx_unobs_or_zero_occ_atoms.label_seq_id     67 
_pdbx_unobs_or_zero_occ_atoms.label_atom_id    OD2 
# 
_software.name             PHENIX 
_software.classification   refinement 
_software.version          '(phenix.refine: 1.6_289)' 
_software.citation_id      ? 
_software.pdbx_ordinal     1 
# 
_cell.entry_id           3OA9 
_cell.length_a           47.956 
_cell.length_b           47.956 
_cell.length_c           231.535 
_cell.angle_alpha        90.00 
_cell.angle_beta         90.00 
_cell.angle_gamma        120.00 
_cell.Z_PDB              12 
_cell.pdbx_unique_axis   ? 
_cell.length_a_esd       ? 
_cell.length_b_esd       ? 
_cell.length_c_esd       ? 
_cell.angle_alpha_esd    ? 
_cell.angle_beta_esd     ? 
_cell.angle_gamma_esd    ? 
# 
_symmetry.entry_id                         3OA9 
_symmetry.space_group_name_H-M             'P 61' 
_symmetry.pdbx_full_space_group_name_H-M   ? 
_symmetry.cell_setting                     ? 
_symmetry.Int_Tables_number                169 
_symmetry.space_group_name_Hall            ? 
# 
_exptl.entry_id          3OA9 
_exptl.method            'X-RAY DIFFRACTION' 
_exptl.crystals_number   ? 
# 
_exptl_crystal.id                    1 
_exptl_crystal.density_meas          ? 
_exptl_crystal.density_Matthews      2.16 
_exptl_crystal.density_percent_sol   43.17 
_exptl_crystal.description           ? 
_exptl_crystal.F_000                 ? 
_exptl_crystal.preparation           ? 
# 
_diffrn.id                     1 
_diffrn.ambient_temp           ? 
_diffrn.ambient_temp_details   ? 
_diffrn.crystal_id             1 
# 
_diffrn_radiation.diffrn_id                        1 
_diffrn_radiation.wavelength_id                    1 
_diffrn_radiation.pdbx_monochromatic_or_laue_m_l   M 
_diffrn_radiation.monochromator                    ? 
_diffrn_radiation.pdbx_diffrn_protocol             'SINGLE WAVELENGTH' 
_diffrn_radiation.pdbx_scattering_type             x-ray 
# 
_diffrn_radiation_wavelength.id           1 
_diffrn_radiation_wavelength.wavelength   . 
_diffrn_radiation_wavelength.wt           1.0 
# 
_diffrn_source.diffrn_id                   1 
_diffrn_source.source                      'ROTATING ANODE' 
_diffrn_source.type                        RIGAKU 
_diffrn_source.pdbx_synchrotron_site       ? 
_diffrn_source.pdbx_synchrotron_beamline   ? 
_diffrn_source.pdbx_wavelength             ? 
_diffrn_source.pdbx_wavelength_list        ? 
# 
_reflns.entry_id                     3OA9 
_reflns.observed_criterion_sigma_I   ? 
_reflns.observed_criterion_sigma_F   ? 
_reflns.d_resolution_low             28.270 
_reflns.d_resolution_high            2.9 
_reflns.number_obs                   6633 
_reflns.number_all                   ? 
_reflns.percent_possible_obs         ? 
_reflns.pdbx_Rmerge_I_obs            ? 
_reflns.pdbx_Rsym_value              ? 
_reflns.pdbx_netI_over_sigmaI        ? 
_reflns.B_iso_Wilson_estimate        ? 
_reflns.pdbx_redundancy              ? 
_reflns.R_free_details               ? 
_reflns.limit_h_max                  ? 
_reflns.limit_h_min                  ? 
_reflns.limit_k_max                  ? 
_reflns.limit_k_min                  ? 
_reflns.limit_l_max                  ? 
_reflns.limit_l_min                  ? 
_reflns.observed_criterion_F_max     ? 
_reflns.observed_criterion_F_min     ? 
_reflns.pdbx_chi_squared             ? 
_reflns.pdbx_scaling_rejects         ? 
_reflns.pdbx_ordinal                 1 
_reflns.pdbx_diffrn_id               1 
# 
_refine.entry_id                                 3OA9 
_refine.ls_number_reflns_obs                     6633 
_refine.ls_number_reflns_all                     ? 
_refine.pdbx_ls_sigma_I                          ? 
_refine.pdbx_ls_sigma_F                          1.92 
_refine.pdbx_data_cutoff_high_absF               ? 
_refine.pdbx_data_cutoff_low_absF                ? 
_refine.pdbx_data_cutoff_high_rms_absF           ? 
_refine.ls_d_res_low                             28.270 
_refine.ls_d_res_high                            2.9 
_refine.ls_percent_reflns_obs                    99.22 
_refine.ls_R_factor_obs                          0.2252 
_refine.ls_R_factor_all                          ? 
_refine.ls_R_factor_R_work                       0.2200 
_refine.ls_R_factor_R_free                       0.3381 
_refine.ls_R_factor_R_free_error                 ? 
_refine.ls_R_factor_R_free_error_details         ? 
_refine.ls_percent_reflns_R_free                 4.75 
_refine.ls_number_reflns_R_free                  315 
_refine.ls_number_parameters                     ? 
_refine.ls_number_restraints                     ? 
_refine.occupancy_min                            ? 
_refine.occupancy_max                            ? 
_refine.correlation_coeff_Fo_to_Fc               ? 
_refine.correlation_coeff_Fo_to_Fc_free          ? 
_refine.B_iso_mean                               ? 
_refine.aniso_B[1][1]                            5.7436 
_refine.aniso_B[2][2]                            5.7436 
_refine.aniso_B[3][3]                            -11.4872 
_refine.aniso_B[1][2]                            -0.0000 
_refine.aniso_B[1][3]                            -0.0000 
_refine.aniso_B[2][3]                            0.0000 
_refine.solvent_model_details                    'FLAT BULK SOLVENT MODEL' 
_refine.solvent_model_param_ksol                 0.296 
_refine.solvent_model_param_bsol                 32.763 
_refine.pdbx_solvent_vdw_probe_radii             1.11 
_refine.pdbx_solvent_ion_probe_radii             ? 
_refine.pdbx_solvent_shrinkage_radii             0.90 
_refine.pdbx_ls_cross_valid_method               ? 
_refine.details                                  ? 
_refine.pdbx_starting_model                      ? 
_refine.pdbx_method_to_determine_struct          'MOLECULAR REPLACEMENT' 
_refine.pdbx_isotropic_thermal_model             ? 
_refine.pdbx_stereochemistry_target_values       ML 
_refine.pdbx_stereochem_target_val_spec_case     ? 
_refine.pdbx_R_Free_selection_details            ? 
_refine.pdbx_overall_ESU_R_Free                  ? 
_refine.overall_SU_ML                            0.59 
_refine.overall_SU_B                             ? 
_refine.overall_SU_R_Cruickshank_DPI             ? 
_refine.ls_redundancy_reflns_obs                 ? 
_refine.B_iso_min                                ? 
_refine.B_iso_max                                ? 
_refine.overall_SU_R_free                        ? 
_refine.ls_wR_factor_R_free                      ? 
_refine.ls_wR_factor_R_work                      ? 
_refine.overall_FOM_free_R_set                   ? 
_refine.overall_FOM_work_R_set                   ? 
_refine.pdbx_overall_phase_error                 ? 
_refine.pdbx_refine_id                           'X-RAY DIFFRACTION' 
_refine.pdbx_overall_ESU_R                       ? 
_refine.pdbx_diffrn_id                           1 
_refine.pdbx_TLS_residual_ADP_flag               ? 
_refine.pdbx_overall_SU_R_free_Cruickshank_DPI   ? 
_refine.pdbx_overall_SU_R_Blow_DPI               ? 
_refine.pdbx_overall_SU_R_free_Blow_DPI          ? 
# 
_refine_hist.pdbx_refine_id                   'X-RAY DIFFRACTION' 
_refine_hist.cycle_id                         LAST 
_refine_hist.pdbx_number_atoms_protein        1792 
_refine_hist.pdbx_number_atoms_nucleic_acid   0 
_refine_hist.pdbx_number_atoms_ligand         0 
_refine_hist.number_atoms_solvent             16 
_refine_hist.number_atoms_total               1808 
_refine_hist.d_res_high                       2.9 
_refine_hist.d_res_low                        28.270 
# 
loop_
_refine_ls_restr.type 
_refine_ls_restr.dev_ideal 
_refine_ls_restr.dev_ideal_target 
_refine_ls_restr.weight 
_refine_ls_restr.number 
_refine_ls_restr.pdbx_refine_id 
_refine_ls_restr.pdbx_restraint_function 
f_bond_d           0.010  ? ? 1820 'X-RAY DIFFRACTION' ? 
f_angle_d          1.344  ? ? 2456 'X-RAY DIFFRACTION' ? 
f_dihedral_angle_d 17.939 ? ? 684  'X-RAY DIFFRACTION' ? 
f_chiral_restr     0.077  ? ? 282  'X-RAY DIFFRACTION' ? 
f_plane_restr      0.005  ? ? 314  'X-RAY DIFFRACTION' ? 
# 
loop_
_refine_ls_shell.pdbx_total_number_of_bins_used 
_refine_ls_shell.d_res_high 
_refine_ls_shell.d_res_low 
_refine_ls_shell.number_reflns_R_work 
_refine_ls_shell.R_factor_R_work 
_refine_ls_shell.percent_reflns_obs 
_refine_ls_shell.R_factor_R_free 
_refine_ls_shell.R_factor_R_free_error 
_refine_ls_shell.percent_reflns_R_free 
_refine_ls_shell.number_reflns_R_free 
_refine_ls_shell.number_reflns_all 
_refine_ls_shell.R_factor_all 
_refine_ls_shell.number_reflns_obs 
_refine_ls_shell.redundancy_reflns_obs 
_refine_ls_shell.pdbx_refine_id 
. 2.9    3.6504  3146 0.2653 99.00  0.3991 . . 153 . . . . 'X-RAY DIFFRACTION' 
. 3.6504 28.2709 3172 0.1955 100.00 0.3048 . . 162 . . . . 'X-RAY DIFFRACTION' 
# 
_struct.entry_id                  3OA9 
_struct.title                     'Effector domain of influenza A/Duck/Albany/76 NS1' 
_struct.pdbx_model_details        ? 
_struct.pdbx_CASP_flag            ? 
_struct.pdbx_model_type_details   ? 
# 
_struct_keywords.entry_id        3OA9 
_struct_keywords.pdbx_keywords   'VIRAL PROTEIN' 
_struct_keywords.text            'Viral Protein' 
# 
loop_
_struct_asym.id 
_struct_asym.pdbx_blank_PDB_chainid_flag 
_struct_asym.pdbx_modified 
_struct_asym.entity_id 
_struct_asym.details 
A N N 1 ? 
B N N 1 ? 
C N N 2 ? 
D N N 2 ? 
# 
_struct_ref.id                         1 
_struct_ref.db_name                    UNP 
_struct_ref.db_code                    NS1_I76A2 
_struct_ref.pdbx_db_accession          P69270 
_struct_ref.entity_id                  1 
_struct_ref.pdbx_seq_one_letter_code   
;TDENLKIAIASSPAPRYITDMSIEEISREWYMLMPRQKITGGLMVKMDQAIMDKRITLKANFSVLFDQLETLVSLRAFTD
DGAIVAEISPIPSMPGHSTEDVKNAIGILIGGLEWNDNSIRASENIQRFAWGIRDENGGPPLPPKQKRYMARRVESEV
;
_struct_ref.pdbx_align_begin           73 
_struct_ref.pdbx_db_isoform            ? 
# 
loop_
_struct_ref_seq.align_id 
_struct_ref_seq.ref_id 
_struct_ref_seq.pdbx_PDB_id_code 
_struct_ref_seq.pdbx_strand_id 
_struct_ref_seq.seq_align_beg 
_struct_ref_seq.pdbx_seq_align_beg_ins_code 
_struct_ref_seq.seq_align_end 
_struct_ref_seq.pdbx_seq_align_end_ins_code 
_struct_ref_seq.pdbx_db_accession 
_struct_ref_seq.db_align_beg 
_struct_ref_seq.pdbx_db_align_beg_ins_code 
_struct_ref_seq.db_align_end 
_struct_ref_seq.pdbx_db_align_end_ins_code 
_struct_ref_seq.pdbx_auth_seq_align_beg 
_struct_ref_seq.pdbx_auth_seq_align_end 
1 1 3OA9 A 1 ? 158 ? P69270 73 ? 230 ? 73 230 
2 1 3OA9 B 1 ? 158 ? P69270 73 ? 230 ? 73 230 
# 
_pdbx_struct_assembly.id                   1 
_pdbx_struct_assembly.details              author_defined_assembly 
_pdbx_struct_assembly.method_details       ? 
_pdbx_struct_assembly.oligomeric_details   dimeric 
_pdbx_struct_assembly.oligomeric_count     2 
# 
_pdbx_struct_assembly_gen.assembly_id       1 
_pdbx_struct_assembly_gen.oper_expression   1 
_pdbx_struct_assembly_gen.asym_id_list      A,B,C,D 
# 
_pdbx_struct_oper_list.id                   1 
_pdbx_struct_oper_list.type                 'identity operation' 
_pdbx_struct_oper_list.name                 1_555 
_pdbx_struct_oper_list.symmetry_operation   x,y,z 
_pdbx_struct_oper_list.matrix[1][1]         1.0000000000 
_pdbx_struct_oper_list.matrix[1][2]         0.0000000000 
_pdbx_struct_oper_list.matrix[1][3]         0.0000000000 
_pdbx_struct_oper_list.vector[1]            0.0000000000 
_pdbx_struct_oper_list.matrix[2][1]         0.0000000000 
_pdbx_struct_oper_list.matrix[2][2]         1.0000000000 
_pdbx_struct_oper_list.matrix[2][3]         0.0000000000 
_pdbx_struct_oper_list.vector[2]            0.0000000000 
_pdbx_struct_oper_list.matrix[3][1]         0.0000000000 
_pdbx_struct_oper_list.matrix[3][2]         0.0000000000 
_pdbx_struct_oper_list.matrix[3][3]         1.0000000000 
_pdbx_struct_oper_list.vector[3]            0.0000000000 
# 
_struct_biol.id        1 
_struct_biol.details   ? 
# 
loop_
_struct_conf.conf_type_id 
_struct_conf.id 
_struct_conf.pdbx_PDB_helix_id 
_struct_conf.beg_label_comp_id 
_struct_conf.beg_label_asym_id 
_struct_conf.beg_label_seq_id 
_struct_conf.pdbx_beg_PDB_ins_code 
_struct_conf.end_label_comp_id 
_struct_conf.end_label_asym_id 
_struct_conf.end_label_seq_id 
_struct_conf.pdbx_end_PDB_ins_code 
_struct_conf.beg_auth_comp_id 
_struct_conf.beg_auth_asym_id 
_struct_conf.beg_auth_seq_id 
_struct_conf.end_auth_comp_id 
_struct_conf.end_auth_asym_id 
_struct_conf.end_auth_seq_id 
_struct_conf.pdbx_PDB_helix_class 
_struct_conf.details 
_struct_conf.pdbx_PDB_helix_length 
HELX_P HELX_P1 1 SER A 22  ? ARG A 28  ? SER A 94  ARG A 100 1 ? 7  
HELX_P HELX_P2 2 SER A 98  ? GLU A 114 ? SER A 170 GLU A 186 1 ? 17 
HELX_P HELX_P3 3 TRP A 115 ? ASP A 117 ? TRP A 187 ASP A 189 5 ? 3  
HELX_P HELX_P4 4 SER A 123 ? ALA A 130 ? SER A 195 ALA A 202 1 ? 8  
HELX_P HELX_P5 5 THR B 99  ? GLU B 114 ? THR B 171 GLU B 186 1 ? 16 
HELX_P HELX_P6 6 TRP B 115 ? ASP B 117 ? TRP B 187 ASP B 189 5 ? 3  
HELX_P HELX_P7 7 SER B 123 ? PHE B 129 ? SER B 195 PHE B 201 1 ? 7  
# 
_struct_conf_type.id          HELX_P 
_struct_conf_type.criteria    ? 
_struct_conf_type.reference   ? 
# 
loop_
_struct_sheet.id 
_struct_sheet.type 
_struct_sheet.number_strands 
_struct_sheet.details 
A ? 6 ? 
B ? 3 ? 
C ? 6 ? 
# 
loop_
_struct_sheet_order.sheet_id 
_struct_sheet_order.range_id_1 
_struct_sheet_order.range_id_2 
_struct_sheet_order.offset 
_struct_sheet_order.sense 
A 1 2 ? anti-parallel 
A 2 3 ? anti-parallel 
A 3 4 ? anti-parallel 
A 4 5 ? anti-parallel 
A 5 6 ? anti-parallel 
B 1 2 ? anti-parallel 
B 2 3 ? parallel      
C 1 2 ? anti-parallel 
C 2 3 ? anti-parallel 
C 3 4 ? anti-parallel 
C 4 5 ? anti-parallel 
C 5 6 ? parallel      
# 
loop_
_struct_sheet_range.sheet_id 
_struct_sheet_range.id 
_struct_sheet_range.beg_label_comp_id 
_struct_sheet_range.beg_label_asym_id 
_struct_sheet_range.beg_label_seq_id 
_struct_sheet_range.pdbx_beg_PDB_ins_code 
_struct_sheet_range.end_label_comp_id 
_struct_sheet_range.end_label_asym_id 
_struct_sheet_range.end_label_seq_id 
_struct_sheet_range.pdbx_end_PDB_ins_code 
_struct_sheet_range.beg_auth_comp_id 
_struct_sheet_range.beg_auth_asym_id 
_struct_sheet_range.beg_auth_seq_id 
_struct_sheet_range.end_auth_comp_id 
_struct_sheet_range.end_auth_asym_id 
_struct_sheet_range.end_auth_seq_id 
A 1 ILE A 18  ? THR A 19  ? ILE A 90  THR A 91  
A 2 ARG A 55  ? LEU A 65  ? ARG A 127 LEU A 137 
A 3 GLN A 68  ? THR A 79  ? GLN A 140 THR A 151 
A 4 ILE A 84  ? PRO A 90  ? ILE A 156 PRO A 162 
A 5 LEU A 43  ? ASP A 48  ? LEU A 115 ASP A 120 
A 6 PRO A 35  ? THR A 40  ? PRO A 107 THR A 112 
B 1 ILE A 18  ? THR A 19  ? ILE A 90  THR A 91  
B 2 ARG A 55  ? LEU A 65  ? ARG A 127 LEU A 137 
B 3 SER A 119 ? ALA A 122 ? SER A 191 ALA A 194 
C 1 GLN B 37  ? THR B 40  ? GLN B 109 THR B 112 
C 2 LEU B 43  ? MET B 47  ? LEU B 115 MET B 119 
C 3 ILE B 84  ? PRO B 90  ? ILE B 156 PRO B 162 
C 4 LEU B 69  ? PHE B 78  ? LEU B 141 PHE B 150 
C 5 ARG B 55  ? VAL B 64  ? ARG B 127 VAL B 136 
C 6 SER B 119 ? ALA B 122 ? SER B 191 ALA B 194 
# 
loop_
_pdbx_struct_sheet_hbond.sheet_id 
_pdbx_struct_sheet_hbond.range_id_1 
_pdbx_struct_sheet_hbond.range_id_2 
_pdbx_struct_sheet_hbond.range_1_label_atom_id 
_pdbx_struct_sheet_hbond.range_1_label_comp_id 
_pdbx_struct_sheet_hbond.range_1_label_asym_id 
_pdbx_struct_sheet_hbond.range_1_label_seq_id 
_pdbx_struct_sheet_hbond.range_1_PDB_ins_code 
_pdbx_struct_sheet_hbond.range_1_auth_atom_id 
_pdbx_struct_sheet_hbond.range_1_auth_comp_id 
_pdbx_struct_sheet_hbond.range_1_auth_asym_id 
_pdbx_struct_sheet_hbond.range_1_auth_seq_id 
_pdbx_struct_sheet_hbond.range_2_label_atom_id 
_pdbx_struct_sheet_hbond.range_2_label_comp_id 
_pdbx_struct_sheet_hbond.range_2_label_asym_id 
_pdbx_struct_sheet_hbond.range_2_label_seq_id 
_pdbx_struct_sheet_hbond.range_2_PDB_ins_code 
_pdbx_struct_sheet_hbond.range_2_auth_atom_id 
_pdbx_struct_sheet_hbond.range_2_auth_comp_id 
_pdbx_struct_sheet_hbond.range_2_auth_asym_id 
_pdbx_struct_sheet_hbond.range_2_auth_seq_id 
A 1 2 N ILE A 18 ? N ILE A 90  O PHE A 62  ? O PHE A 134 
A 2 3 N SER A 63 ? N SER A 135 O GLU A 70  ? O GLU A 142 
A 3 4 N LEU A 75 ? N LEU A 147 O ILE A 88  ? O ILE A 160 
A 4 5 O SER A 89 ? O SER A 161 N MET A 44  ? N MET A 116 
A 5 6 O MET A 47 ? O MET A 119 N ARG A 36  ? N ARG A 108 
B 1 2 N ILE A 18 ? N ILE A 90  O PHE A 62  ? O PHE A 134 
B 2 3 N ILE A 56 ? N ILE A 128 O SER A 119 ? O SER A 191 
C 1 2 N THR B 40 ? N THR B 112 O LEU B 43  ? O LEU B 115 
C 2 3 N MET B 44 ? N MET B 116 O SER B 89  ? O SER B 161 
C 3 4 O VAL B 85 ? O VAL B 157 N ALA B 77  ? N ALA B 149 
C 4 5 O PHE B 78 ? O PHE B 150 N THR B 57  ? N THR B 129 
C 5 6 N ILE B 56 ? N ILE B 128 O ARG B 121 ? O ARG B 193 
# 
_pdbx_validate_close_contact.id               1 
_pdbx_validate_close_contact.PDB_model_num    1 
_pdbx_validate_close_contact.auth_atom_id_1   OG1 
_pdbx_validate_close_contact.auth_asym_id_1   B 
_pdbx_validate_close_contact.auth_comp_id_1   THR 
_pdbx_validate_close_contact.auth_seq_id_1    151 
_pdbx_validate_close_contact.PDB_ins_code_1   ? 
_pdbx_validate_close_contact.label_alt_id_1   ? 
_pdbx_validate_close_contact.auth_atom_id_2   OD1 
_pdbx_validate_close_contact.auth_asym_id_2   B 
_pdbx_validate_close_contact.auth_comp_id_2   ASP 
_pdbx_validate_close_contact.auth_seq_id_2    153 
_pdbx_validate_close_contact.PDB_ins_code_2   ? 
_pdbx_validate_close_contact.label_alt_id_2   ? 
_pdbx_validate_close_contact.dist             2.13 
# 
loop_
_pdbx_validate_torsion.id 
_pdbx_validate_torsion.PDB_model_num 
_pdbx_validate_torsion.auth_comp_id 
_pdbx_validate_torsion.auth_asym_id 
_pdbx_validate_torsion.auth_seq_id 
_pdbx_validate_torsion.PDB_ins_code 
_pdbx_validate_torsion.label_alt_id 
_pdbx_validate_torsion.phi 
_pdbx_validate_torsion.psi 
1 1 MET A 106 ? ? -119.66 71.82   
2 1 PHE A 138 ? ? 50.76   -139.31 
3 1 GLU A 142 ? ? -124.11 -53.14  
4 1 GLU A 186 ? ? -54.70  -8.72   
5 1 GLN B 140 ? ? -171.65 147.79  
6 1 GLU B 142 ? ? -120.29 -54.04  
# 
loop_
_pdbx_unobs_or_zero_occ_residues.id 
_pdbx_unobs_or_zero_occ_residues.PDB_model_num 
_pdbx_unobs_or_zero_occ_residues.polymer_flag 
_pdbx_unobs_or_zero_occ_residues.occupancy_flag 
_pdbx_unobs_or_zero_occ_residues.auth_asym_id 
_pdbx_unobs_or_zero_occ_residues.auth_comp_id 
_pdbx_unobs_or_zero_occ_residues.auth_seq_id 
_pdbx_unobs_or_zero_occ_residues.PDB_ins_code 
_pdbx_unobs_or_zero_occ_residues.label_asym_id 
_pdbx_unobs_or_zero_occ_residues.label_comp_id 
_pdbx_unobs_or_zero_occ_residues.label_seq_id 
1  1 Y 1 A THR 73  ? A THR 1   
2  1 Y 1 A ASP 74  ? A ASP 2   
3  1 Y 1 A GLU 75  ? A GLU 3   
4  1 Y 1 A ASN 76  ? A ASN 4   
5  1 Y 1 A LEU 77  ? A LEU 5   
6  1 Y 1 A LYS 78  ? A LYS 6   
7  1 Y 1 A ILE 79  ? A ILE 7   
8  1 Y 1 A ALA 80  ? A ALA 8   
9  1 Y 1 A ILE 81  ? A ILE 9   
10 1 Y 1 A ALA 82  ? A ALA 10  
11 1 Y 1 A SER 83  ? A SER 11  
12 1 Y 1 A SER 84  ? A SER 12  
13 1 Y 1 A PRO 85  ? A PRO 13  
14 1 Y 1 A ALA 86  ? A ALA 14  
15 1 Y 1 A PRO 87  ? A PRO 15  
16 1 Y 1 A ARG 88  ? A ARG 16  
17 1 Y 1 A TRP 203 ? A TRP 131 
18 1 Y 1 A GLY 204 ? A GLY 132 
19 1 Y 1 A ILE 205 ? A ILE 133 
20 1 Y 1 A ARG 206 ? A ARG 134 
21 1 Y 1 A ASP 207 ? A ASP 135 
22 1 Y 1 A GLU 208 ? A GLU 136 
23 1 Y 1 A ASN 209 ? A ASN 137 
24 1 Y 1 A GLY 210 ? A GLY 138 
25 1 Y 1 A GLY 211 ? A GLY 139 
26 1 Y 1 A PRO 212 ? A PRO 140 
27 1 Y 1 A PRO 213 ? A PRO 141 
28 1 Y 1 A LEU 214 ? A LEU 142 
29 1 Y 1 A PRO 215 ? A PRO 143 
30 1 Y 1 A PRO 216 ? A PRO 144 
31 1 Y 1 A LYS 217 ? A LYS 145 
32 1 Y 1 A GLN 218 ? A GLN 146 
33 1 Y 1 A LYS 219 ? A LYS 147 
34 1 Y 1 A ARG 220 ? A ARG 148 
35 1 Y 1 A TYR 221 ? A TYR 149 
36 1 Y 1 A MET 222 ? A MET 150 
37 1 Y 1 A ALA 223 ? A ALA 151 
38 1 Y 1 A ARG 224 ? A ARG 152 
39 1 Y 1 A ARG 225 ? A ARG 153 
40 1 Y 1 A VAL 226 ? A VAL 154 
41 1 Y 1 A GLU 227 ? A GLU 155 
42 1 Y 1 A SER 228 ? A SER 156 
43 1 Y 1 A GLU 229 ? A GLU 157 
44 1 Y 1 A VAL 230 ? A VAL 158 
45 1 Y 1 B THR 73  ? B THR 1   
46 1 Y 1 B ASP 74  ? B ASP 2   
47 1 Y 1 B GLU 75  ? B GLU 3   
48 1 Y 1 B ASN 76  ? B ASN 4   
49 1 Y 1 B LEU 77  ? B LEU 5   
50 1 Y 1 B LYS 78  ? B LYS 6   
51 1 Y 1 B ILE 79  ? B ILE 7   
52 1 Y 1 B ALA 80  ? B ALA 8   
53 1 Y 1 B ILE 81  ? B ILE 9   
54 1 Y 1 B ALA 82  ? B ALA 10  
55 1 Y 1 B SER 83  ? B SER 11  
56 1 Y 1 B SER 84  ? B SER 12  
57 1 Y 1 B PRO 85  ? B PRO 13  
58 1 Y 1 B ALA 86  ? B ALA 14  
59 1 Y 1 B PRO 87  ? B PRO 15  
60 1 Y 1 B ARG 88  ? B ARG 16  
61 1 Y 1 B TRP 203 ? B TRP 131 
62 1 Y 1 B GLY 204 ? B GLY 132 
63 1 Y 1 B ILE 205 ? B ILE 133 
64 1 Y 1 B ARG 206 ? B ARG 134 
65 1 Y 1 B ASP 207 ? B ASP 135 
66 1 Y 1 B GLU 208 ? B GLU 136 
67 1 Y 1 B ASN 209 ? B ASN 137 
68 1 Y 1 B GLY 210 ? B GLY 138 
69 1 Y 1 B GLY 211 ? B GLY 139 
70 1 Y 1 B PRO 212 ? B PRO 140 
71 1 Y 1 B PRO 213 ? B PRO 141 
72 1 Y 1 B LEU 214 ? B LEU 142 
73 1 Y 1 B PRO 215 ? B PRO 143 
74 1 Y 1 B PRO 216 ? B PRO 144 
75 1 Y 1 B LYS 217 ? B LYS 145 
76 1 Y 1 B GLN 218 ? B GLN 146 
77 1 Y 1 B LYS 219 ? B LYS 147 
78 1 Y 1 B ARG 220 ? B ARG 148 
79 1 Y 1 B TYR 221 ? B TYR 149 
80 1 Y 1 B MET 222 ? B MET 150 
81 1 Y 1 B ALA 223 ? B ALA 151 
82 1 Y 1 B ARG 224 ? B ARG 152 
83 1 Y 1 B ARG 225 ? B ARG 153 
84 1 Y 1 B VAL 226 ? B VAL 154 
85 1 Y 1 B GLU 227 ? B GLU 155 
86 1 Y 1 B SER 228 ? B SER 156 
87 1 Y 1 B GLU 229 ? B GLU 157 
88 1 Y 1 B VAL 230 ? B VAL 158 
# 
loop_
_chem_comp_atom.comp_id 
_chem_comp_atom.atom_id 
_chem_comp_atom.type_symbol 
_chem_comp_atom.pdbx_aromatic_flag 
_chem_comp_atom.pdbx_stereo_config 
_chem_comp_atom.pdbx_ordinal 
ALA N    N N N 1   
ALA CA   C N S 2   
ALA C    C N N 3   
ALA O    O N N 4   
ALA CB   C N N 5   
ALA OXT  O N N 6   
ALA H    H N N 7   
ALA H2   H N N 8   
ALA HA   H N N 9   
ALA HB1  H N N 10  
ALA HB2  H N N 11  
ALA HB3  H N N 12  
ALA HXT  H N N 13  
ARG N    N N N 14  
ARG CA   C N S 15  
ARG C    C N N 16  
ARG O    O N N 17  
ARG CB   C N N 18  
ARG CG   C N N 19  
ARG CD   C N N 20  
ARG NE   N N N 21  
ARG CZ   C N N 22  
ARG NH1  N N N 23  
ARG NH2  N N N 24  
ARG OXT  O N N 25  
ARG H    H N N 26  
ARG H2   H N N 27  
ARG HA   H N N 28  
ARG HB2  H N N 29  
ARG HB3  H N N 30  
ARG HG2  H N N 31  
ARG HG3  H N N 32  
ARG HD2  H N N 33  
ARG HD3  H N N 34  
ARG HE   H N N 35  
ARG HH11 H N N 36  
ARG HH12 H N N 37  
ARG HH21 H N N 38  
ARG HH22 H N N 39  
ARG HXT  H N N 40  
ASN N    N N N 41  
ASN CA   C N S 42  
ASN C    C N N 43  
ASN O    O N N 44  
ASN CB   C N N 45  
ASN CG   C N N 46  
ASN OD1  O N N 47  
ASN ND2  N N N 48  
ASN OXT  O N N 49  
ASN H    H N N 50  
ASN H2   H N N 51  
ASN HA   H N N 52  
ASN HB2  H N N 53  
ASN HB3  H N N 54  
ASN HD21 H N N 55  
ASN HD22 H N N 56  
ASN HXT  H N N 57  
ASP N    N N N 58  
ASP CA   C N S 59  
ASP C    C N N 60  
ASP O    O N N 61  
ASP CB   C N N 62  
ASP CG   C N N 63  
ASP OD1  O N N 64  
ASP OD2  O N N 65  
ASP OXT  O N N 66  
ASP H    H N N 67  
ASP H2   H N N 68  
ASP HA   H N N 69  
ASP HB2  H N N 70  
ASP HB3  H N N 71  
ASP HD2  H N N 72  
ASP HXT  H N N 73  
GLN N    N N N 74  
GLN CA   C N S 75  
GLN C    C N N 76  
GLN O    O N N 77  
GLN CB   C N N 78  
GLN CG   C N N 79  
GLN CD   C N N 80  
GLN OE1  O N N 81  
GLN NE2  N N N 82  
GLN OXT  O N N 83  
GLN H    H N N 84  
GLN H2   H N N 85  
GLN HA   H N N 86  
GLN HB2  H N N 87  
GLN HB3  H N N 88  
GLN HG2  H N N 89  
GLN HG3  H N N 90  
GLN HE21 H N N 91  
GLN HE22 H N N 92  
GLN HXT  H N N 93  
GLU N    N N N 94  
GLU CA   C N S 95  
GLU C    C N N 96  
GLU O    O N N 97  
GLU CB   C N N 98  
GLU CG   C N N 99  
GLU CD   C N N 100 
GLU OE1  O N N 101 
GLU OE2  O N N 102 
GLU OXT  O N N 103 
GLU H    H N N 104 
GLU H2   H N N 105 
GLU HA   H N N 106 
GLU HB2  H N N 107 
GLU HB3  H N N 108 
GLU HG2  H N N 109 
GLU HG3  H N N 110 
GLU HE2  H N N 111 
GLU HXT  H N N 112 
GLY N    N N N 113 
GLY CA   C N N 114 
GLY C    C N N 115 
GLY O    O N N 116 
GLY OXT  O N N 117 
GLY H    H N N 118 
GLY H2   H N N 119 
GLY HA2  H N N 120 
GLY HA3  H N N 121 
GLY HXT  H N N 122 
HIS N    N N N 123 
HIS CA   C N S 124 
HIS C    C N N 125 
HIS O    O N N 126 
HIS CB   C N N 127 
HIS CG   C Y N 128 
HIS ND1  N Y N 129 
HIS CD2  C Y N 130 
HIS CE1  C Y N 131 
HIS NE2  N Y N 132 
HIS OXT  O N N 133 
HIS H    H N N 134 
HIS H2   H N N 135 
HIS HA   H N N 136 
HIS HB2  H N N 137 
HIS HB3  H N N 138 
HIS HD1  H N N 139 
HIS HD2  H N N 140 
HIS HE1  H N N 141 
HIS HE2  H N N 142 
HIS HXT  H N N 143 
HOH O    O N N 144 
HOH H1   H N N 145 
HOH H2   H N N 146 
ILE N    N N N 147 
ILE CA   C N S 148 
ILE C    C N N 149 
ILE O    O N N 150 
ILE CB   C N S 151 
ILE CG1  C N N 152 
ILE CG2  C N N 153 
ILE CD1  C N N 154 
ILE OXT  O N N 155 
ILE H    H N N 156 
ILE H2   H N N 157 
ILE HA   H N N 158 
ILE HB   H N N 159 
ILE HG12 H N N 160 
ILE HG13 H N N 161 
ILE HG21 H N N 162 
ILE HG22 H N N 163 
ILE HG23 H N N 164 
ILE HD11 H N N 165 
ILE HD12 H N N 166 
ILE HD13 H N N 167 
ILE HXT  H N N 168 
LEU N    N N N 169 
LEU CA   C N S 170 
LEU C    C N N 171 
LEU O    O N N 172 
LEU CB   C N N 173 
LEU CG   C N N 174 
LEU CD1  C N N 175 
LEU CD2  C N N 176 
LEU OXT  O N N 177 
LEU H    H N N 178 
LEU H2   H N N 179 
LEU HA   H N N 180 
LEU HB2  H N N 181 
LEU HB3  H N N 182 
LEU HG   H N N 183 
LEU HD11 H N N 184 
LEU HD12 H N N 185 
LEU HD13 H N N 186 
LEU HD21 H N N 187 
LEU HD22 H N N 188 
LEU HD23 H N N 189 
LEU HXT  H N N 190 
LYS N    N N N 191 
LYS CA   C N S 192 
LYS C    C N N 193 
LYS O    O N N 194 
LYS CB   C N N 195 
LYS CG   C N N 196 
LYS CD   C N N 197 
LYS CE   C N N 198 
LYS NZ   N N N 199 
LYS OXT  O N N 200 
LYS H    H N N 201 
LYS H2   H N N 202 
LYS HA   H N N 203 
LYS HB2  H N N 204 
LYS HB3  H N N 205 
LYS HG2  H N N 206 
LYS HG3  H N N 207 
LYS HD2  H N N 208 
LYS HD3  H N N 209 
LYS HE2  H N N 210 
LYS HE3  H N N 211 
LYS HZ1  H N N 212 
LYS HZ2  H N N 213 
LYS HZ3  H N N 214 
LYS HXT  H N N 215 
MET N    N N N 216 
MET CA   C N S 217 
MET C    C N N 218 
MET O    O N N 219 
MET CB   C N N 220 
MET CG   C N N 221 
MET SD   S N N 222 
MET CE   C N N 223 
MET OXT  O N N 224 
MET H    H N N 225 
MET H2   H N N 226 
MET HA   H N N 227 
MET HB2  H N N 228 
MET HB3  H N N 229 
MET HG2  H N N 230 
MET HG3  H N N 231 
MET HE1  H N N 232 
MET HE2  H N N 233 
MET HE3  H N N 234 
MET HXT  H N N 235 
PHE N    N N N 236 
PHE CA   C N S 237 
PHE C    C N N 238 
PHE O    O N N 239 
PHE CB   C N N 240 
PHE CG   C Y N 241 
PHE CD1  C Y N 242 
PHE CD2  C Y N 243 
PHE CE1  C Y N 244 
PHE CE2  C Y N 245 
PHE CZ   C Y N 246 
PHE OXT  O N N 247 
PHE H    H N N 248 
PHE H2   H N N 249 
PHE HA   H N N 250 
PHE HB2  H N N 251 
PHE HB3  H N N 252 
PHE HD1  H N N 253 
PHE HD2  H N N 254 
PHE HE1  H N N 255 
PHE HE2  H N N 256 
PHE HZ   H N N 257 
PHE HXT  H N N 258 
PRO N    N N N 259 
PRO CA   C N S 260 
PRO C    C N N 261 
PRO O    O N N 262 
PRO CB   C N N 263 
PRO CG   C N N 264 
PRO CD   C N N 265 
PRO OXT  O N N 266 
PRO H    H N N 267 
PRO HA   H N N 268 
PRO HB2  H N N 269 
PRO HB3  H N N 270 
PRO HG2  H N N 271 
PRO HG3  H N N 272 
PRO HD2  H N N 273 
PRO HD3  H N N 274 
PRO HXT  H N N 275 
SER N    N N N 276 
SER CA   C N S 277 
SER C    C N N 278 
SER O    O N N 279 
SER CB   C N N 280 
SER OG   O N N 281 
SER OXT  O N N 282 
SER H    H N N 283 
SER H2   H N N 284 
SER HA   H N N 285 
SER HB2  H N N 286 
SER HB3  H N N 287 
SER HG   H N N 288 
SER HXT  H N N 289 
THR N    N N N 290 
THR CA   C N S 291 
THR C    C N N 292 
THR O    O N N 293 
THR CB   C N R 294 
THR OG1  O N N 295 
THR CG2  C N N 296 
THR OXT  O N N 297 
THR H    H N N 298 
THR H2   H N N 299 
THR HA   H N N 300 
THR HB   H N N 301 
THR HG1  H N N 302 
THR HG21 H N N 303 
THR HG22 H N N 304 
THR HG23 H N N 305 
THR HXT  H N N 306 
TRP N    N N N 307 
TRP CA   C N S 308 
TRP C    C N N 309 
TRP O    O N N 310 
TRP CB   C N N 311 
TRP CG   C Y N 312 
TRP CD1  C Y N 313 
TRP CD2  C Y N 314 
TRP NE1  N Y N 315 
TRP CE2  C Y N 316 
TRP CE3  C Y N 317 
TRP CZ2  C Y N 318 
TRP CZ3  C Y N 319 
TRP CH2  C Y N 320 
TRP OXT  O N N 321 
TRP H    H N N 322 
TRP H2   H N N 323 
TRP HA   H N N 324 
TRP HB2  H N N 325 
TRP HB3  H N N 326 
TRP HD1  H N N 327 
TRP HE1  H N N 328 
TRP HE3  H N N 329 
TRP HZ2  H N N 330 
TRP HZ3  H N N 331 
TRP HH2  H N N 332 
TRP HXT  H N N 333 
TYR N    N N N 334 
TYR CA   C N S 335 
TYR C    C N N 336 
TYR O    O N N 337 
TYR CB   C N N 338 
TYR CG   C Y N 339 
TYR CD1  C Y N 340 
TYR CD2  C Y N 341 
TYR CE1  C Y N 342 
TYR CE2  C Y N 343 
TYR CZ   C Y N 344 
TYR OH   O N N 345 
TYR OXT  O N N 346 
TYR H    H N N 347 
TYR H2   H N N 348 
TYR HA   H N N 349 
TYR HB2  H N N 350 
TYR HB3  H N N 351 
TYR HD1  H N N 352 
TYR HD2  H N N 353 
TYR HE1  H N N 354 
TYR HE2  H N N 355 
TYR HH   H N N 356 
TYR HXT  H N N 357 
VAL N    N N N 358 
VAL CA   C N S 359 
VAL C    C N N 360 
VAL O    O N N 361 
VAL CB   C N N 362 
VAL CG1  C N N 363 
VAL CG2  C N N 364 
VAL OXT  O N N 365 
VAL H    H N N 366 
VAL H2   H N N 367 
VAL HA   H N N 368 
VAL HB   H N N 369 
VAL HG11 H N N 370 
VAL HG12 H N N 371 
VAL HG13 H N N 372 
VAL HG21 H N N 373 
VAL HG22 H N N 374 
VAL HG23 H N N 375 
VAL HXT  H N N 376 
# 
loop_
_chem_comp_bond.comp_id 
_chem_comp_bond.atom_id_1 
_chem_comp_bond.atom_id_2 
_chem_comp_bond.value_order 
_chem_comp_bond.pdbx_aromatic_flag 
_chem_comp_bond.pdbx_stereo_config 
_chem_comp_bond.pdbx_ordinal 
ALA N   CA   sing N N 1   
ALA N   H    sing N N 2   
ALA N   H2   sing N N 3   
ALA CA  C    sing N N 4   
ALA CA  CB   sing N N 5   
ALA CA  HA   sing N N 6   
ALA C   O    doub N N 7   
ALA C   OXT  sing N N 8   
ALA CB  HB1  sing N N 9   
ALA CB  HB2  sing N N 10  
ALA CB  HB3  sing N N 11  
ALA OXT HXT  sing N N 12  
ARG N   CA   sing N N 13  
ARG N   H    sing N N 14  
ARG N   H2   sing N N 15  
ARG CA  C    sing N N 16  
ARG CA  CB   sing N N 17  
ARG CA  HA   sing N N 18  
ARG C   O    doub N N 19  
ARG C   OXT  sing N N 20  
ARG CB  CG   sing N N 21  
ARG CB  HB2  sing N N 22  
ARG CB  HB3  sing N N 23  
ARG CG  CD   sing N N 24  
ARG CG  HG2  sing N N 25  
ARG CG  HG3  sing N N 26  
ARG CD  NE   sing N N 27  
ARG CD  HD2  sing N N 28  
ARG CD  HD3  sing N N 29  
ARG NE  CZ   sing N N 30  
ARG NE  HE   sing N N 31  
ARG CZ  NH1  sing N N 32  
ARG CZ  NH2  doub N N 33  
ARG NH1 HH11 sing N N 34  
ARG NH1 HH12 sing N N 35  
ARG NH2 HH21 sing N N 36  
ARG NH2 HH22 sing N N 37  
ARG OXT HXT  sing N N 38  
ASN N   CA   sing N N 39  
ASN N   H    sing N N 40  
ASN N   H2   sing N N 41  
ASN CA  C    sing N N 42  
ASN CA  CB   sing N N 43  
ASN CA  HA   sing N N 44  
ASN C   O    doub N N 45  
ASN C   OXT  sing N N 46  
ASN CB  CG   sing N N 47  
ASN CB  HB2  sing N N 48  
ASN CB  HB3  sing N N 49  
ASN CG  OD1  doub N N 50  
ASN CG  ND2  sing N N 51  
ASN ND2 HD21 sing N N 52  
ASN ND2 HD22 sing N N 53  
ASN OXT HXT  sing N N 54  
ASP N   CA   sing N N 55  
ASP N   H    sing N N 56  
ASP N   H2   sing N N 57  
ASP CA  C    sing N N 58  
ASP CA  CB   sing N N 59  
ASP CA  HA   sing N N 60  
ASP C   O    doub N N 61  
ASP C   OXT  sing N N 62  
ASP CB  CG   sing N N 63  
ASP CB  HB2  sing N N 64  
ASP CB  HB3  sing N N 65  
ASP CG  OD1  doub N N 66  
ASP CG  OD2  sing N N 67  
ASP OD2 HD2  sing N N 68  
ASP OXT HXT  sing N N 69  
GLN N   CA   sing N N 70  
GLN N   H    sing N N 71  
GLN N   H2   sing N N 72  
GLN CA  C    sing N N 73  
GLN CA  CB   sing N N 74  
GLN CA  HA   sing N N 75  
GLN C   O    doub N N 76  
GLN C   OXT  sing N N 77  
GLN CB  CG   sing N N 78  
GLN CB  HB2  sing N N 79  
GLN CB  HB3  sing N N 80  
GLN CG  CD   sing N N 81  
GLN CG  HG2  sing N N 82  
GLN CG  HG3  sing N N 83  
GLN CD  OE1  doub N N 84  
GLN CD  NE2  sing N N 85  
GLN NE2 HE21 sing N N 86  
GLN NE2 HE22 sing N N 87  
GLN OXT HXT  sing N N 88  
GLU N   CA   sing N N 89  
GLU N   H    sing N N 90  
GLU N   H2   sing N N 91  
GLU CA  C    sing N N 92  
GLU CA  CB   sing N N 93  
GLU CA  HA   sing N N 94  
GLU C   O    doub N N 95  
GLU C   OXT  sing N N 96  
GLU CB  CG   sing N N 97  
GLU CB  HB2  sing N N 98  
GLU CB  HB3  sing N N 99  
GLU CG  CD   sing N N 100 
GLU CG  HG2  sing N N 101 
GLU CG  HG3  sing N N 102 
GLU CD  OE1  doub N N 103 
GLU CD  OE2  sing N N 104 
GLU OE2 HE2  sing N N 105 
GLU OXT HXT  sing N N 106 
GLY N   CA   sing N N 107 
GLY N   H    sing N N 108 
GLY N   H2   sing N N 109 
GLY CA  C    sing N N 110 
GLY CA  HA2  sing N N 111 
GLY CA  HA3  sing N N 112 
GLY C   O    doub N N 113 
GLY C   OXT  sing N N 114 
GLY OXT HXT  sing N N 115 
HIS N   CA   sing N N 116 
HIS N   H    sing N N 117 
HIS N   H2   sing N N 118 
HIS CA  C    sing N N 119 
HIS CA  CB   sing N N 120 
HIS CA  HA   sing N N 121 
HIS C   O    doub N N 122 
HIS C   OXT  sing N N 123 
HIS CB  CG   sing N N 124 
HIS CB  HB2  sing N N 125 
HIS CB  HB3  sing N N 126 
HIS CG  ND1  sing Y N 127 
HIS CG  CD2  doub Y N 128 
HIS ND1 CE1  doub Y N 129 
HIS ND1 HD1  sing N N 130 
HIS CD2 NE2  sing Y N 131 
HIS CD2 HD2  sing N N 132 
HIS CE1 NE2  sing Y N 133 
HIS CE1 HE1  sing N N 134 
HIS NE2 HE2  sing N N 135 
HIS OXT HXT  sing N N 136 
HOH O   H1   sing N N 137 
HOH O   H2   sing N N 138 
ILE N   CA   sing N N 139 
ILE N   H    sing N N 140 
ILE N   H2   sing N N 141 
ILE CA  C    sing N N 142 
ILE CA  CB   sing N N 143 
ILE CA  HA   sing N N 144 
ILE C   O    doub N N 145 
ILE C   OXT  sing N N 146 
ILE CB  CG1  sing N N 147 
ILE CB  CG2  sing N N 148 
ILE CB  HB   sing N N 149 
ILE CG1 CD1  sing N N 150 
ILE CG1 HG12 sing N N 151 
ILE CG1 HG13 sing N N 152 
ILE CG2 HG21 sing N N 153 
ILE CG2 HG22 sing N N 154 
ILE CG2 HG23 sing N N 155 
ILE CD1 HD11 sing N N 156 
ILE CD1 HD12 sing N N 157 
ILE CD1 HD13 sing N N 158 
ILE OXT HXT  sing N N 159 
LEU N   CA   sing N N 160 
LEU N   H    sing N N 161 
LEU N   H2   sing N N 162 
LEU CA  C    sing N N 163 
LEU CA  CB   sing N N 164 
LEU CA  HA   sing N N 165 
LEU C   O    doub N N 166 
LEU C   OXT  sing N N 167 
LEU CB  CG   sing N N 168 
LEU CB  HB2  sing N N 169 
LEU CB  HB3  sing N N 170 
LEU CG  CD1  sing N N 171 
LEU CG  CD2  sing N N 172 
LEU CG  HG   sing N N 173 
LEU CD1 HD11 sing N N 174 
LEU CD1 HD12 sing N N 175 
LEU CD1 HD13 sing N N 176 
LEU CD2 HD21 sing N N 177 
LEU CD2 HD22 sing N N 178 
LEU CD2 HD23 sing N N 179 
LEU OXT HXT  sing N N 180 
LYS N   CA   sing N N 181 
LYS N   H    sing N N 182 
LYS N   H2   sing N N 183 
LYS CA  C    sing N N 184 
LYS CA  CB   sing N N 185 
LYS CA  HA   sing N N 186 
LYS C   O    doub N N 187 
LYS C   OXT  sing N N 188 
LYS CB  CG   sing N N 189 
LYS CB  HB2  sing N N 190 
LYS CB  HB3  sing N N 191 
LYS CG  CD   sing N N 192 
LYS CG  HG2  sing N N 193 
LYS CG  HG3  sing N N 194 
LYS CD  CE   sing N N 195 
LYS CD  HD2  sing N N 196 
LYS CD  HD3  sing N N 197 
LYS CE  NZ   sing N N 198 
LYS CE  HE2  sing N N 199 
LYS CE  HE3  sing N N 200 
LYS NZ  HZ1  sing N N 201 
LYS NZ  HZ2  sing N N 202 
LYS NZ  HZ3  sing N N 203 
LYS OXT HXT  sing N N 204 
MET N   CA   sing N N 205 
MET N   H    sing N N 206 
MET N   H2   sing N N 207 
MET CA  C    sing N N 208 
MET CA  CB   sing N N 209 
MET CA  HA   sing N N 210 
MET C   O    doub N N 211 
MET C   OXT  sing N N 212 
MET CB  CG   sing N N 213 
MET CB  HB2  sing N N 214 
MET CB  HB3  sing N N 215 
MET CG  SD   sing N N 216 
MET CG  HG2  sing N N 217 
MET CG  HG3  sing N N 218 
MET SD  CE   sing N N 219 
MET CE  HE1  sing N N 220 
MET CE  HE2  sing N N 221 
MET CE  HE3  sing N N 222 
MET OXT HXT  sing N N 223 
PHE N   CA   sing N N 224 
PHE N   H    sing N N 225 
PHE N   H2   sing N N 226 
PHE CA  C    sing N N 227 
PHE CA  CB   sing N N 228 
PHE CA  HA   sing N N 229 
PHE C   O    doub N N 230 
PHE C   OXT  sing N N 231 
PHE CB  CG   sing N N 232 
PHE CB  HB2  sing N N 233 
PHE CB  HB3  sing N N 234 
PHE CG  CD1  doub Y N 235 
PHE CG  CD2  sing Y N 236 
PHE CD1 CE1  sing Y N 237 
PHE CD1 HD1  sing N N 238 
PHE CD2 CE2  doub Y N 239 
PHE CD2 HD2  sing N N 240 
PHE CE1 CZ   doub Y N 241 
PHE CE1 HE1  sing N N 242 
PHE CE2 CZ   sing Y N 243 
PHE CE2 HE2  sing N N 244 
PHE CZ  HZ   sing N N 245 
PHE OXT HXT  sing N N 246 
PRO N   CA   sing N N 247 
PRO N   CD   sing N N 248 
PRO N   H    sing N N 249 
PRO CA  C    sing N N 250 
PRO CA  CB   sing N N 251 
PRO CA  HA   sing N N 252 
PRO C   O    doub N N 253 
PRO C   OXT  sing N N 254 
PRO CB  CG   sing N N 255 
PRO CB  HB2  sing N N 256 
PRO CB  HB3  sing N N 257 
PRO CG  CD   sing N N 258 
PRO CG  HG2  sing N N 259 
PRO CG  HG3  sing N N 260 
PRO CD  HD2  sing N N 261 
PRO CD  HD3  sing N N 262 
PRO OXT HXT  sing N N 263 
SER N   CA   sing N N 264 
SER N   H    sing N N 265 
SER N   H2   sing N N 266 
SER CA  C    sing N N 267 
SER CA  CB   sing N N 268 
SER CA  HA   sing N N 269 
SER C   O    doub N N 270 
SER C   OXT  sing N N 271 
SER CB  OG   sing N N 272 
SER CB  HB2  sing N N 273 
SER CB  HB3  sing N N 274 
SER OG  HG   sing N N 275 
SER OXT HXT  sing N N 276 
THR N   CA   sing N N 277 
THR N   H    sing N N 278 
THR N   H2   sing N N 279 
THR CA  C    sing N N 280 
THR CA  CB   sing N N 281 
THR CA  HA   sing N N 282 
THR C   O    doub N N 283 
THR C   OXT  sing N N 284 
THR CB  OG1  sing N N 285 
THR CB  CG2  sing N N 286 
THR CB  HB   sing N N 287 
THR OG1 HG1  sing N N 288 
THR CG2 HG21 sing N N 289 
THR CG2 HG22 sing N N 290 
THR CG2 HG23 sing N N 291 
THR OXT HXT  sing N N 292 
TRP N   CA   sing N N 293 
TRP N   H    sing N N 294 
TRP N   H2   sing N N 295 
TRP CA  C    sing N N 296 
TRP CA  CB   sing N N 297 
TRP CA  HA   sing N N 298 
TRP C   O    doub N N 299 
TRP C   OXT  sing N N 300 
TRP CB  CG   sing N N 301 
TRP CB  HB2  sing N N 302 
TRP CB  HB3  sing N N 303 
TRP CG  CD1  doub Y N 304 
TRP CG  CD2  sing Y N 305 
TRP CD1 NE1  sing Y N 306 
TRP CD1 HD1  sing N N 307 
TRP CD2 CE2  doub Y N 308 
TRP CD2 CE3  sing Y N 309 
TRP NE1 CE2  sing Y N 310 
TRP NE1 HE1  sing N N 311 
TRP CE2 CZ2  sing Y N 312 
TRP CE3 CZ3  doub Y N 313 
TRP CE3 HE3  sing N N 314 
TRP CZ2 CH2  doub Y N 315 
TRP CZ2 HZ2  sing N N 316 
TRP CZ3 CH2  sing Y N 317 
TRP CZ3 HZ3  sing N N 318 
TRP CH2 HH2  sing N N 319 
TRP OXT HXT  sing N N 320 
TYR N   CA   sing N N 321 
TYR N   H    sing N N 322 
TYR N   H2   sing N N 323 
TYR CA  C    sing N N 324 
TYR CA  CB   sing N N 325 
TYR CA  HA   sing N N 326 
TYR C   O    doub N N 327 
TYR C   OXT  sing N N 328 
TYR CB  CG   sing N N 329 
TYR CB  HB2  sing N N 330 
TYR CB  HB3  sing N N 331 
TYR CG  CD1  doub Y N 332 
TYR CG  CD2  sing Y N 333 
TYR CD1 CE1  sing Y N 334 
TYR CD1 HD1  sing N N 335 
TYR CD2 CE2  doub Y N 336 
TYR CD2 HD2  sing N N 337 
TYR CE1 CZ   doub Y N 338 
TYR CE1 HE1  sing N N 339 
TYR CE2 CZ   sing Y N 340 
TYR CE2 HE2  sing N N 341 
TYR CZ  OH   sing N N 342 
TYR OH  HH   sing N N 343 
TYR OXT HXT  sing N N 344 
VAL N   CA   sing N N 345 
VAL N   H    sing N N 346 
VAL N   H2   sing N N 347 
VAL CA  C    sing N N 348 
VAL CA  CB   sing N N 349 
VAL CA  HA   sing N N 350 
VAL C   O    doub N N 351 
VAL C   OXT  sing N N 352 
VAL CB  CG1  sing N N 353 
VAL CB  CG2  sing N N 354 
VAL CB  HB   sing N N 355 
VAL CG1 HG11 sing N N 356 
VAL CG1 HG12 sing N N 357 
VAL CG1 HG13 sing N N 358 
VAL CG2 HG21 sing N N 359 
VAL CG2 HG22 sing N N 360 
VAL CG2 HG23 sing N N 361 
VAL OXT HXT  sing N N 362 
# 
_atom_sites.entry_id                    3OA9 
_atom_sites.fract_transf_matrix[1][1]   0.02029048 
_atom_sites.fract_transf_matrix[1][2]   -0.01144012 
_atom_sites.fract_transf_matrix[1][3]   -0.00609620 
_atom_sites.fract_transf_matrix[2][1]   0.01074895 
_atom_sites.fract_transf_matrix[2][2]   0.00490573 
_atom_sites.fract_transf_matrix[2][3]   -0.02097961 
_atom_sites.fract_transf_matrix[3][1]   0.00232190 
_atom_sites.fract_transf_matrix[3][2]   0.00309819 
_atom_sites.fract_transf_matrix[3][3]   0.00191409 
_atom_sites.fract_transf_vector[1]      -0.045467 
_atom_sites.fract_transf_vector[2]      -0.094199 
_atom_sites.fract_transf_vector[3]      -0.007180 
# 
loop_
_atom_type.symbol 
C 
N 
O 
S 
# 
loop_
_atom_site.group_PDB 
_atom_site.id 
_atom_site.type_symbol 
_atom_site.label_atom_id 
_atom_site.label_alt_id 
_atom_site.label_comp_id 
_atom_site.label_asym_id 
_atom_site.label_entity_id 
_atom_site.label_seq_id 
_atom_site.pdbx_PDB_ins_code 
_atom_site.Cartn_x 
_atom_site.Cartn_y 
_atom_site.Cartn_z 
_atom_site.occupancy 
_atom_site.B_iso_or_equiv 
_atom_site.pdbx_formal_charge 
_atom_site.auth_seq_id 
_atom_site.auth_comp_id 
_atom_site.auth_asym_id 
_atom_site.auth_atom_id 
_atom_site.pdbx_PDB_model_num 
ATOM   1    N N   . TYR A 1 17  ? -13.319 15.673  21.731  1.00 35.02  ? 89  TYR A N   1 
ATOM   2    C CA  . TYR A 1 17  ? -13.269 16.089  20.337  1.00 38.33  ? 89  TYR A CA  1 
ATOM   3    C C   . TYR A 1 17  ? -11.993 16.873  19.964  1.00 42.47  ? 89  TYR A C   1 
ATOM   4    O O   . TYR A 1 17  ? -11.710 17.930  20.533  1.00 40.02  ? 89  TYR A O   1 
ATOM   5    C CB  . TYR A 1 17  ? -14.521 16.883  19.977  1.00 35.84  ? 89  TYR A CB  1 
ATOM   6    C CG  . TYR A 1 17  ? -14.526 17.322  18.538  1.00 44.20  ? 89  TYR A CG  1 
ATOM   7    C CD1 . TYR A 1 17  ? -14.397 16.397  17.507  1.00 44.17  ? 89  TYR A CD1 1 
ATOM   8    C CD2 . TYR A 1 17  ? -14.658 18.661  18.200  1.00 47.11  ? 89  TYR A CD2 1 
ATOM   9    C CE1 . TYR A 1 17  ? -14.389 16.797  16.180  1.00 42.69  ? 89  TYR A CE1 1 
ATOM   10   C CE2 . TYR A 1 17  ? -14.660 19.071  16.871  1.00 48.08  ? 89  TYR A CE2 1 
ATOM   11   C CZ  . TYR A 1 17  ? -14.520 18.134  15.868  1.00 42.65  ? 89  TYR A CZ  1 
ATOM   12   O OH  . TYR A 1 17  ? -14.514 18.535  14.555  1.00 40.99  ? 89  TYR A OH  1 
ATOM   13   N N   . ILE A 1 18  ? -11.231 16.337  19.005  1.00 42.17  ? 90  ILE A N   1 
ATOM   14   C CA  . ILE A 1 18  ? -9.906  16.867  18.640  1.00 35.46  ? 90  ILE A CA  1 
ATOM   15   C C   . ILE A 1 18  ? -9.775  17.413  17.206  1.00 34.28  ? 90  ILE A C   1 
ATOM   16   O O   . ILE A 1 18  ? -10.439 16.942  16.283  1.00 39.36  ? 90  ILE A O   1 
ATOM   17   C CB  . ILE A 1 18  ? -8.802  15.814  18.870  1.00 37.45  ? 90  ILE A CB  1 
ATOM   18   C CG1 . ILE A 1 18  ? -8.660  15.507  20.362  1.00 39.48  ? 90  ILE A CG1 1 
ATOM   19   C CG2 . ILE A 1 18  ? -7.481  16.294  18.291  1.00 36.85  ? 90  ILE A CG2 1 
ATOM   20   C CD1 . ILE A 1 18  ? -7.791  14.304  20.658  1.00 34.07  ? 90  ILE A CD1 1 
ATOM   21   N N   . THR A 1 19  ? -8.938  18.438  17.054  1.00 35.54  ? 91  THR A N   1 
ATOM   22   C CA  . THR A 1 19  ? -8.807  19.152  15.787  1.00 36.54  ? 91  THR A CA  1 
ATOM   23   C C   . THR A 1 19  ? -7.385  19.636  15.492  1.00 34.36  ? 91  THR A C   1 
ATOM   24   O O   . THR A 1 19  ? -6.953  20.686  15.970  1.00 32.65  ? 91  THR A O   1 
ATOM   25   C CB  . THR A 1 19  ? -9.765  20.359  15.723  1.00 38.26  ? 91  THR A CB  1 
ATOM   26   O OG1 . THR A 1 19  ? -9.526  21.223  16.840  1.00 39.43  ? 91  THR A OG1 1 
ATOM   27   C CG2 . THR A 1 19  ? -11.213 19.893  15.749  1.00 34.96  ? 91  THR A CG2 1 
ATOM   28   N N   . ASP A 1 20  ? -6.677  18.852  14.691  1.00 32.91  ? 92  ASP A N   1 
ATOM   29   C CA  . ASP A 1 20  ? -5.355  19.211  14.218  1.00 28.84  ? 92  ASP A CA  1 
ATOM   30   C C   . ASP A 1 20  ? -5.521  20.307  13.203  1.00 28.89  ? 92  ASP A C   1 
ATOM   31   O O   . ASP A 1 20  ? -4.572  20.995  12.855  1.00 35.87  ? 92  ASP A O   1 
ATOM   32   C CB  . ASP A 1 20  ? -4.708  18.018  13.513  1.00 30.58  ? 92  ASP A CB  1 
ATOM   33   C CG  . ASP A 1 20  ? -4.110  16.998  14.476  1.00 33.21  ? 92  ASP A CG  1 
ATOM   34   O OD1 . ASP A 1 20  ? -3.852  17.320  15.656  1.00 39.37  ? 92  ASP A OD1 1 
ATOM   35   O OD2 . ASP A 1 20  ? -3.870  15.864  14.040  1.00 29.33  ? 92  ASP A OD2 1 
ATOM   36   N N   . MET A 1 21  ? -6.732  20.470  12.712  1.00 26.00  ? 93  MET A N   1 
ATOM   37   C CA  . MET A 1 21  ? -6.923  21.275  11.527  1.00 31.62  ? 93  MET A CA  1 
ATOM   38   C C   . MET A 1 21  ? -7.706  22.550  11.773  1.00 34.20  ? 93  MET A C   1 
ATOM   39   O O   . MET A 1 21  ? -8.817  22.526  12.277  1.00 36.56  ? 93  MET A O   1 
ATOM   40   C CB  . MET A 1 21  ? -7.614  20.448  10.453  1.00 32.95  ? 93  MET A CB  1 
ATOM   41   C CG  . MET A 1 21  ? -6.673  19.704  9.516   1.00 33.49  ? 93  MET A CG  1 
ATOM   42   S SD  . MET A 1 21  ? -7.563  18.810  8.218   1.00 28.72  ? 93  MET A SD  1 
ATOM   43   C CE  . MET A 1 21  ? -8.134  17.396  9.160   1.00 29.41  ? 93  MET A CE  1 
ATOM   44   N N   . SER A 1 22  ? -7.118  23.678  11.408  1.00 35.96  ? 94  SER A N   1 
ATOM   45   C CA  . SER A 1 22  ? -7.871  24.912  11.436  1.00 41.14  ? 94  SER A CA  1 
ATOM   46   C C   . SER A 1 22  ? -9.035  24.690  10.486  1.00 41.00  ? 94  SER A C   1 
ATOM   47   O O   . SER A 1 22  ? -8.874  24.063  9.440   1.00 41.10  ? 94  SER A O   1 
ATOM   48   C CB  . SER A 1 22  ? -7.010  26.083  10.964  1.00 39.15  ? 94  SER A CB  1 
ATOM   49   O OG  . SER A 1 22  ? -6.777  26.013  9.569   1.00 41.61  ? 94  SER A OG  1 
ATOM   50   N N   . ILE A 1 23  ? -10.188 25.240  10.847  1.00 43.95  ? 95  ILE A N   1 
ATOM   51   C CA  . ILE A 1 23  ? -11.381 25.152  10.019  1.00 39.65  ? 95  ILE A CA  1 
ATOM   52   C C   . ILE A 1 23  ? -11.107 25.476  8.554   1.00 38.27  ? 95  ILE A C   1 
ATOM   53   O O   . ILE A 1 23  ? -11.744 24.911  7.664   1.00 39.94  ? 95  ILE A O   1 
ATOM   54   C CB  . ILE A 1 23  ? -12.481 26.113  10.512  1.00 41.06  ? 95  ILE A CB  1 
ATOM   55   C CG1 . ILE A 1 23  ? -13.069 25.616  11.834  1.00 42.96  ? 95  ILE A CG1 1 
ATOM   56   C CG2 . ILE A 1 23  ? -13.570 26.259  9.460   1.00 39.28  ? 95  ILE A CG2 1 
ATOM   57   C CD1 . ILE A 1 23  ? -13.811 26.683  12.610  1.00 42.78  ? 95  ILE A CD1 1 
ATOM   58   N N   . GLU A 1 24  ? -10.165 26.381  8.295   1.00 42.02  ? 96  GLU A N   1 
ATOM   59   C CA  . GLU A 1 24  ? -9.881  26.752  6.924   1.00 45.18  ? 96  GLU A CA  1 
ATOM   60   C C   . GLU A 1 24  ? -9.352  25.521  6.232   1.00 42.41  ? 96  GLU A C   1 
ATOM   61   O O   . GLU A 1 24  ? -9.701  25.234  5.089   1.00 42.67  ? 96  GLU A O   1 
ATOM   62   C CB  . GLU A 1 24  ? -8.825  27.857  6.870   1.00 49.71  ? 96  GLU A CB  1 
ATOM   63   C CG  . GLU A 1 24  ? -8.446  28.279  5.463   1.00 47.00  ? 96  GLU A CG  1 
ATOM   64   C CD  . GLU A 1 24  ? -7.780  27.173  4.700   1.00 49.28  ? 96  GLU A CD  1 
ATOM   65   O OE1 . GLU A 1 24  ? -6.733  26.677  5.169   1.00 53.17  ? 96  GLU A OE1 1 
ATOM   66   O OE2 . GLU A 1 24  ? -8.315  26.785  3.643   1.00 52.48  ? 96  GLU A OE2 1 
ATOM   67   N N   . GLU A 1 25  ? -8.496  24.800  6.945   1.00 39.64  ? 97  GLU A N   1 
ATOM   68   C CA  . GLU A 1 25  ? -7.816  23.636  6.409   1.00 41.69  ? 97  GLU A CA  1 
ATOM   69   C C   . GLU A 1 25  ? -8.777  22.506  6.076   1.00 41.98  ? 97  GLU A C   1 
ATOM   70   O O   . GLU A 1 25  ? -8.697  21.922  4.996   1.00 42.74  ? 97  GLU A O   1 
ATOM   71   C CB  . GLU A 1 25  ? -6.794  23.115  7.410   1.00 37.19  ? 97  GLU A CB  1 
ATOM   72   C CG  . GLU A 1 25  ? -5.703  24.065  7.768   1.00 35.26  ? 97  GLU A CG  1 
ATOM   73   C CD  . GLU A 1 25  ? -4.682  23.396  8.645   1.00 40.86  ? 97  GLU A CD  1 
ATOM   74   O OE1 . GLU A 1 25  ? -5.066  22.881  9.715   1.00 42.63  ? 97  GLU A OE1 1 
ATOM   75   O OE2 . GLU A 1 25  ? -3.497  23.358  8.257   1.00 45.02  ? 97  GLU A OE2 1 
ATOM   76   N N   . ILE A 1 26  ? -9.669  22.186  7.014   1.00 37.25  ? 98  ILE A N   1 
ATOM   77   C CA  . ILE A 1 26  ? -10.586 21.063  6.843   1.00 40.34  ? 98  ILE A CA  1 
ATOM   78   C C   . ILE A 1 26  ? -11.715 21.400  5.869   1.00 42.02  ? 98  ILE A C   1 
ATOM   79   O O   . ILE A 1 26  ? -12.311 20.511  5.255   1.00 40.65  ? 98  ILE A O   1 
ATOM   80   C CB  . ILE A 1 26  ? -11.177 20.573  8.188   1.00 38.91  ? 98  ILE A CB  1 
ATOM   81   C CG1 . ILE A 1 26  ? -12.009 19.294  7.970   1.00 38.27  ? 98  ILE A CG1 1 
ATOM   82   C CG2 . ILE A 1 26  ? -11.997 21.670  8.840   1.00 37.67  ? 98  ILE A CG2 1 
ATOM   83   C CD1 . ILE A 1 26  ? -12.327 18.490  9.233   1.00 30.45  ? 98  ILE A CD1 1 
ATOM   84   N N   . SER A 1 27  ? -11.994 22.690  5.729   1.00 44.01  ? 99  SER A N   1 
ATOM   85   C CA  . SER A 1 27  ? -13.046 23.148  4.834   1.00 46.79  ? 99  SER A CA  1 
ATOM   86   C C   . SER A 1 27  ? -12.523 23.348  3.416   1.00 41.97  ? 99  SER A C   1 
ATOM   87   O O   . SER A 1 27  ? -13.200 23.007  2.445   1.00 39.50  ? 99  SER A O   1 
ATOM   88   C CB  . SER A 1 27  ? -13.662 24.449  5.354   1.00 44.50  ? 99  SER A CB  1 
ATOM   89   O OG  . SER A 1 27  ? -14.375 24.229  6.559   1.00 43.60  ? 99  SER A OG  1 
ATOM   90   N N   . ARG A 1 28  ? -11.330 23.914  3.290   1.00 37.04  ? 100 ARG A N   1 
ATOM   91   C CA  . ARG A 1 28  ? -10.774 24.208  1.975   1.00 44.26  ? 100 ARG A CA  1 
ATOM   92   C C   . ARG A 1 28  ? -10.934 23.045  0.997   1.00 50.78  ? 100 ARG A C   1 
ATOM   93   O O   . ARG A 1 28  ? -10.827 21.878  1.377   1.00 50.00  ? 100 ARG A O   1 
ATOM   94   C CB  . ARG A 1 28  ? -9.297  24.591  2.094   1.00 42.75  ? 100 ARG A CB  1 
ATOM   95   C CG  . ARG A 1 28  ? -8.607  24.826  0.760   1.00 39.38  ? 100 ARG A CG  1 
ATOM   96   C CD  . ARG A 1 28  ? -7.224  25.427  0.952   1.00 40.00  ? 100 ARG A CD  1 
ATOM   97   N NE  . ARG A 1 28  ? -6.361  24.567  1.758   1.00 42.29  ? 100 ARG A NE  1 
ATOM   98   C CZ  . ARG A 1 28  ? -5.488  25.015  2.654   1.00 49.86  ? 100 ARG A CZ  1 
ATOM   99   N NH1 . ARG A 1 28  ? -5.360  26.318  2.864   1.00 51.15  ? 100 ARG A NH1 1 
ATOM   100  N NH2 . ARG A 1 28  ? -4.744  24.160  3.341   1.00 49.73  ? 100 ARG A NH2 1 
ATOM   101  N N   . GLU A 1 29  ? -11.179 23.377  -0.267  1.00 53.34  ? 101 GLU A N   1 
ATOM   102  C CA  . GLU A 1 29  ? -11.190 22.385  -1.331  1.00 47.86  ? 101 GLU A CA  1 
ATOM   103  C C   . GLU A 1 29  ? -9.768  22.143  -1.817  1.00 49.89  ? 101 GLU A C   1 
ATOM   104  O O   . GLU A 1 29  ? -8.873  22.938  -1.536  1.00 50.59  ? 101 GLU A O   1 
ATOM   105  C CB  . GLU A 1 29  ? -12.095 22.843  -2.479  1.00 56.99  ? 101 GLU A CB  1 
ATOM   106  C CG  . GLU A 1 29  ? -13.586 22.842  -2.122  1.00 59.89  ? 101 GLU A CG  1 
ATOM   107  C CD  . GLU A 1 29  ? -14.477 23.198  -3.299  1.00 69.06  ? 101 GLU A CD  1 
ATOM   108  O OE1 . GLU A 1 29  ? -13.937 23.503  -4.383  1.00 74.42  ? 101 GLU A OE1 1 
ATOM   109  O OE2 . GLU A 1 29  ? -15.719 23.181  -3.142  1.00 67.68  ? 101 GLU A OE2 1 
ATOM   110  N N   . TRP A 1 30  ? -9.554  21.046  -2.538  1.00 53.07  ? 102 TRP A N   1 
ATOM   111  C CA  . TRP A 1 30  ? -8.205  20.660  -2.951  1.00 49.33  ? 102 TRP A CA  1 
ATOM   112  C C   . TRP A 1 30  ? -8.193  19.643  -4.101  1.00 49.41  ? 102 TRP A C   1 
ATOM   113  O O   . TRP A 1 30  ? -9.129  18.857  -4.262  1.00 49.84  ? 102 TRP A O   1 
ATOM   114  C CB  . TRP A 1 30  ? -7.448  20.097  -1.754  1.00 43.07  ? 102 TRP A CB  1 
ATOM   115  C CG  . TRP A 1 30  ? -7.975  18.776  -1.311  1.00 38.52  ? 102 TRP A CG  1 
ATOM   116  C CD1 . TRP A 1 30  ? -8.982  18.547  -0.420  1.00 35.74  ? 102 TRP A CD1 1 
ATOM   117  C CD2 . TRP A 1 30  ? -7.530  17.497  -1.752  1.00 35.65  ? 102 TRP A CD2 1 
ATOM   118  N NE1 . TRP A 1 30  ? -9.185  17.202  -0.275  1.00 34.79  ? 102 TRP A NE1 1 
ATOM   119  C CE2 . TRP A 1 30  ? -8.307  16.534  -1.087  1.00 33.56  ? 102 TRP A CE2 1 
ATOM   120  C CE3 . TRP A 1 30  ? -6.549  17.072  -2.653  1.00 36.36  ? 102 TRP A CE3 1 
ATOM   121  C CZ2 . TRP A 1 30  ? -8.131  15.172  -1.284  1.00 30.61  ? 102 TRP A CZ2 1 
ATOM   122  C CZ3 . TRP A 1 30  ? -6.373  15.721  -2.849  1.00 33.67  ? 102 TRP A CZ3 1 
ATOM   123  C CH2 . TRP A 1 30  ? -7.157  14.785  -2.166  1.00 31.93  ? 102 TRP A CH2 1 
ATOM   124  N N   . TYR A 1 31  ? -7.118  19.635  -4.882  1.00 50.29  ? 103 TYR A N   1 
ATOM   125  C CA  . TYR A 1 31  ? -7.127  18.892  -6.138  1.00 50.88  ? 103 TYR A CA  1 
ATOM   126  C C   . TYR A 1 31  ? -5.944  17.936  -6.394  1.00 48.84  ? 103 TYR A C   1 
ATOM   127  O O   . TYR A 1 31  ? -4.936  17.954  -5.681  1.00 43.96  ? 103 TYR A O   1 
ATOM   128  C CB  . TYR A 1 31  ? -7.395  19.875  -7.291  1.00 57.04  ? 103 TYR A CB  1 
ATOM   129  C CG  . TYR A 1 31  ? -8.672  20.649  -7.007  1.00 69.95  ? 103 TYR A CG  1 
ATOM   130  C CD1 . TYR A 1 31  ? -9.922  20.050  -7.177  1.00 75.37  ? 103 TYR A CD1 1 
ATOM   131  C CD2 . TYR A 1 31  ? -8.635  21.940  -6.498  1.00 67.39  ? 103 TYR A CD2 1 
ATOM   132  C CE1 . TYR A 1 31  ? -11.094 20.731  -6.879  1.00 72.36  ? 103 TYR A CE1 1 
ATOM   133  C CE2 . TYR A 1 31  ? -9.806  22.630  -6.203  1.00 65.61  ? 103 TYR A CE2 1 
ATOM   134  C CZ  . TYR A 1 31  ? -11.024 22.017  -6.394  1.00 71.74  ? 103 TYR A CZ  1 
ATOM   135  O OH  . TYR A 1 31  ? -12.179 22.694  -6.097  1.00 77.96  ? 103 TYR A OH  1 
ATOM   136  N N   . MET A 1 32  ? -6.105  17.070  -7.394  1.00 47.34  ? 104 MET A N   1 
ATOM   137  C CA  . MET A 1 32  ? -5.079  16.098  -7.749  1.00 37.05  ? 104 MET A CA  1 
ATOM   138  C C   . MET A 1 32  ? -4.840  16.076  -9.250  1.00 38.77  ? 104 MET A C   1 
ATOM   139  O O   . MET A 1 32  ? -5.718  16.447  -10.034 1.00 40.28  ? 104 MET A O   1 
ATOM   140  C CB  . MET A 1 32  ? -5.472  14.708  -7.276  1.00 32.61  ? 104 MET A CB  1 
ATOM   141  C CG  . MET A 1 32  ? -6.045  14.664  -5.887  1.00 32.30  ? 104 MET A CG  1 
ATOM   142  S SD  . MET A 1 32  ? -6.585  13.007  -5.462  1.00 34.96  ? 104 MET A SD  1 
ATOM   143  C CE  . MET A 1 32  ? -8.215  13.306  -4.804  1.00 22.68  ? 104 MET A CE  1 
ATOM   144  N N   . LEU A 1 33  ? -3.639  15.658  -9.644  1.00 39.80  ? 105 LEU A N   1 
ATOM   145  C CA  . LEU A 1 33  ? -3.329  15.449  -11.054 1.00 39.61  ? 105 LEU A CA  1 
ATOM   146  C C   . LEU A 1 33  ? -3.533  13.984  -11.402 1.00 41.31  ? 105 LEU A C   1 
ATOM   147  O O   . LEU A 1 33  ? -4.105  13.660  -12.441 1.00 43.61  ? 105 LEU A O   1 
ATOM   148  C CB  . LEU A 1 33  ? -1.897  15.879  -11.398 1.00 38.44  ? 105 LEU A CB  1 
ATOM   149  C CG  . LEU A 1 33  ? -1.681  17.377  -11.639 1.00 50.08  ? 105 LEU A CG  1 
ATOM   150  C CD1 . LEU A 1 33  ? -1.602  18.141  -10.313 1.00 46.18  ? 105 LEU A CD1 1 
ATOM   151  C CD2 . LEU A 1 33  ? -0.438  17.640  -12.497 1.00 51.22  ? 105 LEU A CD2 1 
ATOM   152  N N   . MET A 1 34  ? -3.060  13.096  -10.532 1.00 37.10  ? 106 MET A N   1 
ATOM   153  C CA  . MET A 1 34  ? -3.268  11.673  -10.722 1.00 30.16  ? 106 MET A CA  1 
ATOM   154  C C   . MET A 1 34  ? -4.031  11.172  -9.546  1.00 30.20  ? 106 MET A C   1 
ATOM   155  O O   . MET A 1 34  ? -3.483  10.489  -8.711  1.00 34.35  ? 106 MET A O   1 
ATOM   156  C CB  . MET A 1 34  ? -1.948  10.926  -10.821 1.00 29.50  ? 106 MET A CB  1 
ATOM   157  C CG  . MET A 1 34  ? -1.195  11.200  -12.099 1.00 34.18  ? 106 MET A CG  1 
ATOM   158  S SD  . MET A 1 34  ? 0.444   10.458  -12.106 1.00 50.90  ? 106 MET A SD  1 
ATOM   159  C CE  . MET A 1 34  ? 0.086   8.711   -12.238 1.00 35.77  ? 106 MET A CE  1 
ATOM   160  N N   . PRO A 1 35  ? -5.310  11.526  -9.468  1.00 33.19  ? 107 PRO A N   1 
ATOM   161  C CA  . PRO A 1 35  ? -6.198  11.067  -8.399  1.00 32.59  ? 107 PRO A CA  1 
ATOM   162  C C   . PRO A 1 35  ? -6.375  9.556   -8.387  1.00 34.85  ? 107 PRO A C   1 
ATOM   163  O O   . PRO A 1 35  ? -6.452  8.908   -9.429  1.00 41.64  ? 107 PRO A O   1 
ATOM   164  C CB  . PRO A 1 35  ? -7.533  11.741  -8.734  1.00 31.40  ? 107 PRO A CB  1 
ATOM   165  C CG  . PRO A 1 35  ? -7.453  12.087  -10.173 1.00 30.98  ? 107 PRO A CG  1 
ATOM   166  C CD  . PRO A 1 35  ? -6.010  12.373  -10.445 1.00 35.40  ? 107 PRO A CD  1 
ATOM   167  N N   . ARG A 1 36  ? -6.512  9.031   -7.166  1.00 32.88  ? 108 ARG A N   1 
ATOM   168  C CA  . ARG A 1 36  ? -6.865  7.637   -6.901  1.00 34.21  ? 108 ARG A CA  1 
ATOM   169  C C   . ARG A 1 36  ? -7.538  7.529   -5.522  1.00 36.92  ? 108 ARG A C   1 
ATOM   170  O O   . ARG A 1 36  ? -7.005  8.020   -4.526  1.00 31.41  ? 108 ARG A O   1 
ATOM   171  C CB  . ARG A 1 36  ? -5.628  6.743   -6.984  1.00 29.46  ? 108 ARG A CB  1 
ATOM   172  C CG  . ARG A 1 36  ? -4.879  6.840   -8.304  1.00 31.99  ? 108 ARG A CG  1 
ATOM   173  C CD  . ARG A 1 36  ? -5.421  5.849   -9.321  1.00 36.96  ? 108 ARG A CD  1 
ATOM   174  N NE  . ARG A 1 36  ? -4.621  5.825   -10.542 1.00 43.50  ? 108 ARG A NE  1 
ATOM   175  C CZ  . ARG A 1 36  ? -4.869  6.574   -11.611 1.00 45.79  ? 108 ARG A CZ  1 
ATOM   176  N NH1 . ARG A 1 36  ? -5.896  7.410   -11.614 1.00 36.97  ? 108 ARG A NH1 1 
ATOM   177  N NH2 . ARG A 1 36  ? -4.086  6.487   -12.679 1.00 44.72  ? 108 ARG A NH2 1 
ATOM   178  N N   . GLN A 1 37  ? -8.682  6.860   -5.447  1.00 42.60  ? 109 GLN A N   1 
ATOM   179  C CA  . GLN A 1 37  ? -9.366  6.713   -4.163  1.00 43.83  ? 109 GLN A CA  1 
ATOM   180  C C   . GLN A 1 37  ? -9.795  5.272   -3.892  1.00 40.31  ? 109 GLN A C   1 
ATOM   181  O O   . GLN A 1 37  ? -10.521 4.677   -4.687  1.00 37.84  ? 109 GLN A O   1 
ATOM   182  C CB  . GLN A 1 37  ? -10.576 7.644   -4.071  1.00 40.11  ? 109 GLN A CB  1 
ATOM   183  C CG  . GLN A 1 37  ? -11.669 7.344   -5.084  1.00 35.78  ? 109 GLN A CG  1 
ATOM   184  C CD  . GLN A 1 37  ? -12.851 8.286   -4.961  1.00 44.35  ? 109 GLN A CD  1 
ATOM   185  O OE1 . GLN A 1 37  ? -12.692 9.506   -4.979  1.00 44.70  ? 109 GLN A OE1 1 
ATOM   186  N NE2 . GLN A 1 37  ? -14.048 7.721   -4.837  1.00 42.87  ? 109 GLN A NE2 1 
ATOM   187  N N   . LYS A 1 38  ? -9.354  4.717   -2.764  1.00 37.29  ? 110 LYS A N   1 
ATOM   188  C CA  . LYS A 1 38  ? -9.801  3.377   -2.369  1.00 34.81  ? 110 LYS A CA  1 
ATOM   189  C C   . LYS A 1 38  ? -10.974 3.470   -1.408  1.00 36.45  ? 110 LYS A C   1 
ATOM   190  O O   . LYS A 1 38  ? -11.229 4.512   -0.865  1.00 35.83  ? 110 LYS A O   1 
ATOM   191  C CB  . LYS A 1 38  ? -8.684  2.644   -1.654  1.00 28.90  ? 110 LYS A CB  1 
ATOM   192  C CG  . LYS A 1 38  ? -7.897  1.698   -2.464  1.00 31.87  ? 110 LYS A CG  1 
ATOM   193  C CD  . LYS A 1 38  ? -6.828  1.084   -1.614  1.00 31.12  ? 110 LYS A CD  1 
ATOM   194  C CE  . LYS A 1 38  ? -6.007  0.091   -2.386  1.00 32.11  ? 110 LYS A CE  1 
ATOM   195  N NZ  . LYS A 1 38  ? -4.894  -0.589  -1.696  1.00 30.12  ? 110 LYS A NZ  1 
ATOM   196  N N   . ILE A 1 39  ? -11.680 2.380   -1.168  1.00 38.35  ? 111 ILE A N   1 
ATOM   197  C CA  . ILE A 1 39  ? -12.740 2.435   -0.173  1.00 31.82  ? 111 ILE A CA  1 
ATOM   198  C C   . ILE A 1 39  ? -12.413 1.470   0.949   1.00 36.77  ? 111 ILE A C   1 
ATOM   199  O O   . ILE A 1 39  ? -11.846 0.408   0.696   1.00 37.52  ? 111 ILE A O   1 
ATOM   200  C CB  . ILE A 1 39  ? -14.106 2.067   -0.778  1.00 35.30  ? 111 ILE A CB  1 
ATOM   201  C CG1 . ILE A 1 39  ? -14.452 3.014   -1.929  1.00 42.74  ? 111 ILE A CG1 1 
ATOM   202  C CG2 . ILE A 1 39  ? -15.189 2.100   0.289   1.00 33.04  ? 111 ILE A CG2 1 
ATOM   203  C CD1 . ILE A 1 39  ? -15.838 2.803   -2.497  1.00 41.79  ? 111 ILE A CD1 1 
ATOM   204  N N   . THR A 1 40  ? -12.771 1.803   2.185   1.00 37.54  ? 112 THR A N   1 
ATOM   205  C CA  . THR A 1 40  ? -12.707 0.878   3.308   1.00 36.15  ? 112 THR A CA  1 
ATOM   206  C C   . THR A 1 40  ? -13.730 1.302   4.336   1.00 39.21  ? 112 THR A C   1 
ATOM   207  O O   . THR A 1 40  ? -13.654 2.408   4.870   1.00 41.00  ? 112 THR A O   1 
ATOM   208  C CB  . THR A 1 40  ? -11.302 0.899   3.934   1.00 34.89  ? 112 THR A CB  1 
ATOM   209  O OG1 . THR A 1 40  ? -10.327 0.491   2.962   1.00 37.47  ? 112 THR A OG1 1 
ATOM   210  C CG2 . THR A 1 40  ? -11.246 -0.032  5.115   1.00 30.78  ? 112 THR A CG2 1 
ATOM   211  N N   . GLY A 1 41  ? -14.699 0.432   4.596   1.00 38.45  ? 113 GLY A N   1 
ATOM   212  C CA  . GLY A 1 41  ? -15.779 0.763   5.502   1.00 36.14  ? 113 GLY A CA  1 
ATOM   213  C C   . GLY A 1 41  ? -16.540 1.974   5.011   1.00 35.92  ? 113 GLY A C   1 
ATOM   214  O O   . GLY A 1 41  ? -16.809 2.092   3.821   1.00 39.09  ? 113 GLY A O   1 
ATOM   215  N N   . GLY A 1 42  ? -16.889 2.876   5.921   1.00 31.88  ? 114 GLY A N   1 
ATOM   216  C CA  . GLY A 1 42  ? -17.654 4.052   5.566   1.00 33.35  ? 114 GLY A CA  1 
ATOM   217  C C   . GLY A 1 42  ? -16.761 5.206   5.169   1.00 37.92  ? 114 GLY A C   1 
ATOM   218  O O   . GLY A 1 42  ? -17.219 6.336   5.022   1.00 37.55  ? 114 GLY A O   1 
ATOM   219  N N   . LEU A 1 43  ? -15.479 4.903   4.980   1.00 40.17  ? 115 LEU A N   1 
ATOM   220  C CA  . LEU A 1 43  ? -14.456 5.907   4.710   1.00 38.43  ? 115 LEU A CA  1 
ATOM   221  C C   . LEU A 1 43  ? -13.887 5.873   3.277   1.00 35.37  ? 115 LEU A C   1 
ATOM   222  O O   . LEU A 1 43  ? -13.775 4.818   2.665   1.00 29.63  ? 115 LEU A O   1 
ATOM   223  C CB  . LEU A 1 43  ? -13.340 5.803   5.754   1.00 33.97  ? 115 LEU A CB  1 
ATOM   224  C CG  . LEU A 1 43  ? -13.746 6.274   7.152   1.00 31.54  ? 115 LEU A CG  1 
ATOM   225  C CD1 . LEU A 1 43  ? -12.686 5.926   8.158   1.00 33.63  ? 115 LEU A CD1 1 
ATOM   226  C CD2 . LEU A 1 43  ? -14.012 7.759   7.155   1.00 30.69  ? 115 LEU A CD2 1 
ATOM   227  N N   . MET A 1 44  ? -13.534 7.055   2.771   1.00 37.03  ? 116 MET A N   1 
ATOM   228  C CA  . MET A 1 44  ? -13.144 7.265   1.380   1.00 33.46  ? 116 MET A CA  1 
ATOM   229  C C   . MET A 1 44  ? -11.764 7.890   1.251   1.00 37.11  ? 116 MET A C   1 
ATOM   230  O O   . MET A 1 44  ? -11.625 9.113   1.249   1.00 40.65  ? 116 MET A O   1 
ATOM   231  C CB  . MET A 1 44  ? -14.141 8.208   0.712   1.00 35.73  ? 116 MET A CB  1 
ATOM   232  C CG  . MET A 1 44  ? -13.687 8.731   -0.629  1.00 36.90  ? 116 MET A CG  1 
ATOM   233  S SD  . MET A 1 44  ? -13.392 7.394   -1.792  1.00 38.60  ? 116 MET A SD  1 
ATOM   234  C CE  . MET A 1 44  ? -15.071 6.896   -2.145  1.00 39.74  ? 116 MET A CE  1 
ATOM   235  N N   . VAL A 1 45  ? -10.741 7.059   1.128   1.00 34.75  ? 117 VAL A N   1 
ATOM   236  C CA  . VAL A 1 45  ? -9.388  7.573   0.980   1.00 36.37  ? 117 VAL A CA  1 
ATOM   237  C C   . VAL A 1 45  ? -9.133  7.991   -0.454  1.00 34.68  ? 117 VAL A C   1 
ATOM   238  O O   . VAL A 1 45  ? -9.191  7.170   -1.351  1.00 35.84  ? 117 VAL A O   1 
ATOM   239  C CB  . VAL A 1 45  ? -8.343  6.497   1.340   1.00 37.42  ? 117 VAL A CB  1 
ATOM   240  C CG1 . VAL A 1 45  ? -6.920  7.031   1.144   1.00 28.45  ? 117 VAL A CG1 1 
ATOM   241  C CG2 . VAL A 1 45  ? -8.563  5.997   2.757   1.00 33.81  ? 117 VAL A CG2 1 
ATOM   242  N N   . LYS A 1 46  ? -8.848  9.261   -0.680  1.00 29.19  ? 118 LYS A N   1 
ATOM   243  C CA  . LYS A 1 46  ? -8.388  9.671   -1.991  1.00 29.17  ? 118 LYS A CA  1 
ATOM   244  C C   . LYS A 1 46  ? -6.954  10.125  -1.853  1.00 32.38  ? 118 LYS A C   1 
ATOM   245  O O   . LYS A 1 46  ? -6.603  10.711  -0.834  1.00 31.88  ? 118 LYS A O   1 
ATOM   246  C CB  . LYS A 1 46  ? -9.217  10.836  -2.499  1.00 28.78  ? 118 LYS A CB  1 
ATOM   247  C CG  . LYS A 1 46  ? -10.673 10.709  -2.206  1.00 33.87  ? 118 LYS A CG  1 
ATOM   248  C CD  . LYS A 1 46  ? -11.432 11.778  -2.946  1.00 37.64  ? 118 LYS A CD  1 
ATOM   249  C CE  . LYS A 1 46  ? -12.902 11.423  -3.082  1.00 42.27  ? 118 LYS A CE  1 
ATOM   250  N NZ  . LYS A 1 46  ? -13.564 12.288  -4.096  1.00 42.26  ? 118 LYS A NZ  1 
ATOM   251  N N   . MET A 1 47  ? -6.121  9.873   -2.861  1.00 28.40  ? 119 MET A N   1 
ATOM   252  C CA  . MET A 1 47  ? -4.778  10.450  -2.856  1.00 31.28  ? 119 MET A CA  1 
ATOM   253  C C   . MET A 1 47  ? -4.274  10.862  -4.233  1.00 33.21  ? 119 MET A C   1 
ATOM   254  O O   . MET A 1 47  ? -4.663  10.287  -5.229  1.00 33.90  ? 119 MET A O   1 
ATOM   255  C CB  . MET A 1 47  ? -3.769  9.529   -2.166  1.00 29.94  ? 119 MET A CB  1 
ATOM   256  C CG  . MET A 1 47  ? -3.670  8.148   -2.739  1.00 29.69  ? 119 MET A CG  1 
ATOM   257  S SD  . MET A 1 47  ? -2.042  7.410   -2.499  1.00 33.86  ? 119 MET A SD  1 
ATOM   258  C CE  . MET A 1 47  ? -1.255  7.855   -4.043  1.00 29.59  ? 119 MET A CE  1 
ATOM   259  N N   . ASP A 1 48  ? -3.401  11.866  -4.280  1.00 32.42  ? 120 ASP A N   1 
ATOM   260  C CA  . ASP A 1 48  ? -2.838  12.304  -5.550  1.00 32.46  ? 120 ASP A CA  1 
ATOM   261  C C   . ASP A 1 48  ? -1.607  11.489  -5.892  1.00 32.83  ? 120 ASP A C   1 
ATOM   262  O O   . ASP A 1 48  ? -0.570  11.604  -5.253  1.00 36.73  ? 120 ASP A O   1 
ATOM   263  C CB  . ASP A 1 48  ? -2.498  13.788  -5.509  1.00 33.57  ? 120 ASP A CB  1 
ATOM   264  C CG  . ASP A 1 48  ? -2.162  14.339  -6.863  1.00 32.23  ? 120 ASP A CG  1 
ATOM   265  O OD1 . ASP A 1 48  ? -1.819  13.549  -7.757  1.00 32.43  ? 120 ASP A OD1 1 
ATOM   266  O OD2 . ASP A 1 48  ? -2.239  15.566  -7.030  1.00 33.50  ? 120 ASP A OD2 1 
ATOM   267  N N   . GLN A 1 49  ? -1.742  10.646  -6.902  1.00 32.75  ? 121 GLN A N   1 
ATOM   268  C CA  . GLN A 1 49  ? -0.674  9.764   -7.350  1.00 34.54  ? 121 GLN A CA  1 
ATOM   269  C C   . GLN A 1 49  ? 0.538   10.567  -7.853  1.00 35.35  ? 121 GLN A C   1 
ATOM   270  O O   . GLN A 1 49  ? 1.656   10.061  -7.911  1.00 34.09  ? 121 GLN A O   1 
ATOM   271  C CB  . GLN A 1 49  ? -1.235  8.858   -8.457  1.00 34.72  ? 121 GLN A CB  1 
ATOM   272  C CG  . GLN A 1 49  ? -0.385  7.694   -8.856  1.00 38.13  ? 121 GLN A CG  1 
ATOM   273  C CD  . GLN A 1 49  ? -0.433  6.592   -7.851  1.00 44.89  ? 121 GLN A CD  1 
ATOM   274  O OE1 . GLN A 1 49  ? 0.425   6.502   -6.963  1.00 48.57  ? 121 GLN A OE1 1 
ATOM   275  N NE2 . GLN A 1 49  ? -1.440  5.729   -7.973  1.00 39.80  ? 121 GLN A NE2 1 
ATOM   276  N N   . ALA A 1 50  ? 0.310   11.827  -8.197  1.00 31.02  ? 122 ALA A N   1 
ATOM   277  C CA  . ALA A 1 50  ? 1.318   12.614  -8.885  1.00 30.03  ? 122 ALA A CA  1 
ATOM   278  C C   . ALA A 1 50  ? 2.430   13.146  -7.973  1.00 37.57  ? 122 ALA A C   1 
ATOM   279  O O   . ALA A 1 50  ? 3.327   13.863  -8.427  1.00 38.32  ? 122 ALA A O   1 
ATOM   280  C CB  . ALA A 1 50  ? 0.657   13.753  -9.649  1.00 30.45  ? 122 ALA A CB  1 
ATOM   281  N N   . ILE A 1 51  ? 2.382   12.795  -6.691  1.00 37.66  ? 123 ILE A N   1 
ATOM   282  C CA  . ILE A 1 51  ? 3.313   13.369  -5.726  1.00 36.18  ? 123 ILE A CA  1 
ATOM   283  C C   . ILE A 1 51  ? 4.428   12.404  -5.369  1.00 41.45  ? 123 ILE A C   1 
ATOM   284  O O   . ILE A 1 51  ? 4.177   11.294  -4.892  1.00 37.42  ? 123 ILE A O   1 
ATOM   285  C CB  . ILE A 1 51  ? 2.631   13.790  -4.401  1.00 34.54  ? 123 ILE A CB  1 
ATOM   286  C CG1 . ILE A 1 51  ? 1.450   14.737  -4.626  1.00 27.75  ? 123 ILE A CG1 1 
ATOM   287  C CG2 . ILE A 1 51  ? 3.658   14.412  -3.462  1.00 35.47  ? 123 ILE A CG2 1 
ATOM   288  C CD1 . ILE A 1 51  ? 1.776   15.979  -5.394  1.00 27.83  ? 123 ILE A CD1 1 
ATOM   289  N N   . MET A 1 52  ? 5.663   12.855  -5.560  1.00 44.25  ? 124 MET A N   1 
ATOM   290  C CA  . MET A 1 52  ? 6.822   12.011  -5.312  1.00 40.42  ? 124 MET A CA  1 
ATOM   291  C C   . MET A 1 52  ? 7.853   12.675  -4.388  1.00 40.02  ? 124 MET A C   1 
ATOM   292  O O   . MET A 1 52  ? 8.150   13.864  -4.508  1.00 41.62  ? 124 MET A O   1 
ATOM   293  C CB  . MET A 1 52  ? 7.442   11.587  -6.650  1.00 43.74  ? 124 MET A CB  1 
ATOM   294  C CG  . MET A 1 52  ? 6.382   11.147  -7.682  1.00 51.12  ? 124 MET A CG  1 
ATOM   295  S SD  . MET A 1 52  ? 6.747   9.667   -8.678  1.00 61.72  ? 124 MET A SD  1 
ATOM   296  C CE  . MET A 1 52  ? 7.084   8.454   -7.404  1.00 47.19  ? 124 MET A CE  1 
ATOM   297  N N   . ASP A 1 53  ? 8.373   11.892  -3.452  1.00 36.21  ? 125 ASP A N   1 
ATOM   298  C CA  . ASP A 1 53  ? 9.453   12.327  -2.587  1.00 33.58  ? 125 ASP A CA  1 
ATOM   299  C C   . ASP A 1 53  ? 9.172   13.644  -1.920  1.00 33.73  ? 125 ASP A C   1 
ATOM   300  O O   . ASP A 1 53  ? 9.992   14.547  -1.980  1.00 36.26  ? 125 ASP A O   1 
ATOM   301  C CB  . ASP A 1 53  ? 10.745  12.469  -3.379  1.00 36.78  ? 125 ASP A CB  1 
ATOM   302  C CG  . ASP A 1 53  ? 11.970  12.238  -2.525  1.00 42.64  ? 125 ASP A CG  1 
ATOM   303  O OD1 . ASP A 1 53  ? 11.807  11.902  -1.328  1.00 44.05  ? 125 ASP A OD1 1 
ATOM   304  O OD2 . ASP A 1 53  ? 13.091  12.373  -3.054  1.00 37.20  ? 125 ASP A OD2 1 
ATOM   305  N N   . LYS A 1 54  ? 8.015   13.765  -1.292  1.00 31.00  ? 126 LYS A N   1 
ATOM   306  C CA  . LYS A 1 54  ? 7.722   14.953  -0.514  1.00 31.67  ? 126 LYS A CA  1 
ATOM   307  C C   . LYS A 1 54  ? 7.457   14.522  0.908   1.00 31.19  ? 126 LYS A C   1 
ATOM   308  O O   . LYS A 1 54  ? 7.125   13.373  1.151   1.00 30.33  ? 126 LYS A O   1 
ATOM   309  C CB  . LYS A 1 54  ? 6.518   15.692  -1.088  1.00 31.59  ? 126 LYS A CB  1 
ATOM   310  C CG  . LYS A 1 54  ? 6.665   16.031  -2.557  1.00 33.85  ? 126 LYS A CG  1 
ATOM   311  C CD  . LYS A 1 54  ? 7.397   17.339  -2.780  1.00 31.23  ? 126 LYS A CD  1 
ATOM   312  C CE  . LYS A 1 54  ? 8.363   17.249  -3.951  1.00 31.23  ? 126 LYS A CE  1 
ATOM   313  N NZ  . LYS A 1 54  ? 9.744   16.841  -3.524  1.00 34.09  ? 126 LYS A NZ  1 
ATOM   314  N N   . ARG A 1 55  ? 7.632   15.419  1.866   1.00 31.00  ? 127 ARG A N   1 
ATOM   315  C CA  . ARG A 1 55  ? 7.272   15.045  3.207   1.00 27.57  ? 127 ARG A CA  1 
ATOM   316  C C   . ARG A 1 55  ? 5.825   15.394  3.349   1.00 27.98  ? 127 ARG A C   1 
ATOM   317  O O   . ARG A 1 55  ? 5.393   16.472  2.926   1.00 30.92  ? 127 ARG A O   1 
ATOM   318  C CB  . ARG A 1 55  ? 8.098   15.766  4.252   1.00 27.54  ? 127 ARG A CB  1 
ATOM   319  C CG  . ARG A 1 55  ? 7.868   15.202  5.631   1.00 25.61  ? 127 ARG A CG  1 
ATOM   320  C CD  . ARG A 1 55  ? 8.540   16.026  6.712   1.00 34.87  ? 127 ARG A CD  1 
ATOM   321  N NE  . ARG A 1 55  ? 8.026   17.395  6.767   1.00 37.88  ? 127 ARG A NE  1 
ATOM   322  C CZ  . ARG A 1 55  ? 8.357   18.285  7.695   1.00 34.18  ? 127 ARG A CZ  1 
ATOM   323  N NH1 . ARG A 1 55  ? 9.208   17.966  8.664   1.00 31.48  ? 127 ARG A NH1 1 
ATOM   324  N NH2 . ARG A 1 55  ? 7.832   19.497  7.649   1.00 34.34  ? 127 ARG A NH2 1 
ATOM   325  N N   . ILE A 1 56  ? 5.083   14.458  3.923   1.00 24.00  ? 128 ILE A N   1 
ATOM   326  C CA  . ILE A 1 56  ? 3.654   14.586  4.115   1.00 24.29  ? 128 ILE A CA  1 
ATOM   327  C C   . ILE A 1 56  ? 3.374   14.552  5.590   1.00 25.04  ? 128 ILE A C   1 
ATOM   328  O O   . ILE A 1 56  ? 3.956   13.768  6.330   1.00 27.11  ? 128 ILE A O   1 
ATOM   329  C CB  . ILE A 1 56  ? 2.877   13.393  3.497   1.00 28.65  ? 128 ILE A CB  1 
ATOM   330  C CG1 . ILE A 1 56  ? 3.261   13.159  2.034   1.00 22.96  ? 128 ILE A CG1 1 
ATOM   331  C CG2 . ILE A 1 56  ? 1.362   13.596  3.629   1.00 29.00  ? 128 ILE A CG2 1 
ATOM   332  C CD1 . ILE A 1 56  ? 2.836   14.251  1.119   1.00 24.55  ? 128 ILE A CD1 1 
ATOM   333  N N   . THR A 1 57  ? 2.452   15.395  6.014   1.00 25.83  ? 129 THR A N   1 
ATOM   334  C CA  . THR A 1 57  ? 2.095   15.481  7.410   1.00 27.93  ? 129 THR A CA  1 
ATOM   335  C C   . THR A 1 57  ? 0.611   15.241  7.530   1.00 27.72  ? 129 THR A C   1 
ATOM   336  O O   . THR A 1 57  ? -0.175  15.818  6.798   1.00 28.98  ? 129 THR A O   1 
ATOM   337  C CB  . THR A 1 57  ? 2.423   16.872  7.956   1.00 28.02  ? 129 THR A CB  1 
ATOM   338  O OG1 . THR A 1 57  ? 3.738   17.244  7.528   1.00 31.63  ? 129 THR A OG1 1 
ATOM   339  C CG2 . THR A 1 57  ? 2.347   16.901  9.471   1.00 27.66  ? 129 THR A CG2 1 
ATOM   340  N N   . LEU A 1 58  ? 0.225   14.386  8.459   1.00 26.77  ? 130 LEU A N   1 
ATOM   341  C CA  . LEU A 1 58  ? -1.169  14.033  8.608   1.00 28.86  ? 130 LEU A CA  1 
ATOM   342  C C   . LEU A 1 58  ? -1.772  14.768  9.773   1.00 34.33  ? 130 LEU A C   1 
ATOM   343  O O   . LEU A 1 58  ? -1.375  14.563  10.912  1.00 37.10  ? 130 LEU A O   1 
ATOM   344  C CB  . LEU A 1 58  ? -1.309  12.533  8.840   1.00 32.72  ? 130 LEU A CB  1 
ATOM   345  C CG  . LEU A 1 58  ? -0.481  11.686  7.875   1.00 30.25  ? 130 LEU A CG  1 
ATOM   346  C CD1 . LEU A 1 58  ? -0.452  10.265  8.329   1.00 22.72  ? 130 LEU A CD1 1 
ATOM   347  C CD2 . LEU A 1 58  ? -1.018  11.797  6.465   1.00 27.80  ? 130 LEU A CD2 1 
ATOM   348  N N   . LYS A 1 59  ? -2.732  15.634  9.476   1.00 36.97  ? 131 LYS A N   1 
ATOM   349  C CA  . LYS A 1 59  ? -3.483  16.341  10.496  1.00 33.29  ? 131 LYS A CA  1 
ATOM   350  C C   . LYS A 1 59  ? -4.899  15.807  10.441  1.00 29.17  ? 131 LYS A C   1 
ATOM   351  O O   . LYS A 1 59  ? -5.451  15.674  9.363   1.00 32.22  ? 131 LYS A O   1 
ATOM   352  C CB  . LYS A 1 59  ? -3.486  17.833  10.189  1.00 30.12  ? 131 LYS A CB  1 
ATOM   353  C CG  . LYS A 1 59  ? -2.121  18.464  10.080  1.00 28.90  ? 131 LYS A CG  1 
ATOM   354  C CD  . LYS A 1 59  ? -2.247  19.878  9.516   1.00 35.84  ? 131 LYS A CD  1 
ATOM   355  C CE  . LYS A 1 59  ? -1.147  20.808  10.014  1.00 40.15  ? 131 LYS A CE  1 
ATOM   356  N NZ  . LYS A 1 59  ? -1.683  21.923  10.860  1.00 46.85  ? 131 LYS A NZ  1 
ATOM   357  N N   . ALA A 1 60  ? -5.499  15.514  11.587  1.00 30.51  ? 132 ALA A N   1 
ATOM   358  C CA  . ALA A 1 60  ? -6.846  14.948  11.605  1.00 28.95  ? 132 ALA A CA  1 
ATOM   359  C C   . ALA A 1 60  ? -7.782  15.595  12.616  1.00 29.55  ? 132 ALA A C   1 
ATOM   360  O O   . ALA A 1 60  ? -7.490  15.642  13.802  1.00 31.30  ? 132 ALA A O   1 
ATOM   361  C CB  . ALA A 1 60  ? -6.765  13.463  11.874  1.00 27.44  ? 132 ALA A CB  1 
ATOM   362  N N   . ASN A 1 61  ? -8.922  16.078  12.150  1.00 28.79  ? 133 ASN A N   1 
ATOM   363  C CA  . ASN A 1 61  ? -9.982  16.454  13.075  1.00 31.81  ? 133 ASN A CA  1 
ATOM   364  C C   . ASN A 1 61  ? -10.918 15.285  13.361  1.00 34.54  ? 133 ASN A C   1 
ATOM   365  O O   . ASN A 1 61  ? -11.526 14.730  12.452  1.00 36.29  ? 133 ASN A O   1 
ATOM   366  C CB  . ASN A 1 61  ? -10.778 17.629  12.539  1.00 30.83  ? 133 ASN A CB  1 
ATOM   367  C CG  . ASN A 1 61  ? -10.006 18.906  12.591  1.00 32.71  ? 133 ASN A CG  1 
ATOM   368  O OD1 . ASN A 1 61  ? -8.805  18.899  12.812  1.00 35.62  ? 133 ASN A OD1 1 
ATOM   369  N ND2 . ASN A 1 61  ? -10.687 20.017  12.393  1.00 32.86  ? 133 ASN A ND2 1 
ATOM   370  N N   . PHE A 1 62  ? -11.040 14.916  14.627  1.00 34.34  ? 134 PHE A N   1 
ATOM   371  C CA  . PHE A 1 62  ? -11.832 13.756  14.994  1.00 35.33  ? 134 PHE A CA  1 
ATOM   372  C C   . PHE A 1 62  ? -12.341 13.803  16.426  1.00 40.23  ? 134 PHE A C   1 
ATOM   373  O O   . PHE A 1 62  ? -11.795 14.502  17.277  1.00 40.54  ? 134 PHE A O   1 
ATOM   374  C CB  . PHE A 1 62  ? -11.007 12.496  14.808  1.00 34.54  ? 134 PHE A CB  1 
ATOM   375  C CG  . PHE A 1 62  ? -9.710  12.521  15.543  1.00 37.55  ? 134 PHE A CG  1 
ATOM   376  C CD1 . PHE A 1 62  ? -9.571  11.866  16.753  1.00 38.42  ? 134 PHE A CD1 1 
ATOM   377  C CD2 . PHE A 1 62  ? -8.626  13.211  15.031  1.00 35.49  ? 134 PHE A CD2 1 
ATOM   378  C CE1 . PHE A 1 62  ? -8.375  11.886  17.432  1.00 34.48  ? 134 PHE A CE1 1 
ATOM   379  C CE2 . PHE A 1 62  ? -7.434  13.232  15.705  1.00 35.33  ? 134 PHE A CE2 1 
ATOM   380  C CZ  . PHE A 1 62  ? -7.310  12.566  16.906  1.00 37.09  ? 134 PHE A CZ  1 
ATOM   381  N N   . SER A 1 63  ? -13.393 13.035  16.681  1.00 43.22  ? 135 SER A N   1 
ATOM   382  C CA  . SER A 1 63  ? -14.004 12.968  17.998  1.00 46.65  ? 135 SER A CA  1 
ATOM   383  C C   . SER A 1 63  ? -13.390 11.819  18.775  1.00 45.20  ? 135 SER A C   1 
ATOM   384  O O   . SER A 1 63  ? -13.244 10.721  18.251  1.00 42.40  ? 135 SER A O   1 
ATOM   385  C CB  . SER A 1 63  ? -15.527 12.792  17.881  1.00 45.36  ? 135 SER A CB  1 
ATOM   386  O OG  . SER A 1 63  ? -15.884 11.561  17.270  1.00 37.64  ? 135 SER A OG  1 
ATOM   387  N N   . VAL A 1 64  ? -13.011 12.077  20.020  1.00 46.64  ? 136 VAL A N   1 
ATOM   388  C CA  . VAL A 1 64  ? -12.477 11.017  20.859  1.00 52.84  ? 136 VAL A CA  1 
ATOM   389  C C   . VAL A 1 64  ? -13.438 10.657  21.982  1.00 57.83  ? 136 VAL A C   1 
ATOM   390  O O   . VAL A 1 64  ? -14.173 11.506  22.493  1.00 56.35  ? 136 VAL A O   1 
ATOM   391  C CB  . VAL A 1 64  ? -11.115 11.384  21.451  1.00 48.60  ? 136 VAL A CB  1 
ATOM   392  C CG1 . VAL A 1 64  ? -10.690 10.350  22.459  1.00 57.62  ? 136 VAL A CG1 1 
ATOM   393  C CG2 . VAL A 1 64  ? -10.097 11.476  20.359  1.00 50.48  ? 136 VAL A CG2 1 
ATOM   394  N N   . LEU A 1 65  ? -13.437 9.383   22.345  1.00 55.84  ? 137 LEU A N   1 
ATOM   395  C CA  . LEU A 1 65  ? -14.193 8.923   23.494  1.00 65.51  ? 137 LEU A CA  1 
ATOM   396  C C   . LEU A 1 65  ? -13.244 8.132   24.376  1.00 71.92  ? 137 LEU A C   1 
ATOM   397  O O   . LEU A 1 65  ? -12.444 7.334   23.885  1.00 71.53  ? 137 LEU A O   1 
ATOM   398  C CB  . LEU A 1 65  ? -15.378 8.064   23.059  1.00 68.44  ? 137 LEU A CB  1 
ATOM   399  C CG  . LEU A 1 65  ? -16.212 7.459   24.191  1.00 68.40  ? 137 LEU A CG  1 
ATOM   400  C CD1 . LEU A 1 65  ? -16.868 8.554   25.031  1.00 62.47  ? 137 LEU A CD1 1 
ATOM   401  C CD2 . LEU A 1 65  ? -17.253 6.481   23.646  1.00 68.22  ? 137 LEU A CD2 1 
ATOM   402  N N   . PHE A 1 66  ? -13.301 8.386   25.675  1.00 77.26  ? 138 PHE A N   1 
ATOM   403  C CA  . PHE A 1 66  ? -12.323 7.809   26.572  1.00 79.04  ? 138 PHE A CA  1 
ATOM   404  C C   . PHE A 1 66  ? -10.937 8.099   26.010  1.00 74.56  ? 138 PHE A C   1 
ATOM   405  O O   . PHE A 1 66  ? -10.667 9.197   25.523  1.00 73.86  ? 138 PHE A O   1 
ATOM   406  C CB  . PHE A 1 66  ? -12.538 6.301   26.704  1.00 77.72  ? 138 PHE A CB  1 
ATOM   407  C CG  . PHE A 1 66  ? -13.636 5.926   27.658  1.00 89.41  ? 138 PHE A CG  1 
ATOM   408  C CD1 . PHE A 1 66  ? -13.657 6.435   28.946  1.00 100.84 ? 138 PHE A CD1 1 
ATOM   409  C CD2 . PHE A 1 66  ? -14.647 5.063   27.268  1.00 84.80  ? 138 PHE A CD2 1 
ATOM   410  C CE1 . PHE A 1 66  ? -14.666 6.092   29.826  1.00 107.01 ? 138 PHE A CE1 1 
ATOM   411  C CE2 . PHE A 1 66  ? -15.658 4.716   28.143  1.00 95.50  ? 138 PHE A CE2 1 
ATOM   412  C CZ  . PHE A 1 66  ? -15.668 5.231   29.423  1.00 106.86 ? 138 PHE A CZ  1 
ATOM   413  N N   . ASP A 1 67  ? -10.062 7.109   26.094  1.00 70.71  ? 139 ASP A N   1 
ATOM   414  C CA  . ASP A 1 67  ? -8.689  7.330   25.673  1.00 72.50  ? 139 ASP A CA  1 
ATOM   415  C C   . ASP A 1 67  ? -8.459  6.722   24.298  1.00 70.23  ? 139 ASP A C   1 
ATOM   416  O O   . ASP A 1 67  ? -7.330  6.396   23.929  1.00 69.52  ? 139 ASP A O   1 
ATOM   417  C CB  . ASP A 1 67  ? -7.655  6.843   26.698  1.00 76.99  ? 139 ASP A CB  1 
ATOM   418  C CG  . ASP A 1 67  ? -7.308  7.909   27.747  1.00 76.81  ? 139 ASP A CG  1 
ATOM   419  O OD1 . ASP A 1 67  ? -7.564  9.116   27.517  1.00 72.00  ? 139 ASP A OD1 1 
ATOM   420  O OD2 . ASP A 1 67  ? -6.766  7.528   28.807  0.00 77.96  ? 139 ASP A OD2 1 
ATOM   421  N N   . GLN A 1 68  ? -9.541  6.578   23.537  1.00 67.89  ? 140 GLN A N   1 
ATOM   422  C CA  . GLN A 1 68  ? -9.427  6.093   22.167  1.00 69.83  ? 140 GLN A CA  1 
ATOM   423  C C   . GLN A 1 68  ? -10.362 6.834   21.221  1.00 62.35  ? 140 GLN A C   1 
ATOM   424  O O   . GLN A 1 68  ? -11.296 7.499   21.659  1.00 63.05  ? 140 GLN A O   1 
ATOM   425  C CB  . GLN A 1 68  ? -9.685  4.586   22.117  1.00 72.93  ? 140 GLN A CB  1 
ATOM   426  C CG  . GLN A 1 68  ? -8.966  3.885   20.970  1.00 80.17  ? 140 GLN A CG  1 
ATOM   427  C CD  . GLN A 1 68  ? -9.437  2.455   20.777  1.00 91.10  ? 140 GLN A CD  1 
ATOM   428  O OE1 . GLN A 1 68  ? -10.271 1.961   21.535  1.00 98.44  ? 140 GLN A OE1 1 
ATOM   429  N NE2 . GLN A 1 68  ? -8.908  1.784   19.754  1.00 87.24  ? 140 GLN A NE2 1 
ATOM   430  N N   . LEU A 1 69  ? -10.110 6.715   19.918  1.00 56.79  ? 141 LEU A N   1 
ATOM   431  C CA  . LEU A 1 69  ? -10.850 7.465   18.891  1.00 60.50  ? 141 LEU A CA  1 
ATOM   432  C C   . LEU A 1 69  ? -12.297 7.005   18.679  1.00 59.94  ? 141 LEU A C   1 
ATOM   433  O O   . LEU A 1 69  ? -12.640 5.857   18.961  1.00 63.51  ? 141 LEU A O   1 
ATOM   434  C CB  . LEU A 1 69  ? -10.093 7.430   17.561  1.00 55.78  ? 141 LEU A CB  1 
ATOM   435  C CG  . LEU A 1 69  ? -10.837 7.979   16.342  1.00 49.92  ? 141 LEU A CG  1 
ATOM   436  C CD1 . LEU A 1 69  ? -9.869  8.640   15.374  1.00 38.83  ? 141 LEU A CD1 1 
ATOM   437  C CD2 . LEU A 1 69  ? -11.626 6.877   15.652  1.00 53.14  ? 141 LEU A CD2 1 
ATOM   438  N N   . GLU A 1 70  ? -13.139 7.913   18.187  1.00 54.16  ? 142 GLU A N   1 
ATOM   439  C CA  . GLU A 1 70  ? -14.567 7.626   18.015  1.00 50.81  ? 142 GLU A CA  1 
ATOM   440  C C   . GLU A 1 70  ? -15.107 7.830   16.593  1.00 52.87  ? 142 GLU A C   1 
ATOM   441  O O   . GLU A 1 70  ? -15.727 6.928   16.028  1.00 46.87  ? 142 GLU A O   1 
ATOM   442  C CB  . GLU A 1 70  ? -15.395 8.450   19.007  1.00 49.16  ? 142 GLU A CB  1 
ATOM   443  C CG  . GLU A 1 70  ? -16.810 7.935   19.210  1.00 59.06  ? 142 GLU A CG  1 
ATOM   444  C CD  . GLU A 1 70  ? -16.860 6.700   20.086  1.00 71.16  ? 142 GLU A CD  1 
ATOM   445  O OE1 . GLU A 1 70  ? -15.783 6.179   20.444  1.00 68.54  ? 142 GLU A OE1 1 
ATOM   446  O OE2 . GLU A 1 70  ? -17.977 6.248   20.417  1.00 73.09  ? 142 GLU A OE2 1 
ATOM   447  N N   . THR A 1 71  ? -14.880 9.010   16.022  1.00 49.17  ? 143 THR A N   1 
ATOM   448  C CA  . THR A 1 71  ? -15.410 9.336   14.703  1.00 44.48  ? 143 THR A CA  1 
ATOM   449  C C   . THR A 1 71  ? -14.526 10.330  13.948  1.00 39.27  ? 143 THR A C   1 
ATOM   450  O O   . THR A 1 71  ? -14.455 11.501  14.308  1.00 34.65  ? 143 THR A O   1 
ATOM   451  C CB  . THR A 1 71  ? -16.863 9.876   14.814  1.00 41.03  ? 143 THR A CB  1 
ATOM   452  O OG1 . THR A 1 71  ? -17.732 8.808   15.197  1.00 39.69  ? 143 THR A OG1 1 
ATOM   453  C CG2 . THR A 1 71  ? -17.356 10.445  13.498  1.00 31.89  ? 143 THR A CG2 1 
ATOM   454  N N   . LEU A 1 72  ? -13.855 9.857   12.899  1.00 38.99  ? 144 LEU A N   1 
ATOM   455  C CA  . LEU A 1 72  ? -13.076 10.743  12.053  1.00 33.22  ? 144 LEU A CA  1 
ATOM   456  C C   . LEU A 1 72  ? -14.037 11.701  11.411  1.00 32.77  ? 144 LEU A C   1 
ATOM   457  O O   . LEU A 1 72  ? -15.084 11.294  10.933  1.00 32.68  ? 144 LEU A O   1 
ATOM   458  C CB  . LEU A 1 72  ? -12.330 9.982   10.964  1.00 28.63  ? 144 LEU A CB  1 
ATOM   459  C CG  . LEU A 1 72  ? -11.552 10.884  10.004  1.00 28.73  ? 144 LEU A CG  1 
ATOM   460  C CD1 . LEU A 1 72  ? -10.278 11.384  10.656  1.00 28.70  ? 144 LEU A CD1 1 
ATOM   461  C CD2 . LEU A 1 72  ? -11.233 10.148  8.725   1.00 26.38  ? 144 LEU A CD2 1 
ATOM   462  N N   . VAL A 1 73  ? -13.699 12.981  11.432  1.00 32.02  ? 145 VAL A N   1 
ATOM   463  C CA  . VAL A 1 73  ? -14.477 13.947  10.697  1.00 30.13  ? 145 VAL A CA  1 
ATOM   464  C C   . VAL A 1 73  ? -13.746 14.052  9.381   1.00 29.46  ? 145 VAL A C   1 
ATOM   465  O O   . VAL A 1 73  ? -14.359 14.082  8.323   1.00 31.10  ? 145 VAL A O   1 
ATOM   466  C CB  . VAL A 1 73  ? -14.661 15.251  11.469  1.00 34.76  ? 145 VAL A CB  1 
ATOM   467  C CG1 . VAL A 1 73  ? -15.690 16.141  10.762  1.00 29.94  ? 145 VAL A CG1 1 
ATOM   468  C CG2 . VAL A 1 73  ? -15.083 14.951  12.898  1.00 34.66  ? 145 VAL A CG2 1 
ATOM   469  N N   . SER A 1 74  ? -12.427 14.109  9.455   1.00 28.38  ? 146 SER A N   1 
ATOM   470  C CA  . SER A 1 74  ? -11.608 14.153  8.261   1.00 26.85  ? 146 SER A CA  1 
ATOM   471  C C   . SER A 1 74  ? -10.174 14.054  8.646   1.00 28.96  ? 146 SER A C   1 
ATOM   472  O O   . SER A 1 74  ? -9.784  14.423  9.741   1.00 36.20  ? 146 SER A O   1 
ATOM   473  C CB  . SER A 1 74  ? -11.880 15.468  7.560   1.00 25.98  ? 146 SER A CB  1 
ATOM   474  O OG  . SER A 1 74  ? -10.942 15.654  6.523   1.00 29.79  ? 146 SER A OG  1 
ATOM   475  N N   . LEU A 1 75  ? -9.380  13.575  7.716   1.00 28.18  ? 147 LEU A N   1 
ATOM   476  C CA  . LEU A 1 75  ? -7.961  13.518  7.907   1.00 26.43  ? 147 LEU A CA  1 
ATOM   477  C C   . LEU A 1 75  ? -7.445  13.987  6.584   1.00 26.74  ? 147 LEU A C   1 
ATOM   478  O O   . LEU A 1 75  ? -7.775  13.418  5.559   1.00 33.27  ? 147 LEU A O   1 
ATOM   479  C CB  . LEU A 1 75  ? -7.491  12.097  8.191   1.00 23.57  ? 147 LEU A CB  1 
ATOM   480  C CG  . LEU A 1 75  ? -6.027  11.875  8.554   1.00 20.77  ? 147 LEU A CG  1 
ATOM   481  C CD1 . LEU A 1 75  ? -5.845  10.468  8.991   1.00 19.53  ? 147 LEU A CD1 1 
ATOM   482  C CD2 . LEU A 1 75  ? -5.138  12.169  7.393   1.00 24.31  ? 147 LEU A CD2 1 
ATOM   483  N N   . ARG A 1 76  ? -6.663  15.046  6.583   1.00 23.77  ? 148 ARG A N   1 
ATOM   484  C CA  . ARG A 1 76  ? -6.056  15.469  5.346   1.00 24.69  ? 148 ARG A CA  1 
ATOM   485  C C   . ARG A 1 76  ? -4.540  15.388  5.458   1.00 29.22  ? 148 ARG A C   1 
ATOM   486  O O   . ARG A 1 76  ? -4.001  15.227  6.545   1.00 28.30  ? 148 ARG A O   1 
ATOM   487  C CB  . ARG A 1 76  ? -6.559  16.846  4.956   1.00 26.19  ? 148 ARG A CB  1 
ATOM   488  C CG  . ARG A 1 76  ? -8.050  16.863  4.780   1.00 27.43  ? 148 ARG A CG  1 
ATOM   489  C CD  . ARG A 1 76  ? -8.605  18.258  4.613   1.00 29.70  ? 148 ARG A CD  1 
ATOM   490  N NE  . ARG A 1 76  ? -9.865  18.214  3.882   1.00 34.50  ? 148 ARG A NE  1 
ATOM   491  C CZ  . ARG A 1 76  ? -10.270 19.150  3.033   1.00 37.76  ? 148 ARG A CZ  1 
ATOM   492  N NH1 . ARG A 1 76  ? -9.521  20.218  2.831   1.00 41.57  ? 148 ARG A NH1 1 
ATOM   493  N NH2 . ARG A 1 76  ? -11.421 19.029  2.391   1.00 37.75  ? 148 ARG A NH2 1 
ATOM   494  N N   . ALA A 1 77  ? -3.859  15.440  4.322   1.00 29.67  ? 149 ALA A N   1 
ATOM   495  C CA  . ALA A 1 77  ? -2.423  15.265  4.297   1.00 27.06  ? 149 ALA A CA  1 
ATOM   496  C C   . ALA A 1 77  ? -1.847  16.367  3.469   1.00 30.80  ? 149 ALA A C   1 
ATOM   497  O O   . ALA A 1 77  ? -2.355  16.674  2.398   1.00 30.05  ? 149 ALA A O   1 
ATOM   498  C CB  . ALA A 1 77  ? -2.057  13.947  3.709   1.00 28.67  ? 149 ALA A CB  1 
ATOM   499  N N   . PHE A 1 78  ? -0.779  16.964  3.984   1.00 32.60  ? 150 PHE A N   1 
ATOM   500  C CA  . PHE A 1 78  ? -0.232  18.184  3.428   1.00 30.07  ? 150 PHE A CA  1 
ATOM   501  C C   . PHE A 1 78  ? 1.238   17.989  3.126   1.00 31.11  ? 150 PHE A C   1 
ATOM   502  O O   . PHE A 1 78  ? 1.936   17.252  3.823   1.00 32.01  ? 150 PHE A O   1 
ATOM   503  C CB  . PHE A 1 78  ? -0.381  19.332  4.435   1.00 30.61  ? 150 PHE A CB  1 
ATOM   504  C CG  . PHE A 1 78  ? -1.757  19.458  5.036   1.00 27.61  ? 150 PHE A CG  1 
ATOM   505  C CD1 . PHE A 1 78  ? -2.622  20.445  4.614   1.00 30.17  ? 150 PHE A CD1 1 
ATOM   506  C CD2 . PHE A 1 78  ? -2.178  18.596  6.033   1.00 28.30  ? 150 PHE A CD2 1 
ATOM   507  C CE1 . PHE A 1 78  ? -3.884  20.565  5.166   1.00 29.09  ? 150 PHE A CE1 1 
ATOM   508  C CE2 . PHE A 1 78  ? -3.434  18.715  6.589   1.00 28.94  ? 150 PHE A CE2 1 
ATOM   509  C CZ  . PHE A 1 78  ? -4.287  19.699  6.154   1.00 27.61  ? 150 PHE A CZ  1 
ATOM   510  N N   . THR A 1 79  ? 1.729   18.676  2.103   1.00 31.57  ? 151 THR A N   1 
ATOM   511  C CA  . THR A 1 79  ? 3.162   18.742  1.876   1.00 34.28  ? 151 THR A CA  1 
ATOM   512  C C   . THR A 1 79  ? 3.685   19.840  2.790   1.00 32.02  ? 151 THR A C   1 
ATOM   513  O O   . THR A 1 79  ? 2.899   20.574  3.388   1.00 27.94  ? 151 THR A O   1 
ATOM   514  C CB  . THR A 1 79  ? 3.492   19.086  0.416   1.00 33.14  ? 151 THR A CB  1 
ATOM   515  O OG1 . THR A 1 79  ? 2.626   20.134  -0.039  1.00 28.79  ? 151 THR A OG1 1 
ATOM   516  C CG2 . THR A 1 79  ? 3.312   17.865  -0.473  1.00 28.95  ? 151 THR A CG2 1 
ATOM   517  N N   . ASP A 1 80  ? 5.001   19.948  2.946   1.00 34.64  ? 152 ASP A N   1 
ATOM   518  C CA  . ASP A 1 80  ? 5.543   21.038  3.750   1.00 27.90  ? 152 ASP A CA  1 
ATOM   519  C C   . ASP A 1 80  ? 4.978   22.313  3.146   1.00 30.00  ? 152 ASP A C   1 
ATOM   520  O O   . ASP A 1 80  ? 4.978   23.383  3.754   1.00 25.67  ? 152 ASP A O   1 
ATOM   521  C CB  . ASP A 1 80  ? 7.070   21.048  3.691   1.00 24.54  ? 152 ASP A CB  1 
ATOM   522  C CG  . ASP A 1 80  ? 7.691   19.918  4.488   1.00 31.05  ? 152 ASP A CG  1 
ATOM   523  O OD1 . ASP A 1 80  ? 7.003   19.360  5.368   1.00 32.03  ? 152 ASP A OD1 1 
ATOM   524  O OD2 . ASP A 1 80  ? 8.868   19.586  4.233   1.00 29.89  ? 152 ASP A OD2 1 
ATOM   525  N N   . ASP A 1 81  ? 4.502   22.152  1.928   1.00 39.26  ? 153 ASP A N   1 
ATOM   526  C CA  . ASP A 1 81  ? 3.932   23.188  1.101   1.00 35.98  ? 153 ASP A CA  1 
ATOM   527  C C   . ASP A 1 81  ? 2.605   23.775  1.596   1.00 33.03  ? 153 ASP A C   1 
ATOM   528  O O   . ASP A 1 81  ? 2.205   24.845  1.158   1.00 29.90  ? 153 ASP A O   1 
ATOM   529  C CB  . ASP A 1 81  ? 3.722   22.550  -0.262  1.00 34.56  ? 153 ASP A CB  1 
ATOM   530  C CG  . ASP A 1 81  ? 3.326   23.524  -1.273  1.00 39.61  ? 153 ASP A CG  1 
ATOM   531  O OD1 . ASP A 1 81  ? 3.589   24.714  -1.036  1.00 44.52  ? 153 ASP A OD1 1 
ATOM   532  O OD2 . ASP A 1 81  ? 2.761   23.104  -2.299  1.00 49.63  ? 153 ASP A OD2 1 
ATOM   533  N N   . GLY A 1 82  ? 1.921   23.067  2.494   1.00 30.96  ? 154 GLY A N   1 
ATOM   534  C CA  . GLY A 1 82  ? 0.593   23.457  2.924   1.00 22.62  ? 154 GLY A CA  1 
ATOM   535  C C   . GLY A 1 82  ? -0.529  22.897  2.055   1.00 32.96  ? 154 GLY A C   1 
ATOM   536  O O   . GLY A 1 82  ? -1.666  22.759  2.501   1.00 36.57  ? 154 GLY A O   1 
ATOM   537  N N   . ALA A 1 83  ? -0.226  22.577  0.802   1.00 37.69  ? 155 ALA A N   1 
ATOM   538  C CA  . ALA A 1 83  ? -1.201  21.935  -0.070  1.00 27.71  ? 155 ALA A CA  1 
ATOM   539  C C   . ALA A 1 83  ? -1.511  20.532  0.424   1.00 30.57  ? 155 ALA A C   1 
ATOM   540  O O   . ALA A 1 83  ? -0.606  19.788  0.811   1.00 29.58  ? 155 ALA A O   1 
ATOM   541  C CB  . ALA A 1 83  ? -0.688  21.887  -1.467  1.00 27.64  ? 155 ALA A CB  1 
ATOM   542  N N   . ILE A 1 84  ? -2.804  20.198  0.415   1.00 35.36  ? 156 ILE A N   1 
ATOM   543  C CA  . ILE A 1 84  ? -3.336  18.899  0.829   1.00 28.89  ? 156 ILE A CA  1 
ATOM   544  C C   . ILE A 1 84  ? -3.297  17.964  -0.355  1.00 31.67  ? 156 ILE A C   1 
ATOM   545  O O   . ILE A 1 84  ? -3.838  18.284  -1.408  1.00 35.88  ? 156 ILE A O   1 
ATOM   546  C CB  . ILE A 1 84  ? -4.822  18.999  1.179   1.00 28.84  ? 156 ILE A CB  1 
ATOM   547  C CG1 . ILE A 1 84  ? -5.118  20.266  1.951   1.00 29.80  ? 156 ILE A CG1 1 
ATOM   548  C CG2 . ILE A 1 84  ? -5.271  17.793  1.953   1.00 32.12  ? 156 ILE A CG2 1 
ATOM   549  C CD1 . ILE A 1 84  ? -6.548  20.431  2.255   1.00 32.53  ? 156 ILE A CD1 1 
ATOM   550  N N   . VAL A 1 85  ? -2.691  16.798  -0.184  1.00 31.24  ? 157 VAL A N   1 
ATOM   551  C CA  . VAL A 1 85  ? -2.549  15.850  -1.286  1.00 29.80  ? 157 VAL A CA  1 
ATOM   552  C C   . VAL A 1 85  ? -3.363  14.559  -1.108  1.00 29.82  ? 157 VAL A C   1 
ATOM   553  O O   . VAL A 1 85  ? -3.403  13.710  -1.996  1.00 26.33  ? 157 VAL A O   1 
ATOM   554  C CB  . VAL A 1 85  ? -1.081  15.493  -1.496  1.00 27.29  ? 157 VAL A CB  1 
ATOM   555  C CG1 . VAL A 1 85  ? -0.303  16.724  -1.934  1.00 30.14  ? 157 VAL A CG1 1 
ATOM   556  C CG2 . VAL A 1 85  ? -0.507  14.900  -0.233  1.00 24.43  ? 157 VAL A CG2 1 
ATOM   557  N N   . ALA A 1 86  ? -4.013  14.426  0.043   1.00 29.93  ? 158 ALA A N   1 
ATOM   558  C CA  . ALA A 1 86  ? -4.773  13.232  0.349   1.00 28.60  ? 158 ALA A CA  1 
ATOM   559  C C   . ALA A 1 86  ? -5.881  13.597  1.315   1.00 31.44  ? 158 ALA A C   1 
ATOM   560  O O   . ALA A 1 86  ? -5.793  14.597  2.019   1.00 30.58  ? 158 ALA A O   1 
ATOM   561  C CB  . ALA A 1 86  ? -3.866  12.178  0.959   1.00 24.89  ? 158 ALA A CB  1 
ATOM   562  N N   . GLU A 1 87  ? -6.935  12.795  1.335   1.00 28.28  ? 159 GLU A N   1 
ATOM   563  C CA  . GLU A 1 87  ? -7.949  12.948  2.357   1.00 29.98  ? 159 GLU A CA  1 
ATOM   564  C C   . GLU A 1 87  ? -8.705  11.678  2.675   1.00 32.31  ? 159 GLU A C   1 
ATOM   565  O O   . GLU A 1 87  ? -9.186  10.969  1.795   1.00 33.83  ? 159 GLU A O   1 
ATOM   566  C CB  . GLU A 1 87  ? -8.957  14.031  2.010   1.00 30.21  ? 159 GLU A CB  1 
ATOM   567  C CG  . GLU A 1 87  ? -10.044 14.078  3.056   1.00 31.64  ? 159 GLU A CG  1 
ATOM   568  C CD  . GLU A 1 87  ? -10.983 15.222  2.873   1.00 35.23  ? 159 GLU A CD  1 
ATOM   569  O OE1 . GLU A 1 87  ? -11.052 15.750  1.742   1.00 32.55  ? 159 GLU A OE1 1 
ATOM   570  O OE2 . GLU A 1 87  ? -11.653 15.585  3.865   1.00 33.07  ? 159 GLU A OE2 1 
ATOM   571  N N   . ILE A 1 88  ? -8.835  11.420  3.962   1.00 28.87  ? 160 ILE A N   1 
ATOM   572  C CA  . ILE A 1 88  ? -9.616  10.302  4.428   1.00 32.26  ? 160 ILE A CA  1 
ATOM   573  C C   . ILE A 1 88  ? -10.905 10.836  5.042   1.00 33.08  ? 160 ILE A C   1 
ATOM   574  O O   . ILE A 1 88  ? -10.934 11.280  6.183   1.00 31.25  ? 160 ILE A O   1 
ATOM   575  C CB  . ILE A 1 88  ? -8.798  9.461   5.417   1.00 31.23  ? 160 ILE A CB  1 
ATOM   576  C CG1 . ILE A 1 88  ? -7.488  9.033   4.739   1.00 27.93  ? 160 ILE A CG1 1 
ATOM   577  C CG2 . ILE A 1 88  ? -9.615  8.280   5.936   1.00 29.17  ? 160 ILE A CG2 1 
ATOM   578  C CD1 . ILE A 1 88  ? -6.517  8.300   5.618   1.00 23.93  ? 160 ILE A CD1 1 
ATOM   579  N N   . SER A 1 89  ? -11.973 10.809  4.258   1.00 36.13  ? 161 SER A N   1 
ATOM   580  C CA  . SER A 1 89  ? -13.237 11.367  4.698   1.00 33.09  ? 161 SER A CA  1 
ATOM   581  C C   . SER A 1 89  ? -14.322 10.314  4.751   1.00 38.63  ? 161 SER A C   1 
ATOM   582  O O   . SER A 1 89  ? -14.258 9.308   4.042   1.00 34.38  ? 161 SER A O   1 
ATOM   583  C CB  . SER A 1 89  ? -13.674 12.460  3.744   1.00 27.90  ? 161 SER A CB  1 
ATOM   584  O OG  . SER A 1 89  ? -13.617 11.967  2.426   1.00 38.11  ? 161 SER A OG  1 
ATOM   585  N N   . PRO A 1 90  ? -15.339 10.573  5.568   1.00 43.57  ? 162 PRO A N   1 
ATOM   586  C CA  . PRO A 1 90  ? -16.494 9.679   5.685   1.00 37.42  ? 162 PRO A CA  1 
ATOM   587  C C   . PRO A 1 90  ? -17.421 9.777   4.476   1.00 40.67  ? 162 PRO A C   1 
ATOM   588  O O   . PRO A 1 90  ? -17.866 10.865  4.112   1.00 34.11  ? 162 PRO A O   1 
ATOM   589  C CB  . PRO A 1 90  ? -17.207 10.198  6.936   1.00 35.55  ? 162 PRO A CB  1 
ATOM   590  C CG  . PRO A 1 90  ? -16.914 11.655  6.951   1.00 29.93  ? 162 PRO A CG  1 
ATOM   591  C CD  . PRO A 1 90  ? -15.499 11.794  6.466   1.00 32.92  ? 162 PRO A CD  1 
ATOM   592  N N   . ILE A 1 91  ? -17.701 8.630   3.868   1.00 48.51  ? 163 ILE A N   1 
ATOM   593  C CA  . ILE A 1 91  ? -18.580 8.535   2.709   1.00 44.06  ? 163 ILE A CA  1 
ATOM   594  C C   . ILE A 1 91  ? -19.961 9.042   3.067   1.00 49.18  ? 163 ILE A C   1 
ATOM   595  O O   . ILE A 1 91  ? -20.538 8.632   4.069   1.00 50.07  ? 163 ILE A O   1 
ATOM   596  C CB  . ILE A 1 91  ? -18.753 7.120   2.215   1.00 41.45  ? 163 ILE A CB  1 
ATOM   597  C CG1 . ILE A 1 91  ? -17.591 6.734   1.320   1.00 38.27  ? 163 ILE A CG1 1 
ATOM   598  C CG2 . ILE A 1 91  ? -20.008 7.043   1.403   1.00 48.93  ? 163 ILE A CG2 1 
ATOM   599  C CD1 . ILE A 1 91  ? -16.436 6.240   2.071   1.00 36.46  ? 163 ILE A CD1 1 
ATOM   600  N N   . PRO A 1 92  ? -20.494 9.947   2.246   1.00 52.58  ? 164 PRO A N   1 
ATOM   601  C CA  . PRO A 1 92  ? -21.775 10.603  2.519   1.00 50.18  ? 164 PRO A CA  1 
ATOM   602  C C   . PRO A 1 92  ? -23.013 9.695   2.363   1.00 62.25  ? 164 PRO A C   1 
ATOM   603  O O   . PRO A 1 92  ? -23.930 9.815   3.181   1.00 68.24  ? 164 PRO A O   1 
ATOM   604  C CB  . PRO A 1 92  ? -21.799 11.742  1.499   1.00 49.34  ? 164 PRO A CB  1 
ATOM   605  C CG  . PRO A 1 92  ? -20.354 11.929  1.083   1.00 52.51  ? 164 PRO A CG  1 
ATOM   606  C CD  . PRO A 1 92  ? -19.781 10.565  1.114   1.00 54.50  ? 164 PRO A CD  1 
ATOM   607  N N   . SER A 1 93  ? -23.033 8.817   1.355   1.00 61.17  ? 165 SER A N   1 
ATOM   608  C CA  . SER A 1 93  ? -24.204 7.973   1.075   1.00 56.59  ? 165 SER A CA  1 
ATOM   609  C C   . SER A 1 93  ? -24.527 7.075   2.253   1.00 56.57  ? 165 SER A C   1 
ATOM   610  O O   . SER A 1 93  ? -25.642 7.085   2.767   1.00 63.58  ? 165 SER A O   1 
ATOM   611  C CB  . SER A 1 93  ? -24.001 7.142   -0.193  1.00 51.18  ? 165 SER A CB  1 
ATOM   612  O OG  . SER A 1 93  ? -22.783 6.424   -0.132  1.00 55.05  ? 165 SER A OG  1 
ATOM   613  N N   . MET A 1 94  ? -23.550 6.277   2.654   1.00 52.40  ? 166 MET A N   1 
ATOM   614  C CA  . MET A 1 94  ? -23.548 5.674   3.976   1.00 54.65  ? 166 MET A CA  1 
ATOM   615  C C   . MET A 1 94  ? -22.512 6.493   4.718   1.00 63.12  ? 166 MET A C   1 
ATOM   616  O O   . MET A 1 94  ? -21.366 6.595   4.259   1.00 64.22  ? 166 MET A O   1 
ATOM   617  C CB  . MET A 1 94  ? -23.072 4.229   3.913   1.00 63.91  ? 166 MET A CB  1 
ATOM   618  C CG  . MET A 1 94  ? -21.543 4.061   3.800   1.00 53.41  ? 166 MET A CG  1 
ATOM   619  S SD  . MET A 1 94  ? -21.009 2.655   2.804   1.00 51.84  ? 166 MET A SD  1 
ATOM   620  C CE  . MET A 1 94  ? -20.150 3.463   1.470   1.00 51.05  ? 166 MET A CE  1 
ATOM   621  N N   . PRO A 1 95  ? -22.899 7.128   5.837   1.00 65.41  ? 167 PRO A N   1 
ATOM   622  C CA  . PRO A 1 95  ? -21.822 7.831   6.559   1.00 67.09  ? 167 PRO A CA  1 
ATOM   623  C C   . PRO A 1 95  ? -21.044 6.960   7.580   1.00 69.34  ? 167 PRO A C   1 
ATOM   624  O O   . PRO A 1 95  ? -19.820 7.147   7.679   1.00 56.80  ? 167 PRO A O   1 
ATOM   625  C CB  . PRO A 1 95  ? -22.550 8.993   7.253   1.00 70.82  ? 167 PRO A CB  1 
ATOM   626  C CG  . PRO A 1 95  ? -23.984 8.960   6.752   1.00 66.58  ? 167 PRO A CG  1 
ATOM   627  C CD  . PRO A 1 95  ? -24.241 7.572   6.251   1.00 63.55  ? 167 PRO A CD  1 
ATOM   628  N N   . GLY A 1 96  ? -21.718 6.045   8.291   1.00 57.58  ? 168 GLY A N   1 
ATOM   629  C CA  . GLY A 1 96  ? -21.072 5.216   9.295   1.00 45.34  ? 168 GLY A CA  1 
ATOM   630  C C   . GLY A 1 96  ? -19.803 4.475   8.875   1.00 45.19  ? 168 GLY A C   1 
ATOM   631  O O   . GLY A 1 96  ? -19.806 3.710   7.914   1.00 45.22  ? 168 GLY A O   1 
ATOM   632  N N   . HIS A 1 97  ? -18.708 4.728   9.590   1.00 44.34  ? 169 HIS A N   1 
ATOM   633  C CA  . HIS A 1 97  ? -17.485 3.938   9.503   1.00 38.30  ? 169 HIS A CA  1 
ATOM   634  C C   . HIS A 1 97  ? -17.157 3.532   10.917  1.00 42.13  ? 169 HIS A C   1 
ATOM   635  O O   . HIS A 1 97  ? -17.843 3.931   11.847  1.00 41.86  ? 169 HIS A O   1 
ATOM   636  C CB  . HIS A 1 97  ? -16.341 4.765   8.955   1.00 35.28  ? 169 HIS A CB  1 
ATOM   637  C CG  . HIS A 1 97  ? -16.265 6.136   9.537   1.00 35.10  ? 169 HIS A CG  1 
ATOM   638  N ND1 . HIS A 1 97  ? -15.719 6.390   10.776  1.00 36.58  ? 169 HIS A ND1 1 
ATOM   639  C CD2 . HIS A 1 97  ? -16.674 7.332   9.056   1.00 36.17  ? 169 HIS A CD2 1 
ATOM   640  C CE1 . HIS A 1 97  ? -15.784 7.683   11.028  1.00 30.95  ? 169 HIS A CE1 1 
ATOM   641  N NE2 . HIS A 1 97  ? -16.363 8.277   10.000  1.00 32.02  ? 169 HIS A NE2 1 
ATOM   642  N N   . SER A 1 98  ? -16.110 2.746   11.100  1.00 44.22  ? 170 SER A N   1 
ATOM   643  C CA  . SER A 1 98  ? -15.802 2.261   12.438  1.00 44.70  ? 170 SER A CA  1 
ATOM   644  C C   . SER A 1 98  ? -14.433 2.724   12.888  1.00 42.68  ? 170 SER A C   1 
ATOM   645  O O   . SER A 1 98  ? -13.708 3.351   12.128  1.00 39.43  ? 170 SER A O   1 
ATOM   646  C CB  . SER A 1 98  ? -15.880 0.739   12.491  1.00 47.05  ? 170 SER A CB  1 
ATOM   647  O OG  . SER A 1 98  ? -15.060 0.152   11.493  1.00 52.83  ? 170 SER A OG  1 
ATOM   648  N N   . THR A 1 99  ? -14.091 2.414   14.134  1.00 44.39  ? 171 THR A N   1 
ATOM   649  C CA  . THR A 1 99  ? -12.794 2.777   14.681  1.00 43.65  ? 171 THR A CA  1 
ATOM   650  C C   . THR A 1 99  ? -11.750 2.042   13.875  1.00 47.52  ? 171 THR A C   1 
ATOM   651  O O   . THR A 1 99  ? -10.726 2.603   13.479  1.00 50.31  ? 171 THR A O   1 
ATOM   652  C CB  . THR A 1 99  ? -12.671 2.374   16.168  1.00 47.71  ? 171 THR A CB  1 
ATOM   653  O OG1 . THR A 1 99  ? -13.665 3.051   16.946  1.00 50.69  ? 171 THR A OG1 1 
ATOM   654  C CG2 . THR A 1 99  ? -11.299 2.732   16.707  1.00 45.91  ? 171 THR A CG2 1 
ATOM   655  N N   . GLU A 1 100 ? -12.033 0.776   13.611  1.00 50.23  ? 172 GLU A N   1 
ATOM   656  C CA  . GLU A 1 100 ? -11.080 -0.083  12.943  1.00 47.62  ? 172 GLU A CA  1 
ATOM   657  C C   . GLU A 1 100 ? -10.985 0.321   11.485  1.00 42.80  ? 172 GLU A C   1 
ATOM   658  O O   . GLU A 1 100 ? -9.929  0.237   10.875  1.00 44.20  ? 172 GLU A O   1 
ATOM   659  C CB  . GLU A 1 100 ? -11.503 -1.535  13.109  1.00 48.85  ? 172 GLU A CB  1 
ATOM   660  C CG  . GLU A 1 100 ? -10.404 -2.519  12.825  1.00 55.19  ? 172 GLU A CG  1 
ATOM   661  C CD  . GLU A 1 100 ? -10.666 -3.268  11.542  1.00 63.43  ? 172 GLU A CD  1 
ATOM   662  O OE1 . GLU A 1 100 ? -11.571 -2.841  10.793  1.00 59.27  ? 172 GLU A OE1 1 
ATOM   663  O OE2 . GLU A 1 100 ? -9.981  -4.282  11.288  1.00 67.36  ? 172 GLU A OE2 1 
ATOM   664  N N   . ASP A 1 101 ? -12.098 0.785   10.937  1.00 41.98  ? 173 ASP A N   1 
ATOM   665  C CA  . ASP A 1 101 ? -12.118 1.321   9.587   1.00 42.25  ? 173 ASP A CA  1 
ATOM   666  C C   . ASP A 1 101 ? -11.020 2.353   9.421   1.00 39.68  ? 173 ASP A C   1 
ATOM   667  O O   . ASP A 1 101 ? -10.166 2.251   8.547   1.00 39.28  ? 173 ASP A O   1 
ATOM   668  C CB  . ASP A 1 101 ? -13.459 1.994   9.327   1.00 39.99  ? 173 ASP A CB  1 
ATOM   669  C CG  . ASP A 1 101 ? -14.463 1.063   8.726   1.00 40.75  ? 173 ASP A CG  1 
ATOM   670  O OD1 . ASP A 1 101 ? -14.192 -0.153  8.659   1.00 40.66  ? 173 ASP A OD1 1 
ATOM   671  O OD2 . ASP A 1 101 ? -15.527 1.556   8.315   1.00 42.86  ? 173 ASP A OD2 1 
ATOM   672  N N   . VAL A 1 102 ? -11.072 3.360   10.278  1.00 41.69  ? 174 VAL A N   1 
ATOM   673  C CA  . VAL A 1 102 ? -10.111 4.447   10.291  1.00 39.51  ? 174 VAL A CA  1 
ATOM   674  C C   . VAL A 1 102 ? -8.669  3.934   10.352  1.00 37.86  ? 174 VAL A C   1 
ATOM   675  O O   . VAL A 1 102 ? -7.816  4.385   9.592   1.00 33.47  ? 174 VAL A O   1 
ATOM   676  C CB  . VAL A 1 102 ? -10.398 5.395   11.477  1.00 37.45  ? 174 VAL A CB  1 
ATOM   677  C CG1 . VAL A 1 102 ? -9.473  6.572   11.446  1.00 33.19  ? 174 VAL A CG1 1 
ATOM   678  C CG2 . VAL A 1 102 ? -11.847 5.873   11.436  1.00 33.96  ? 174 VAL A CG2 1 
ATOM   679  N N   . LYS A 1 103 ? -8.393  2.996   11.250  1.00 36.11  ? 175 LYS A N   1 
ATOM   680  C CA  . LYS A 1 103 ? -7.065  2.406   11.305  1.00 32.29  ? 175 LYS A CA  1 
ATOM   681  C C   . LYS A 1 103 ? -6.696  1.867   9.933   1.00 33.73  ? 175 LYS A C   1 
ATOM   682  O O   . LYS A 1 103 ? -5.545  1.911   9.530   1.00 39.37  ? 175 LYS A O   1 
ATOM   683  C CB  . LYS A 1 103 ? -7.007  1.255   12.308  1.00 43.01  ? 175 LYS A CB  1 
ATOM   684  C CG  . LYS A 1 103 ? -7.427  1.563   13.743  1.00 47.22  ? 175 LYS A CG  1 
ATOM   685  C CD  . LYS A 1 103 ? -7.481  0.243   14.543  1.00 60.97  ? 175 LYS A CD  1 
ATOM   686  C CE  . LYS A 1 103 ? -8.105  0.389   15.935  1.00 60.63  ? 175 LYS A CE  1 
ATOM   687  N NZ  . LYS A 1 103 ? -7.162  0.941   16.953  1.00 55.74  ? 175 LYS A NZ  1 
ATOM   688  N N   . ASN A 1 104 ? -7.670  1.336   9.211   1.00 31.88  ? 176 ASN A N   1 
ATOM   689  C CA  . ASN A 1 104 ? -7.372  0.727   7.928   1.00 31.50  ? 176 ASN A CA  1 
ATOM   690  C C   . ASN A 1 104 ? -7.145  1.752   6.834   1.00 30.08  ? 176 ASN A C   1 
ATOM   691  O O   . ASN A 1 104 ? -6.231  1.626   6.041   1.00 30.67  ? 176 ASN A O   1 
ATOM   692  C CB  . ASN A 1 104 ? -8.479  -0.236  7.528   1.00 35.81  ? 176 ASN A CB  1 
ATOM   693  C CG  . ASN A 1 104 ? -8.556  -1.444  8.437   1.00 41.33  ? 176 ASN A CG  1 
ATOM   694  O OD1 . ASN A 1 104 ? -9.642  -1.885  8.796   1.00 47.06  ? 176 ASN A OD1 1 
ATOM   695  N ND2 . ASN A 1 104 ? -7.403  -1.993  8.806   1.00 36.45  ? 176 ASN A ND2 1 
ATOM   696  N N   . ALA A 1 105 ? -7.986  2.770   6.793   1.00 28.80  ? 177 ALA A N   1 
ATOM   697  C CA  . ALA A 1 105 ? -7.852  3.834   5.812   1.00 28.83  ? 177 ALA A CA  1 
ATOM   698  C C   . ALA A 1 105 ? -6.464  4.456   5.868   1.00 30.15  ? 177 ALA A C   1 
ATOM   699  O O   . ALA A 1 105 ? -5.830  4.731   4.849   1.00 27.46  ? 177 ALA A O   1 
ATOM   700  C CB  . ALA A 1 105 ? -8.895  4.887   6.074   1.00 31.75  ? 177 ALA A CB  1 
ATOM   701  N N   . ILE A 1 106 ? -6.007  4.681   7.089   1.00 31.28  ? 178 ILE A N   1 
ATOM   702  C CA  . ILE A 1 106 ? -4.727  5.303   7.330   1.00 27.22  ? 178 ILE A CA  1 
ATOM   703  C C   . ILE A 1 106 ? -3.589  4.448   6.837   1.00 27.83  ? 178 ILE A C   1 
ATOM   704  O O   . ILE A 1 106 ? -2.750  4.916   6.069   1.00 26.51  ? 178 ILE A O   1 
ATOM   705  C CB  . ILE A 1 106 ? -4.544  5.581   8.813   1.00 29.03  ? 178 ILE A CB  1 
ATOM   706  C CG1 . ILE A 1 106 ? -5.387  6.798   9.203   1.00 27.78  ? 178 ILE A CG1 1 
ATOM   707  C CG2 . ILE A 1 106 ? -3.079  5.801   9.123   1.00 29.81  ? 178 ILE A CG2 1 
ATOM   708  C CD1 . ILE A 1 106 ? -5.251  7.218   10.622  1.00 25.88  ? 178 ILE A CD1 1 
ATOM   709  N N   . GLY A 1 107 ? -3.565  3.193   7.269   1.00 26.06  ? 179 GLY A N   1 
ATOM   710  C CA  . GLY A 1 107 ? -2.542  2.268   6.815   1.00 31.27  ? 179 GLY A CA  1 
ATOM   711  C C   . GLY A 1 107 ? -2.485  2.182   5.300   1.00 28.54  ? 179 GLY A C   1 
ATOM   712  O O   . GLY A 1 107 ? -1.412  2.153   4.698   1.00 26.35  ? 179 GLY A O   1 
ATOM   713  N N   . ILE A 1 108 ? -3.667  2.140   4.700   1.00 27.64  ? 180 ILE A N   1 
ATOM   714  C CA  . ILE A 1 108 ? -3.850  2.139   3.260   1.00 26.71  ? 180 ILE A CA  1 
ATOM   715  C C   . ILE A 1 108 ? -3.252  3.363   2.599   1.00 30.40  ? 180 ILE A C   1 
ATOM   716  O O   . ILE A 1 108 ? -2.728  3.279   1.485   1.00 29.78  ? 180 ILE A O   1 
ATOM   717  C CB  . ILE A 1 108 ? -5.349  2.169   2.931   1.00 36.42  ? 180 ILE A CB  1 
ATOM   718  C CG1 . ILE A 1 108 ? -5.984  0.789   3.094   1.00 33.77  ? 180 ILE A CG1 1 
ATOM   719  C CG2 . ILE A 1 108 ? -5.592  2.703   1.524   1.00 34.68  ? 180 ILE A CG2 1 
ATOM   720  C CD1 . ILE A 1 108 ? -7.483  0.824   2.910   1.00 33.05  ? 180 ILE A CD1 1 
ATOM   721  N N   . LEU A 1 109 ? -3.361  4.507   3.279   1.00 30.35  ? 181 LEU A N   1 
ATOM   722  C CA  . LEU A 1 109 ? -2.951  5.798   2.725   1.00 25.92  ? 181 LEU A CA  1 
ATOM   723  C C   . LEU A 1 109 ? -1.458  6.028   2.826   1.00 26.50  ? 181 LEU A C   1 
ATOM   724  O O   . LEU A 1 109 ? -0.813  6.522   1.902   1.00 25.36  ? 181 LEU A O   1 
ATOM   725  C CB  . LEU A 1 109 ? -3.639  6.909   3.479   1.00 25.86  ? 181 LEU A CB  1 
ATOM   726  C CG  . LEU A 1 109 ? -3.149  8.254   2.980   1.00 24.68  ? 181 LEU A CG  1 
ATOM   727  C CD1 . LEU A 1 109 ? -3.566  8.441   1.541   1.00 23.22  ? 181 LEU A CD1 1 
ATOM   728  C CD2 . LEU A 1 109 ? -3.715  9.340   3.855   1.00 24.27  ? 181 LEU A CD2 1 
ATOM   729  N N   . ILE A 1 110 ? -0.922  5.694   3.985   1.00 25.23  ? 182 ILE A N   1 
ATOM   730  C CA  . ILE A 1 110 ? 0.501   5.653   4.175   1.00 21.36  ? 182 ILE A CA  1 
ATOM   731  C C   . ILE A 1 110 ? 1.090   4.871   3.035   1.00 25.49  ? 182 ILE A C   1 
ATOM   732  O O   . ILE A 1 110 ? 1.937   5.369   2.298   1.00 22.54  ? 182 ILE A O   1 
ATOM   733  C CB  . ILE A 1 110 ? 0.785   4.871   5.421   1.00 24.72  ? 182 ILE A CB  1 
ATOM   734  C CG1 . ILE A 1 110 ? 0.214   5.614   6.627   1.00 28.53  ? 182 ILE A CG1 1 
ATOM   735  C CG2 . ILE A 1 110 ? 2.259   4.579   5.555   1.00 26.16  ? 182 ILE A CG2 1 
ATOM   736  C CD1 . ILE A 1 110 ? 0.758   6.979   6.812   1.00 23.14  ? 182 ILE A CD1 1 
ATOM   737  N N   . GLY A 1 111 ? 0.603   3.639   2.895   1.00 28.52  ? 183 GLY A N   1 
ATOM   738  C CA  . GLY A 1 111 ? 1.132   2.671   1.954   1.00 24.39  ? 183 GLY A CA  1 
ATOM   739  C C   . GLY A 1 111 ? 1.110   3.134   0.523   1.00 24.59  ? 183 GLY A C   1 
ATOM   740  O O   . GLY A 1 111 ? 2.094   2.985   -0.193  1.00 25.51  ? 183 GLY A O   1 
ATOM   741  N N   . GLY A 1 112 ? -0.021  3.700   0.117   1.00 27.28  ? 184 GLY A N   1 
ATOM   742  C CA  . GLY A 1 112 ? -0.209  4.211   -1.229  1.00 25.54  ? 184 GLY A CA  1 
ATOM   743  C C   . GLY A 1 112 ? 0.645   5.419   -1.519  1.00 28.80  ? 184 GLY A C   1 
ATOM   744  O O   . GLY A 1 112 ? 1.060   5.636   -2.650  1.00 35.79  ? 184 GLY A O   1 
ATOM   745  N N   . LEU A 1 113 ? 0.909   6.208   -0.485  1.00 29.31  ? 185 LEU A N   1 
ATOM   746  C CA  . LEU A 1 113 ? 1.790   7.356   -0.591  1.00 24.64  ? 185 LEU A CA  1 
ATOM   747  C C   . LEU A 1 113 ? 3.253   6.963   -0.585  1.00 26.87  ? 185 LEU A C   1 
ATOM   748  O O   . LEU A 1 113 ? 3.992   7.349   -1.474  1.00 31.81  ? 185 LEU A O   1 
ATOM   749  C CB  . LEU A 1 113 ? 1.536   8.308   0.566   1.00 22.69  ? 185 LEU A CB  1 
ATOM   750  C CG  . LEU A 1 113 ? 0.275   9.158   0.448   1.00 21.21  ? 185 LEU A CG  1 
ATOM   751  C CD1 . LEU A 1 113 ? -0.104  9.652   1.788   1.00 19.39  ? 185 LEU A CD1 1 
ATOM   752  C CD2 . LEU A 1 113 ? 0.461   10.316  -0.506  1.00 15.66  ? 185 LEU A CD2 1 
ATOM   753  N N   . GLU A 1 114 ? 3.652   6.180   0.416   1.00 26.20  ? 186 GLU A N   1 
ATOM   754  C CA  . GLU A 1 114 ? 5.020   5.682   0.561   1.00 25.29  ? 186 GLU A CA  1 
ATOM   755  C C   . GLU A 1 114 ? 5.583   4.932   -0.639  1.00 29.73  ? 186 GLU A C   1 
ATOM   756  O O   . GLU A 1 114 ? 6.766   4.603   -0.643  1.00 30.73  ? 186 GLU A O   1 
ATOM   757  C CB  . GLU A 1 114 ? 5.128   4.766   1.778   1.00 26.50  ? 186 GLU A CB  1 
ATOM   758  C CG  . GLU A 1 114 ? 4.945   5.484   3.091   1.00 30.46  ? 186 GLU A CG  1 
ATOM   759  C CD  . GLU A 1 114 ? 5.360   4.651   4.291   1.00 34.25  ? 186 GLU A CD  1 
ATOM   760  O OE1 . GLU A 1 114 ? 5.112   3.415   4.288   1.00 32.37  ? 186 GLU A OE1 1 
ATOM   761  O OE2 . GLU A 1 114 ? 5.922   5.248   5.245   1.00 31.40  ? 186 GLU A OE2 1 
ATOM   762  N N   . TRP A 1 115 ? 4.746   4.637   -1.634  1.00 31.13  ? 187 TRP A N   1 
ATOM   763  C CA  . TRP A 1 115 ? 5.205   3.994   -2.863  1.00 28.08  ? 187 TRP A CA  1 
ATOM   764  C C   . TRP A 1 115 ? 5.902   5.005   -3.767  1.00 33.37  ? 187 TRP A C   1 
ATOM   765  O O   . TRP A 1 115 ? 6.828   4.668   -4.505  1.00 39.79  ? 187 TRP A O   1 
ATOM   766  C CB  . TRP A 1 115 ? 4.034   3.353   -3.609  1.00 34.03  ? 187 TRP A CB  1 
ATOM   767  C CG  . TRP A 1 115 ? 3.885   1.842   -3.401  1.00 36.10  ? 187 TRP A CG  1 
ATOM   768  C CD1 . TRP A 1 115 ? 2.899   1.195   -2.704  1.00 34.56  ? 187 TRP A CD1 1 
ATOM   769  C CD2 . TRP A 1 115 ? 4.740   0.816   -3.920  1.00 31.82  ? 187 TRP A CD2 1 
ATOM   770  N NE1 . TRP A 1 115 ? 3.093   -0.163  -2.752  1.00 36.56  ? 187 TRP A NE1 1 
ATOM   771  C CE2 . TRP A 1 115 ? 4.218   -0.422  -3.489  1.00 33.52  ? 187 TRP A CE2 1 
ATOM   772  C CE3 . TRP A 1 115 ? 5.894   0.825   -4.707  1.00 30.91  ? 187 TRP A CE3 1 
ATOM   773  C CZ2 . TRP A 1 115 ? 4.814   -1.635  -3.812  1.00 33.41  ? 187 TRP A CZ2 1 
ATOM   774  C CZ3 . TRP A 1 115 ? 6.487   -0.378  -5.023  1.00 35.87  ? 187 TRP A CZ3 1 
ATOM   775  C CH2 . TRP A 1 115 ? 5.946   -1.594  -4.575  1.00 34.56  ? 187 TRP A CH2 1 
ATOM   776  N N   . ASN A 1 116 ? 5.456   6.252   -3.694  1.00 31.54  ? 188 ASN A N   1 
ATOM   777  C CA  . ASN A 1 116 ? 6.060   7.330   -4.451  1.00 29.43  ? 188 ASN A CA  1 
ATOM   778  C C   . ASN A 1 116 ? 7.273   7.907   -3.753  1.00 35.75  ? 188 ASN A C   1 
ATOM   779  O O   . ASN A 1 116 ? 7.688   9.016   -4.061  1.00 41.76  ? 188 ASN A O   1 
ATOM   780  C CB  . ASN A 1 116 ? 5.048   8.444   -4.649  1.00 38.29  ? 188 ASN A CB  1 
ATOM   781  C CG  . ASN A 1 116 ? 4.008   8.106   -5.687  1.00 44.55  ? 188 ASN A CG  1 
ATOM   782  O OD1 . ASN A 1 116 ? 4.345   7.793   -6.824  1.00 46.62  ? 188 ASN A OD1 1 
ATOM   783  N ND2 . ASN A 1 116 ? 2.733   8.180   -5.307  1.00 37.79  ? 188 ASN A ND2 1 
ATOM   784  N N   . ASP A 1 117 ? 7.828   7.164   -2.800  1.00 36.02  ? 189 ASP A N   1 
ATOM   785  C CA  . ASP A 1 117 ? 9.041   7.576   -2.082  1.00 35.12  ? 189 ASP A CA  1 
ATOM   786  C C   . ASP A 1 117 ? 8.817   8.776   -1.157  1.00 37.14  ? 189 ASP A C   1 
ATOM   787  O O   . ASP A 1 117 ? 9.709   9.601   -0.951  1.00 44.78  ? 189 ASP A O   1 
ATOM   788  C CB  . ASP A 1 117 ? 10.183  7.876   -3.057  1.00 38.29  ? 189 ASP A CB  1 
ATOM   789  C CG  . ASP A 1 117 ? 10.577  6.668   -3.893  1.00 48.48  ? 189 ASP A CG  1 
ATOM   790  O OD1 . ASP A 1 117 ? 10.635  5.540   -3.345  1.00 47.42  ? 189 ASP A OD1 1 
ATOM   791  O OD2 . ASP A 1 117 ? 10.833  6.856   -5.104  1.00 50.12  ? 189 ASP A OD2 1 
ATOM   792  N N   . ASN A 1 118 ? 7.622   8.850   -0.589  1.00 30.14  ? 190 ASN A N   1 
ATOM   793  C CA  . ASN A 1 118 ? 7.236   9.938   0.275   1.00 27.29  ? 190 ASN A CA  1 
ATOM   794  C C   . ASN A 1 118 ? 7.472   9.586   1.713   1.00 31.29  ? 190 ASN A C   1 
ATOM   795  O O   . ASN A 1 118 ? 7.405   8.420   2.086   1.00 27.76  ? 190 ASN A O   1 
ATOM   796  C CB  . ASN A 1 118 ? 5.772   10.259  0.075   1.00 27.56  ? 190 ASN A CB  1 
ATOM   797  C CG  . ASN A 1 118 ? 5.534   11.003  -1.186  1.00 33.92  ? 190 ASN A CG  1 
ATOM   798  O OD1 . ASN A 1 118 ? 6.412   11.724  -1.660  1.00 40.08  ? 190 ASN A OD1 1 
ATOM   799  N ND2 . ASN A 1 118 ? 4.352   10.843  -1.754  1.00 31.08  ? 190 ASN A ND2 1 
ATOM   800  N N   . SER A 1 119 ? 7.753   10.607  2.517   1.00 31.95  ? 191 SER A N   1 
ATOM   801  C CA  . SER A 1 119 ? 8.088   10.405  3.911   1.00 29.36  ? 191 SER A CA  1 
ATOM   802  C C   . SER A 1 119 ? 6.973   11.033  4.681   1.00 25.95  ? 191 SER A C   1 
ATOM   803  O O   . SER A 1 119 ? 6.539   12.123  4.354   1.00 28.98  ? 191 SER A O   1 
ATOM   804  C CB  . SER A 1 119 ? 9.430   11.057  4.234   1.00 29.44  ? 191 SER A CB  1 
ATOM   805  O OG  . SER A 1 119 ? 10.369  10.776  3.202   1.00 35.47  ? 191 SER A OG  1 
ATOM   806  N N   . ILE A 1 120 ? 6.489   10.328  5.689   1.00 24.16  ? 192 ILE A N   1 
ATOM   807  C CA  . ILE A 1 120 ? 5.287   10.739  6.376   1.00 25.98  ? 192 ILE A CA  1 
ATOM   808  C C   . ILE A 1 120 ? 5.573   11.081  7.820   1.00 30.75  ? 192 ILE A C   1 
ATOM   809  O O   . ILE A 1 120 ? 6.393   10.436  8.467   1.00 27.63  ? 192 ILE A O   1 
ATOM   810  C CB  . ILE A 1 120 ? 4.249   9.594   6.404   1.00 28.72  ? 192 ILE A CB  1 
ATOM   811  C CG1 . ILE A 1 120 ? 4.060   8.951   5.007   1.00 30.92  ? 192 ILE A CG1 1 
ATOM   812  C CG2 . ILE A 1 120 ? 2.945   10.061  7.078   1.00 24.28  ? 192 ILE A CG2 1 
ATOM   813  C CD1 . ILE A 1 120 ? 3.168   9.700   4.031   1.00 23.32  ? 192 ILE A CD1 1 
ATOM   814  N N   . ARG A 1 121 ? 4.881   12.087  8.333   1.00 29.06  ? 193 ARG A N   1 
ATOM   815  C CA  . ARG A 1 121 ? 4.851   12.291  9.766   1.00 30.99  ? 193 ARG A CA  1 
ATOM   816  C C   . ARG A 1 121 ? 3.430   12.574  10.230  1.00 31.22  ? 193 ARG A C   1 
ATOM   817  O O   . ARG A 1 121 ? 2.680   13.276  9.564   1.00 31.77  ? 193 ARG A O   1 
ATOM   818  C CB  . ARG A 1 121 ? 5.829   13.390  10.201  1.00 36.16  ? 193 ARG A CB  1 
ATOM   819  C CG  . ARG A 1 121 ? 5.654   14.731  9.519   1.00 33.46  ? 193 ARG A CG  1 
ATOM   820  C CD  . ARG A 1 121 ? 6.293   15.872  10.334  1.00 33.14  ? 193 ARG A CD  1 
ATOM   821  N NE  . ARG A 1 121 ? 5.906   17.174  9.786   1.00 35.60  ? 193 ARG A NE  1 
ATOM   822  C CZ  . ARG A 1 121 ? 6.127   18.350  10.367  1.00 39.77  ? 193 ARG A CZ  1 
ATOM   823  N NH1 . ARG A 1 121 ? 6.748   18.418  11.541  1.00 42.99  ? 193 ARG A NH1 1 
ATOM   824  N NH2 . ARG A 1 121 ? 5.717   19.465  9.767   1.00 39.83  ? 193 ARG A NH2 1 
ATOM   825  N N   . ALA A 1 122 ? 3.063   12.006  11.371  1.00 29.18  ? 194 ALA A N   1 
ATOM   826  C CA  . ALA A 1 122 ? 1.693   12.088  11.850  1.00 32.96  ? 194 ALA A CA  1 
ATOM   827  C C   . ALA A 1 122 ? 1.545   13.034  13.038  1.00 38.66  ? 194 ALA A C   1 
ATOM   828  O O   . ALA A 1 122 ? 2.467   13.208  13.833  1.00 40.86  ? 194 ALA A O   1 
ATOM   829  C CB  . ALA A 1 122 ? 1.184   10.707  12.212  1.00 31.59  ? 194 ALA A CB  1 
ATOM   830  N N   . SER A 1 123 ? 0.376   13.643  13.165  1.00 33.12  ? 195 SER A N   1 
ATOM   831  C CA  . SER A 1 123 ? 0.170   14.575  14.243  1.00 35.79  ? 195 SER A CA  1 
ATOM   832  C C   . SER A 1 123 ? 0.252   13.800  15.539  1.00 42.83  ? 195 SER A C   1 
ATOM   833  O O   . SER A 1 123 ? 0.064   12.590  15.549  1.00 40.51  ? 195 SER A O   1 
ATOM   834  C CB  . SER A 1 123 ? -1.182  15.252  14.114  1.00 36.55  ? 195 SER A CB  1 
ATOM   835  O OG  . SER A 1 123 ? -2.218  14.306  14.240  1.00 37.85  ? 195 SER A OG  1 
ATOM   836  N N   . GLU A 1 124 ? 0.563   14.499  16.627  1.00 52.00  ? 196 GLU A N   1 
ATOM   837  C CA  . GLU A 1 124 ? 0.665   13.865  17.932  1.00 50.19  ? 196 GLU A CA  1 
ATOM   838  C C   . GLU A 1 124 ? -0.636  13.137  18.141  1.00 42.65  ? 196 GLU A C   1 
ATOM   839  O O   . GLU A 1 124 ? -0.656  11.941  18.391  1.00 43.47  ? 196 GLU A O   1 
ATOM   840  C CB  . GLU A 1 124 ? 0.828   14.908  19.044  1.00 58.95  ? 196 GLU A CB  1 
ATOM   841  C CG  . GLU A 1 124 ? 1.709   16.114  18.705  1.00 67.65  ? 196 GLU A CG  1 
ATOM   842  C CD  . GLU A 1 124 ? 3.197   15.818  18.803  1.00 74.73  ? 196 GLU A CD  1 
ATOM   843  O OE1 . GLU A 1 124 ? 3.561   14.623  18.848  1.00 67.28  ? 196 GLU A OE1 1 
ATOM   844  O OE2 . GLU A 1 124 ? 4.001   16.782  18.832  1.00 84.94  ? 196 GLU A OE2 1 
ATOM   845  N N   . ASN A 1 125 ? -1.721  13.890  18.010  1.00 43.04  ? 197 ASN A N   1 
ATOM   846  C CA  . ASN A 1 125 ? -3.070  13.397  18.244  1.00 40.93  ? 197 ASN A CA  1 
ATOM   847  C C   . ASN A 1 125 ? -3.392  12.138  17.472  1.00 44.37  ? 197 ASN A C   1 
ATOM   848  O O   . ASN A 1 125 ? -4.034  11.233  17.995  1.00 49.20  ? 197 ASN A O   1 
ATOM   849  C CB  . ASN A 1 125 ? -4.091  14.474  17.910  1.00 38.00  ? 197 ASN A CB  1 
ATOM   850  C CG  . ASN A 1 125 ? -4.069  15.617  18.893  1.00 36.04  ? 197 ASN A CG  1 
ATOM   851  O OD1 . ASN A 1 125 ? -4.752  16.612  18.703  1.00 29.56  ? 197 ASN A OD1 1 
ATOM   852  N ND2 . ASN A 1 125 ? -3.283  15.479  19.958  1.00 45.29  ? 197 ASN A ND2 1 
ATOM   853  N N   . ILE A 1 126 ? -2.947  12.077  16.225  1.00 43.50  ? 198 ILE A N   1 
ATOM   854  C CA  . ILE A 1 126 ? -3.105  10.866  15.437  1.00 40.43  ? 198 ILE A CA  1 
ATOM   855  C C   . ILE A 1 126 ? -2.324  9.701   16.040  1.00 44.07  ? 198 ILE A C   1 
ATOM   856  O O   . ILE A 1 126 ? -2.859  8.599   16.189  1.00 48.54  ? 198 ILE A O   1 
ATOM   857  C CB  . ILE A 1 126 ? -2.677  11.084  13.988  1.00 38.01  ? 198 ILE A CB  1 
ATOM   858  C CG1 . ILE A 1 126 ? -3.598  12.111  13.328  1.00 36.41  ? 198 ILE A CG1 1 
ATOM   859  C CG2 . ILE A 1 126 ? -2.714  9.770   13.234  1.00 34.76  ? 198 ILE A CG2 1 
ATOM   860  C CD1 . ILE A 1 126 ? -3.168  12.540  11.944  1.00 34.74  ? 198 ILE A CD1 1 
ATOM   861  N N   . GLN A 1 127 ? -1.066  9.945   16.396  1.00 41.29  ? 199 GLN A N   1 
ATOM   862  C CA  . GLN A 1 127 ? -0.222  8.897   16.955  1.00 40.28  ? 199 GLN A CA  1 
ATOM   863  C C   . GLN A 1 127 ? -0.723  8.436   18.309  1.00 46.79  ? 199 GLN A C   1 
ATOM   864  O O   . GLN A 1 127 ? -0.578  7.268   18.665  1.00 50.51  ? 199 GLN A O   1 
ATOM   865  C CB  . GLN A 1 127 ? 1.198   9.388   17.119  1.00 37.16  ? 199 GLN A CB  1 
ATOM   866  C CG  . GLN A 1 127 ? 1.738   10.142  15.948  1.00 42.42  ? 199 GLN A CG  1 
ATOM   867  C CD  . GLN A 1 127 ? 3.240   10.302  16.038  1.00 45.79  ? 199 GLN A CD  1 
ATOM   868  O OE1 . GLN A 1 127 ? 3.907   9.555   16.760  1.00 43.48  ? 199 GLN A OE1 1 
ATOM   869  N NE2 . GLN A 1 127 ? 3.785   11.268  15.300  1.00 41.16  ? 199 GLN A NE2 1 
ATOM   870  N N   . ARG A 1 128 ? -1.289  9.373   19.064  1.00 46.45  ? 200 ARG A N   1 
ATOM   871  C CA  . ARG A 1 128 ? -1.851  9.092   20.382  1.00 48.52  ? 200 ARG A CA  1 
ATOM   872  C C   . ARG A 1 128 ? -3.047  8.166   20.292  1.00 49.10  ? 200 ARG A C   1 
ATOM   873  O O   . ARG A 1 128 ? -3.112  7.159   20.985  1.00 48.49  ? 200 ARG A O   1 
ATOM   874  C CB  . ARG A 1 128 ? -2.288  10.392  21.061  1.00 52.42  ? 200 ARG A CB  1 
ATOM   875  C CG  . ARG A 1 128 ? -3.139  10.202  22.325  1.00 54.01  ? 200 ARG A CG  1 
ATOM   876  C CD  . ARG A 1 128 ? -2.286  10.079  23.585  1.00 60.05  ? 200 ARG A CD  1 
ATOM   877  N NE  . ARG A 1 128 ? -3.008  10.496  24.785  1.00 64.66  ? 200 ARG A NE  1 
ATOM   878  C CZ  . ARG A 1 128 ? -3.796  9.702   25.508  1.00 75.53  ? 200 ARG A CZ  1 
ATOM   879  N NH1 . ARG A 1 128 ? -3.975  8.434   25.153  1.00 68.97  ? 200 ARG A NH1 1 
ATOM   880  N NH2 . ARG A 1 128 ? -4.414  10.178  26.585  1.00 75.79  ? 200 ARG A NH2 1 
ATOM   881  N N   . PHE A 1 129 ? -3.987  8.523   19.423  1.00 52.30  ? 201 PHE A N   1 
ATOM   882  C CA  . PHE A 1 129 ? -5.280  7.854   19.353  1.00 50.83  ? 201 PHE A CA  1 
ATOM   883  C C   . PHE A 1 129 ? -5.406  6.865   18.207  1.00 57.32  ? 201 PHE A C   1 
ATOM   884  O O   . PHE A 1 129 ? -6.443  6.221   18.052  1.00 61.58  ? 201 PHE A O   1 
ATOM   885  C CB  . PHE A 1 129 ? -6.394  8.883   19.269  1.00 48.72  ? 201 PHE A CB  1 
ATOM   886  C CG  . PHE A 1 129 ? -6.524  9.724   20.499  1.00 55.71  ? 201 PHE A CG  1 
ATOM   887  C CD1 . PHE A 1 129 ? -6.103  11.043  20.504  1.00 51.53  ? 201 PHE A CD1 1 
ATOM   888  C CD2 . PHE A 1 129 ? -7.059  9.188   21.665  1.00 63.61  ? 201 PHE A CD2 1 
ATOM   889  C CE1 . PHE A 1 129 ? -6.223  11.821  21.648  1.00 54.73  ? 201 PHE A CE1 1 
ATOM   890  C CE2 . PHE A 1 129 ? -7.187  9.958   22.811  1.00 61.80  ? 201 PHE A CE2 1 
ATOM   891  C CZ  . PHE A 1 129 ? -6.769  11.276  22.804  1.00 57.94  ? 201 PHE A CZ  1 
ATOM   892  N N   . ALA A 1 130 ? -4.349  6.740   17.411  1.00 53.50  ? 202 ALA A N   1 
ATOM   893  C CA  . ALA A 1 130 ? -4.298  5.709   16.387  1.00 51.05  ? 202 ALA A CA  1 
ATOM   894  C C   . ALA A 1 130 ? -2.866  5.212   16.190  1.00 54.96  ? 202 ALA A C   1 
ATOM   895  O O   . ALA A 1 130 ? -2.166  4.894   17.157  1.00 54.73  ? 202 ALA A O   1 
ATOM   896  C CB  . ALA A 1 130 ? -4.881  6.228   15.084  1.00 44.93  ? 202 ALA A CB  1 
ATOM   897  N N   . TYR B 1 17  ? 11.559  -27.933 -1.731  1.00 39.42  ? 89  TYR B N   1 
ATOM   898  C CA  . TYR B 1 17  ? 11.550  -26.902 -2.780  1.00 51.25  ? 89  TYR B CA  1 
ATOM   899  C C   . TYR B 1 17  ? 10.324  -26.845 -3.727  1.00 52.11  ? 89  TYR B C   1 
ATOM   900  O O   . TYR B 1 17  ? 9.907   -27.865 -4.280  1.00 52.01  ? 89  TYR B O   1 
ATOM   901  C CB  . TYR B 1 17  ? 12.810  -26.986 -3.631  1.00 50.50  ? 89  TYR B CB  1 
ATOM   902  C CG  . TYR B 1 17  ? 12.867  -25.862 -4.629  1.00 51.07  ? 89  TYR B CG  1 
ATOM   903  C CD1 . TYR B 1 17  ? 13.306  -24.596 -4.248  1.00 57.51  ? 89  TYR B CD1 1 
ATOM   904  C CD2 . TYR B 1 17  ? 12.451  -26.043 -5.938  1.00 51.85  ? 89  TYR B CD2 1 
ATOM   905  C CE1 . TYR B 1 17  ? 13.351  -23.538 -5.149  1.00 55.82  ? 89  TYR B CE1 1 
ATOM   906  C CE2 . TYR B 1 17  ? 12.494  -24.993 -6.857  1.00 60.51  ? 89  TYR B CE2 1 
ATOM   907  C CZ  . TYR B 1 17  ? 12.947  -23.737 -6.458  1.00 62.20  ? 89  TYR B CZ  1 
ATOM   908  O OH  . TYR B 1 17  ? 12.998  -22.685 -7.358  1.00 57.73  ? 89  TYR B OH  1 
ATOM   909  N N   . ILE B 1 18  ? 9.802   -25.634 -3.950  1.00 47.66  ? 90  ILE B N   1 
ATOM   910  C CA  . ILE B 1 18  ? 8.573   -25.406 -4.733  1.00 45.75  ? 90  ILE B CA  1 
ATOM   911  C C   . ILE B 1 18  ? 8.718   -24.490 -5.968  1.00 47.29  ? 90  ILE B C   1 
ATOM   912  O O   . ILE B 1 18  ? 9.594   -23.637 -6.019  1.00 53.85  ? 90  ILE B O   1 
ATOM   913  C CB  . ILE B 1 18  ? 7.455   -24.839 -3.843  1.00 44.49  ? 90  ILE B CB  1 
ATOM   914  C CG1 . ILE B 1 18  ? 6.799   -25.955 -3.030  1.00 46.77  ? 90  ILE B CG1 1 
ATOM   915  C CG2 . ILE B 1 18  ? 6.412   -24.120 -4.683  1.00 46.28  ? 90  ILE B CG2 1 
ATOM   916  C CD1 . ILE B 1 18  ? 5.355   -25.677 -2.674  1.00 40.47  ? 90  ILE B CD1 1 
ATOM   917  N N   . THR B 1 19  ? 7.839   -24.663 -6.955  1.00 47.70  ? 91  THR B N   1 
ATOM   918  C CA  . THR B 1 19  ? 7.942   -23.950 -8.229  1.00 46.21  ? 91  THR B CA  1 
ATOM   919  C C   . THR B 1 19  ? 6.592   -23.639 -8.862  1.00 48.68  ? 91  THR B C   1 
ATOM   920  O O   . THR B 1 19  ? 5.748   -24.525 -8.999  1.00 56.03  ? 91  THR B O   1 
ATOM   921  C CB  . THR B 1 19  ? 8.723   -24.781 -9.262  1.00 49.44  ? 91  THR B CB  1 
ATOM   922  O OG1 . THR B 1 19  ? 8.091   -26.066 -9.426  1.00 51.74  ? 91  THR B OG1 1 
ATOM   923  C CG2 . THR B 1 19  ? 10.172  -24.956 -8.821  1.00 43.58  ? 91  THR B CG2 1 
ATOM   924  N N   . ASP B 1 20  ? 6.403   -22.387 -9.275  1.00 43.03  ? 92  ASP B N   1 
ATOM   925  C CA  . ASP B 1 20  ? 5.192   -21.981 -9.971  1.00 35.92  ? 92  ASP B CA  1 
ATOM   926  C C   . ASP B 1 20  ? 5.513   -21.488 -11.359 1.00 39.70  ? 92  ASP B C   1 
ATOM   927  O O   . ASP B 1 20  ? 4.612   -21.196 -12.141 1.00 38.60  ? 92  ASP B O   1 
ATOM   928  C CB  . ASP B 1 20  ? 4.512   -20.838 -9.236  1.00 34.40  ? 92  ASP B CB  1 
ATOM   929  C CG  . ASP B 1 20  ? 3.946   -21.253 -7.918  1.00 36.30  ? 92  ASP B CG  1 
ATOM   930  O OD1 . ASP B 1 20  ? 4.001   -22.454 -7.609  1.00 38.46  ? 92  ASP B OD1 1 
ATOM   931  O OD2 . ASP B 1 20  ? 3.449   -20.377 -7.192  1.00 31.39  ? 92  ASP B OD2 1 
ATOM   932  N N   . MET B 1 21  ? 6.799   -21.376 -11.663 1.00 40.87  ? 93  MET B N   1 
ATOM   933  C CA  . MET B 1 21  ? 7.224   -20.666 -12.865 1.00 41.94  ? 93  MET B CA  1 
ATOM   934  C C   . MET B 1 21  ? 8.207   -21.454 -13.706 1.00 41.50  ? 93  MET B C   1 
ATOM   935  O O   . MET B 1 21  ? 9.125   -22.085 -13.184 1.00 44.62  ? 93  MET B O   1 
ATOM   936  C CB  . MET B 1 21  ? 7.866   -19.328 -12.485 1.00 43.17  ? 93  MET B CB  1 
ATOM   937  C CG  . MET B 1 21  ? 6.927   -18.326 -11.832 1.00 37.47  ? 93  MET B CG  1 
ATOM   938  S SD  . MET B 1 21  ? 7.753   -16.763 -11.507 1.00 34.82  ? 93  MET B SD  1 
ATOM   939  C CE  . MET B 1 21  ? 8.676   -17.212 -10.047 1.00 37.58  ? 93  MET B CE  1 
ATOM   940  N N   . SER B 1 22  ? 8.014   -21.449 -15.015 1.00 37.62  ? 94  SER B N   1 
ATOM   941  C CA  . SER B 1 22  ? 8.978   -22.111 -15.865 1.00 41.01  ? 94  SER B CA  1 
ATOM   942  C C   . SER B 1 22  ? 10.329  -21.498 -15.539 1.00 40.38  ? 94  SER B C   1 
ATOM   943  O O   . SER B 1 22  ? 10.416  -20.310 -15.226 1.00 40.30  ? 94  SER B O   1 
ATOM   944  C CB  . SER B 1 22  ? 8.637   -21.897 -17.339 1.00 40.63  ? 94  SER B CB  1 
ATOM   945  O OG  . SER B 1 22  ? 8.517   -20.517 -17.639 1.00 39.60  ? 94  SER B OG  1 
ATOM   946  N N   . ILE B 1 23  ? 11.387  -22.294 -15.639 1.00 39.29  ? 95  ILE B N   1 
ATOM   947  C CA  . ILE B 1 23  ? 12.729  -21.754 -15.512 1.00 40.72  ? 95  ILE B CA  1 
ATOM   948  C C   . ILE B 1 23  ? 12.817  -20.564 -16.458 1.00 37.81  ? 95  ILE B C   1 
ATOM   949  O O   . ILE B 1 23  ? 13.618  -19.649 -16.260 1.00 38.72  ? 95  ILE B O   1 
ATOM   950  C CB  . ILE B 1 23  ? 13.798  -22.791 -15.891 1.00 43.44  ? 95  ILE B CB  1 
ATOM   951  C CG1 . ILE B 1 23  ? 13.742  -23.986 -14.938 1.00 53.01  ? 95  ILE B CG1 1 
ATOM   952  C CG2 . ILE B 1 23  ? 15.181  -22.158 -15.878 1.00 40.04  ? 95  ILE B CG2 1 
ATOM   953  C CD1 . ILE B 1 23  ? 14.444  -25.220 -15.464 1.00 42.95  ? 95  ILE B CD1 1 
ATOM   954  N N   . GLU B 1 24  ? 11.984  -20.590 -17.478 1.00 36.65  ? 96  GLU B N   1 
ATOM   955  C CA  . GLU B 1 24  ? 11.915  -19.508 -18.433 1.00 39.89  ? 96  GLU B CA  1 
ATOM   956  C C   . GLU B 1 24  ? 11.272  -18.260 -17.836 1.00 41.57  ? 96  GLU B C   1 
ATOM   957  O O   . GLU B 1 24  ? 11.797  -17.152 -17.948 1.00 42.12  ? 96  GLU B O   1 
ATOM   958  C CB  . GLU B 1 24  ? 11.077  -19.963 -19.625 1.00 38.83  ? 96  GLU B CB  1 
ATOM   959  C CG  . GLU B 1 24  ? 10.869  -18.902 -20.664 1.00 41.46  ? 96  GLU B CG  1 
ATOM   960  C CD  . GLU B 1 24  ? 9.948   -17.815 -20.197 1.00 44.72  ? 96  GLU B CD  1 
ATOM   961  O OE1 . GLU B 1 24  ? 8.869   -18.154 -19.657 1.00 46.27  ? 96  GLU B OE1 1 
ATOM   962  O OE2 . GLU B 1 24  ? 10.308  -16.630 -20.371 1.00 41.71  ? 96  GLU B OE2 1 
ATOM   963  N N   . GLU B 1 25  ? 10.115  -18.459 -17.215 1.00 40.32  ? 97  GLU B N   1 
ATOM   964  C CA  . GLU B 1 25  ? 9.323   -17.380 -16.646 1.00 37.13  ? 97  GLU B CA  1 
ATOM   965  C C   . GLU B 1 25  ? 10.004  -16.681 -15.483 1.00 37.16  ? 97  GLU B C   1 
ATOM   966  O O   . GLU B 1 25  ? 9.577   -15.609 -15.089 1.00 36.95  ? 97  GLU B O   1 
ATOM   967  C CB  . GLU B 1 25  ? 8.016   -17.933 -16.117 1.00 37.59  ? 97  GLU B CB  1 
ATOM   968  C CG  . GLU B 1 25  ? 6.958   -18.183 -17.129 1.00 35.80  ? 97  GLU B CG  1 
ATOM   969  C CD  . GLU B 1 25  ? 5.673   -18.554 -16.445 1.00 38.30  ? 97  GLU B CD  1 
ATOM   970  O OE1 . GLU B 1 25  ? 5.715   -19.414 -15.535 1.00 37.85  ? 97  GLU B OE1 1 
ATOM   971  O OE2 . GLU B 1 25  ? 4.632   -17.964 -16.787 1.00 38.35  ? 97  GLU B OE2 1 
ATOM   972  N N   . ILE B 1 26  ? 11.021  -17.304 -14.899 1.00 38.51  ? 98  ILE B N   1 
ATOM   973  C CA  . ILE B 1 26  ? 11.716  -16.719 -13.755 1.00 35.85  ? 98  ILE B CA  1 
ATOM   974  C C   . ILE B 1 26  ? 13.000  -16.052 -14.207 1.00 38.19  ? 98  ILE B C   1 
ATOM   975  O O   . ILE B 1 26  ? 13.619  -15.309 -13.451 1.00 39.36  ? 98  ILE B O   1 
ATOM   976  C CB  . ILE B 1 26  ? 12.089  -17.774 -12.705 1.00 33.88  ? 98  ILE B CB  1 
ATOM   977  C CG1 . ILE B 1 26  ? 12.471  -17.100 -11.392 1.00 33.35  ? 98  ILE B CG1 1 
ATOM   978  C CG2 . ILE B 1 26  ? 13.235  -18.644 -13.197 1.00 33.50  ? 98  ILE B CG2 1 
ATOM   979  C CD1 . ILE B 1 26  ? 12.980  -18.058 -10.338 1.00 30.95  ? 98  ILE B CD1 1 
ATOM   980  N N   . SER B 1 27  ? 13.391  -16.328 -15.447 1.00 39.84  ? 99  SER B N   1 
ATOM   981  C CA  . SER B 1 27  ? 14.653  -15.864 -15.993 1.00 36.03  ? 99  SER B CA  1 
ATOM   982  C C   . SER B 1 27  ? 14.359  -14.843 -17.058 1.00 39.09  ? 99  SER B C   1 
ATOM   983  O O   . SER B 1 27  ? 15.250  -14.413 -17.784 1.00 46.10  ? 99  SER B O   1 
ATOM   984  C CB  . SER B 1 27  ? 15.424  -17.025 -16.620 1.00 38.33  ? 99  SER B CB  1 
ATOM   985  O OG  . SER B 1 27  ? 15.597  -18.088 -15.700 1.00 44.26  ? 99  SER B OG  1 
ATOM   986  N N   . ARG B 1 28  ? 13.096  -14.465 -17.156 1.00 35.69  ? 100 ARG B N   1 
ATOM   987  C CA  . ARG B 1 28  ? 12.656  -13.566 -18.206 1.00 38.79  ? 100 ARG B CA  1 
ATOM   988  C C   . ARG B 1 28  ? 12.916  -12.106 -17.832 1.00 41.38  ? 100 ARG B C   1 
ATOM   989  O O   . ARG B 1 28  ? 12.321  -11.596 -16.887 1.00 41.52  ? 100 ARG B O   1 
ATOM   990  C CB  . ARG B 1 28  ? 11.166  -13.809 -18.488 1.00 41.71  ? 100 ARG B CB  1 
ATOM   991  C CG  . ARG B 1 28  ? 10.549  -12.947 -19.586 1.00 39.69  ? 100 ARG B CG  1 
ATOM   992  C CD  . ARG B 1 28  ? 9.536   -13.743 -20.412 1.00 39.65  ? 100 ARG B CD  1 
ATOM   993  N NE  . ARG B 1 28  ? 8.168   -13.622 -19.920 1.00 40.71  ? 100 ARG B NE  1 
ATOM   994  C CZ  . ARG B 1 28  ? 7.498   -14.589 -19.301 1.00 39.25  ? 100 ARG B CZ  1 
ATOM   995  N NH1 . ARG B 1 28  ? 8.060   -15.768 -19.089 1.00 40.04  ? 100 ARG B NH1 1 
ATOM   996  N NH2 . ARG B 1 28  ? 6.257   -14.375 -18.899 1.00 37.09  ? 100 ARG B NH2 1 
ATOM   997  N N   . GLU B 1 29  ? 13.812  -11.441 -18.565 1.00 42.57  ? 101 GLU B N   1 
ATOM   998  C CA  . GLU B 1 29  ? 14.057  -10.004 -18.384 1.00 40.59  ? 101 GLU B CA  1 
ATOM   999  C C   . GLU B 1 29  ? 12.758  -9.213  -18.480 1.00 39.07  ? 101 GLU B C   1 
ATOM   1000 O O   . GLU B 1 29  ? 12.011  -9.368  -19.442 1.00 38.95  ? 101 GLU B O   1 
ATOM   1001 C CB  . GLU B 1 29  ? 15.016  -9.469  -19.454 1.00 45.24  ? 101 GLU B CB  1 
ATOM   1002 C CG  . GLU B 1 29  ? 16.477  -9.872  -19.312 1.00 49.30  ? 101 GLU B CG  1 
ATOM   1003 C CD  . GLU B 1 29  ? 17.374  -9.210  -20.370 1.00 62.28  ? 101 GLU B CD  1 
ATOM   1004 O OE1 . GLU B 1 29  ? 16.897  -8.296  -21.094 1.00 55.23  ? 101 GLU B OE1 1 
ATOM   1005 O OE2 . GLU B 1 29  ? 18.564  -9.603  -20.470 1.00 63.97  ? 101 GLU B OE2 1 
ATOM   1006 N N   . TRP B 1 30  ? 12.491  -8.354  -17.501 1.00 39.05  ? 102 TRP B N   1 
ATOM   1007 C CA  . TRP B 1 30  ? 11.283  -7.538  -17.550 1.00 34.86  ? 102 TRP B CA  1 
ATOM   1008 C C   . TRP B 1 30  ? 11.474  -6.109  -17.064 1.00 36.46  ? 102 TRP B C   1 
ATOM   1009 O O   . TRP B 1 30  ? 12.392  -5.814  -16.296 1.00 37.31  ? 102 TRP B O   1 
ATOM   1010 C CB  . TRP B 1 30  ? 10.148  -8.204  -16.795 1.00 32.30  ? 102 TRP B CB  1 
ATOM   1011 C CG  . TRP B 1 30  ? 10.230  -8.091  -15.326 1.00 28.60  ? 102 TRP B CG  1 
ATOM   1012 C CD1 . TRP B 1 30  ? 10.918  -8.901  -14.477 1.00 29.05  ? 102 TRP B CD1 1 
ATOM   1013 C CD2 . TRP B 1 30  ? 9.559   -7.131  -14.516 1.00 26.33  ? 102 TRP B CD2 1 
ATOM   1014 N NE1 . TRP B 1 30  ? 10.726  -8.499  -13.183 1.00 29.45  ? 102 TRP B NE1 1 
ATOM   1015 C CE2 . TRP B 1 30  ? 9.895   -7.409  -13.179 1.00 28.52  ? 102 TRP B CE2 1 
ATOM   1016 C CE3 . TRP B 1 30  ? 8.711   -6.058  -14.789 1.00 26.93  ? 102 TRP B CE3 1 
ATOM   1017 C CZ2 . TRP B 1 30  ? 9.416   -6.650  -12.118 1.00 27.10  ? 102 TRP B CZ2 1 
ATOM   1018 C CZ3 . TRP B 1 30  ? 8.234   -5.310  -13.736 1.00 28.19  ? 102 TRP B CZ3 1 
ATOM   1019 C CH2 . TRP B 1 30  ? 8.588   -5.607  -12.418 1.00 26.07  ? 102 TRP B CH2 1 
ATOM   1020 N N   . TYR B 1 31  ? 10.588  -5.232  -17.525 1.00 33.55  ? 103 TYR B N   1 
ATOM   1021 C CA  . TYR B 1 31  ? 10.766  -3.790  -17.380 1.00 36.22  ? 103 TYR B CA  1 
ATOM   1022 C C   . TYR B 1 31  ? 9.425   -3.084  -17.071 1.00 44.65  ? 103 TYR B C   1 
ATOM   1023 O O   . TYR B 1 31  ? 8.360   -3.695  -17.230 1.00 43.86  ? 103 TYR B O   1 
ATOM   1024 C CB  . TYR B 1 31  ? 11.452  -3.224  -18.639 1.00 33.77  ? 103 TYR B CB  1 
ATOM   1025 C CG  . TYR B 1 31  ? 12.748  -3.943  -19.000 1.00 42.90  ? 103 TYR B CG  1 
ATOM   1026 C CD1 . TYR B 1 31  ? 13.931  -3.693  -18.304 1.00 42.88  ? 103 TYR B CD1 1 
ATOM   1027 C CD2 . TYR B 1 31  ? 12.787  -4.879  -20.033 1.00 39.44  ? 103 TYR B CD2 1 
ATOM   1028 C CE1 . TYR B 1 31  ? 15.106  -4.356  -18.625 1.00 42.24  ? 103 TYR B CE1 1 
ATOM   1029 C CE2 . TYR B 1 31  ? 13.955  -5.540  -20.358 1.00 38.08  ? 103 TYR B CE2 1 
ATOM   1030 C CZ  . TYR B 1 31  ? 15.108  -5.276  -19.655 1.00 45.96  ? 103 TYR B CZ  1 
ATOM   1031 O OH  . TYR B 1 31  ? 16.267  -5.938  -19.984 1.00 52.86  ? 103 TYR B OH  1 
ATOM   1032 N N   . MET B 1 32  ? 9.478   -1.824  -16.610 1.00 36.96  ? 104 MET B N   1 
ATOM   1033 C CA  . MET B 1 32  ? 8.285   -1.111  -16.148 1.00 26.39  ? 104 MET B CA  1 
ATOM   1034 C C   . MET B 1 32  ? 8.077   0.217   -16.843 1.00 31.34  ? 104 MET B C   1 
ATOM   1035 O O   . MET B 1 32  ? 9.030   0.909   -17.171 1.00 38.50  ? 104 MET B O   1 
ATOM   1036 C CB  . MET B 1 32  ? 8.356   -0.845  -14.655 1.00 26.55  ? 104 MET B CB  1 
ATOM   1037 C CG  . MET B 1 32  ? 9.124   -1.846  -13.855 1.00 29.31  ? 104 MET B CG  1 
ATOM   1038 S SD  . MET B 1 32  ? 8.804   -1.595  -12.109 1.00 29.42  ? 104 MET B SD  1 
ATOM   1039 C CE  . MET B 1 32  ? 10.300  -2.218  -11.365 1.00 26.98  ? 104 MET B CE  1 
ATOM   1040 N N   . LEU B 1 33  ? 6.823   0.586   -17.065 1.00 33.05  ? 105 LEU B N   1 
ATOM   1041 C CA  . LEU B 1 33  ? 6.535   1.891   -17.626 1.00 32.66  ? 105 LEU B CA  1 
ATOM   1042 C C   . LEU B 1 33  ? 6.723   2.928   -16.542 1.00 37.68  ? 105 LEU B C   1 
ATOM   1043 O O   . LEU B 1 33  ? 7.212   4.021   -16.794 1.00 41.91  ? 105 LEU B O   1 
ATOM   1044 C CB  . LEU B 1 33  ? 5.114   1.956   -18.168 1.00 33.80  ? 105 LEU B CB  1 
ATOM   1045 C CG  . LEU B 1 33  ? 4.976   1.718   -19.668 1.00 35.08  ? 105 LEU B CG  1 
ATOM   1046 C CD1 . LEU B 1 33  ? 5.920   0.622   -20.093 1.00 36.88  ? 105 LEU B CD1 1 
ATOM   1047 C CD2 . LEU B 1 33  ? 3.534   1.374   -20.028 1.00 30.22  ? 105 LEU B CD2 1 
ATOM   1048 N N   . MET B 1 34  ? 6.341   2.578   -15.322 1.00 33.43  ? 106 MET B N   1 
ATOM   1049 C CA  . MET B 1 34  ? 6.413   3.525   -14.230 1.00 30.36  ? 106 MET B CA  1 
ATOM   1050 C C   . MET B 1 34  ? 7.016   2.844   -13.041 1.00 28.89  ? 106 MET B C   1 
ATOM   1051 O O   . MET B 1 34  ? 6.314   2.449   -12.134 1.00 32.47  ? 106 MET B O   1 
ATOM   1052 C CB  . MET B 1 34  ? 5.023   4.040   -13.900 1.00 30.69  ? 106 MET B CB  1 
ATOM   1053 C CG  . MET B 1 34  ? 4.338   4.616   -15.108 1.00 28.24  ? 106 MET B CG  1 
ATOM   1054 S SD  . MET B 1 34  ? 2.804   5.413   -14.690 1.00 32.39  ? 106 MET B SD  1 
ATOM   1055 C CE  . MET B 1 34  ? 3.400   6.642   -13.541 1.00 37.14  ? 106 MET B CE  1 
ATOM   1056 N N   . PRO B 1 35  ? 8.337   2.712   -13.044 1.00 30.10  ? 107 PRO B N   1 
ATOM   1057 C CA  . PRO B 1 35  ? 9.020   1.920   -12.032 1.00 30.45  ? 107 PRO B CA  1 
ATOM   1058 C C   . PRO B 1 35  ? 8.793   2.480   -10.643 1.00 34.63  ? 107 PRO B C   1 
ATOM   1059 O O   . PRO B 1 35  ? 8.855   3.692   -10.446 1.00 35.04  ? 107 PRO B O   1 
ATOM   1060 C CB  . PRO B 1 35  ? 10.500  2.045   -12.419 1.00 31.58  ? 107 PRO B CB  1 
ATOM   1061 C CG  . PRO B 1 35  ? 10.508  2.503   -13.835 1.00 27.59  ? 107 PRO B CG  1 
ATOM   1062 C CD  . PRO B 1 35  ? 9.278   3.342   -13.983 1.00 36.38  ? 107 PRO B CD  1 
ATOM   1063 N N   . ARG B 1 36  ? 8.507   1.582   -9.706  1.00 34.47  ? 108 ARG B N   1 
ATOM   1064 C CA  . ARG B 1 36  ? 8.421   1.874   -8.285  1.00 35.70  ? 108 ARG B CA  1 
ATOM   1065 C C   . ARG B 1 36  ? 9.224   0.766   -7.611  1.00 40.63  ? 108 ARG B C   1 
ATOM   1066 O O   . ARG B 1 36  ? 9.490   -0.255  -8.230  1.00 38.33  ? 108 ARG B O   1 
ATOM   1067 C CB  . ARG B 1 36  ? 6.961   1.853   -7.804  1.00 29.83  ? 108 ARG B CB  1 
ATOM   1068 C CG  . ARG B 1 36  ? 6.027   2.864   -8.489  1.00 32.99  ? 108 ARG B CG  1 
ATOM   1069 C CD  . ARG B 1 36  ? 6.464   4.299   -8.238  1.00 34.85  ? 108 ARG B CD  1 
ATOM   1070 N NE  . ARG B 1 36  ? 5.589   5.313   -8.825  1.00 37.09  ? 108 ARG B NE  1 
ATOM   1071 C CZ  . ARG B 1 36  ? 5.767   5.837   -10.039 1.00 41.23  ? 108 ARG B CZ  1 
ATOM   1072 N NH1 . ARG B 1 36  ? 6.796   5.460   -10.790 1.00 34.86  ? 108 ARG B NH1 1 
ATOM   1073 N NH2 . ARG B 1 36  ? 4.920   6.750   -10.508 1.00 47.31  ? 108 ARG B NH2 1 
ATOM   1074 N N   . GLN B 1 37  ? 9.652   0.979   -6.370  1.00 45.37  ? 109 GLN B N   1 
ATOM   1075 C CA  . GLN B 1 37  ? 10.237  -0.098  -5.578  1.00 39.61  ? 109 GLN B CA  1 
ATOM   1076 C C   . GLN B 1 37  ? 10.213  0.190   -4.096  1.00 36.61  ? 109 GLN B C   1 
ATOM   1077 O O   . GLN B 1 37  ? 10.000  1.319   -3.675  1.00 42.98  ? 109 GLN B O   1 
ATOM   1078 C CB  . GLN B 1 37  ? 11.648  -0.430  -6.037  1.00 41.74  ? 109 GLN B CB  1 
ATOM   1079 C CG  . GLN B 1 37  ? 12.487  0.761   -6.390  1.00 52.73  ? 109 GLN B CG  1 
ATOM   1080 C CD  . GLN B 1 37  ? 13.649  0.382   -7.291  1.00 62.00  ? 109 GLN B CD  1 
ATOM   1081 O OE1 . GLN B 1 37  ? 13.465  -0.287  -8.313  1.00 54.97  ? 109 GLN B OE1 1 
ATOM   1082 N NE2 . GLN B 1 37  ? 14.853  0.809   -6.920  1.00 59.77  ? 109 GLN B NE2 1 
ATOM   1083 N N   . LYS B 1 38  ? 10.397  -0.855  -3.308  1.00 34.21  ? 110 LYS B N   1 
ATOM   1084 C CA  . LYS B 1 38  ? 10.468  -0.724  -1.866  1.00 38.76  ? 110 LYS B CA  1 
ATOM   1085 C C   . LYS B 1 38  ? 11.356  -1.829  -1.359  1.00 40.82  ? 110 LYS B C   1 
ATOM   1086 O O   . LYS B 1 38  ? 11.135  -2.993  -1.661  1.00 44.26  ? 110 LYS B O   1 
ATOM   1087 C CB  . LYS B 1 38  ? 9.089   -0.880  -1.216  1.00 37.10  ? 110 LYS B CB  1 
ATOM   1088 C CG  . LYS B 1 38  ? 8.205   0.369   -1.180  1.00 37.29  ? 110 LYS B CG  1 
ATOM   1089 C CD  . LYS B 1 38  ? 6.989   0.127   -0.264  1.00 32.67  ? 110 LYS B CD  1 
ATOM   1090 C CE  . LYS B 1 38  ? 5.789   1.031   -0.591  1.00 35.92  ? 110 LYS B CE  1 
ATOM   1091 N NZ  . LYS B 1 38  ? 4.616   0.844   0.341   1.00 34.54  ? 110 LYS B NZ  1 
ATOM   1092 N N   . ILE B 1 39  ? 12.357  -1.467  -0.563  1.00 40.93  ? 111 ILE B N   1 
ATOM   1093 C CA  . ILE B 1 39  ? 13.266  -2.448  0.018   1.00 45.51  ? 111 ILE B CA  1 
ATOM   1094 C C   . ILE B 1 39  ? 12.861  -2.810  1.445   1.00 50.71  ? 111 ILE B C   1 
ATOM   1095 O O   . ILE B 1 39  ? 12.900  -1.970  2.343   1.00 53.94  ? 111 ILE B O   1 
ATOM   1096 C CB  . ILE B 1 39  ? 14.719  -1.938  0.020   1.00 43.50  ? 111 ILE B CB  1 
ATOM   1097 C CG1 . ILE B 1 39  ? 15.236  -1.791  -1.412  1.00 46.94  ? 111 ILE B CG1 1 
ATOM   1098 C CG2 . ILE B 1 39  ? 15.610  -2.876  0.820   1.00 40.79  ? 111 ILE B CG2 1 
ATOM   1099 C CD1 . ILE B 1 39  ? 16.552  -1.051  -1.513  1.00 62.74  ? 111 ILE B CD1 1 
ATOM   1100 N N   . THR B 1 40  ? 12.479  -4.068  1.650   1.00 47.41  ? 112 THR B N   1 
ATOM   1101 C CA  . THR B 1 40  ? 12.075  -4.544  2.971   1.00 46.76  ? 112 THR B CA  1 
ATOM   1102 C C   . THR B 1 40  ? 12.824  -5.816  3.360   1.00 50.72  ? 112 THR B C   1 
ATOM   1103 O O   . THR B 1 40  ? 13.417  -6.480  2.511   1.00 51.33  ? 112 THR B O   1 
ATOM   1104 C CB  . THR B 1 40  ? 10.559  -4.813  3.033   1.00 53.71  ? 112 THR B CB  1 
ATOM   1105 O OG1 . THR B 1 40  ? 9.844   -3.596  2.784   1.00 60.31  ? 112 THR B OG1 1 
ATOM   1106 C CG2 . THR B 1 40  ? 10.171  -5.354  4.401   1.00 45.05  ? 112 THR B CG2 1 
ATOM   1107 N N   . GLY B 1 41  ? 12.795  -6.148  4.647   1.00 54.47  ? 113 GLY B N   1 
ATOM   1108 C CA  . GLY B 1 41  ? 13.483  -7.330  5.134   1.00 61.01  ? 113 GLY B CA  1 
ATOM   1109 C C   . GLY B 1 41  ? 14.769  -7.537  4.363   1.00 55.27  ? 113 GLY B C   1 
ATOM   1110 O O   . GLY B 1 41  ? 15.673  -6.703  4.417   1.00 46.76  ? 113 GLY B O   1 
ATOM   1111 N N   . GLY B 1 42  ? 14.855  -8.645  3.634   1.00 49.99  ? 114 GLY B N   1 
ATOM   1112 C CA  . GLY B 1 42  ? 16.001  -8.887  2.783   1.00 55.94  ? 114 GLY B CA  1 
ATOM   1113 C C   . GLY B 1 42  ? 15.479  -8.939  1.363   1.00 52.93  ? 114 GLY B C   1 
ATOM   1114 O O   . GLY B 1 42  ? 16.004  -9.662  0.525   1.00 53.60  ? 114 GLY B O   1 
ATOM   1115 N N   . LEU B 1 43  ? 14.453  -8.140  1.090   1.00 52.82  ? 115 LEU B N   1 
ATOM   1116 C CA  . LEU B 1 43  ? 13.625  -8.330  -0.096  1.00 50.40  ? 115 LEU B CA  1 
ATOM   1117 C C   . LEU B 1 43  ? 13.411  -7.061  -0.888  1.00 47.26  ? 115 LEU B C   1 
ATOM   1118 O O   . LEU B 1 43  ? 12.914  -6.061  -0.378  1.00 43.26  ? 115 LEU B O   1 
ATOM   1119 C CB  . LEU B 1 43  ? 12.255  -8.937  0.208   1.00 45.74  ? 115 LEU B CB  1 
ATOM   1120 C CG  . LEU B 1 43  ? 12.217  -10.364 0.738   1.00 46.48  ? 115 LEU B CG  1 
ATOM   1121 C CD1 . LEU B 1 43  ? 10.938  -10.599 1.528   1.00 51.55  ? 115 LEU B CD1 1 
ATOM   1122 C CD2 . LEU B 1 43  ? 12.364  -11.353 -0.400  1.00 46.24  ? 115 LEU B CD2 1 
ATOM   1123 N N   . MET B 1 44  ? 13.769  -7.145  -2.160  1.00 48.48  ? 116 MET B N   1 
ATOM   1124 C CA  . MET B 1 44  ? 13.499  -6.105  -3.126  1.00 43.03  ? 116 MET B CA  1 
ATOM   1125 C C   . MET B 1 44  ? 12.108  -6.346  -3.697  1.00 41.47  ? 116 MET B C   1 
ATOM   1126 O O   . MET B 1 44  ? 11.748  -7.473  -4.024  1.00 38.67  ? 116 MET B O   1 
ATOM   1127 C CB  . MET B 1 44  ? 14.567  -6.152  -4.218  1.00 47.43  ? 116 MET B CB  1 
ATOM   1128 C CG  . MET B 1 44  ? 14.165  -5.552  -5.539  1.00 49.62  ? 116 MET B CG  1 
ATOM   1129 S SD  . MET B 1 44  ? 14.032  -3.761  -5.456  1.00 72.28  ? 116 MET B SD  1 
ATOM   1130 C CE  . MET B 1 44  ? 15.744  -3.300  -5.243  1.00 63.58  ? 116 MET B CE  1 
ATOM   1131 N N   . VAL B 1 45  ? 11.316  -5.287  -3.785  1.00 39.15  ? 117 VAL B N   1 
ATOM   1132 C CA  . VAL B 1 45  ? 9.953   -5.390  -4.285  1.00 36.25  ? 117 VAL B CA  1 
ATOM   1133 C C   . VAL B 1 45  ? 9.720   -4.309  -5.327  1.00 35.70  ? 117 VAL B C   1 
ATOM   1134 O O   . VAL B 1 45  ? 9.612   -3.139  -4.992  1.00 43.11  ? 117 VAL B O   1 
ATOM   1135 C CB  . VAL B 1 45  ? 8.916   -5.250  -3.137  1.00 34.74  ? 117 VAL B CB  1 
ATOM   1136 C CG1 . VAL B 1 45  ? 7.518   -5.664  -3.593  1.00 30.52  ? 117 VAL B CG1 1 
ATOM   1137 C CG2 . VAL B 1 45  ? 9.337   -6.076  -1.939  1.00 35.28  ? 117 VAL B CG2 1 
ATOM   1138 N N   . LYS B 1 46  ? 9.657   -4.704  -6.592  1.00 35.85  ? 118 LYS B N   1 
ATOM   1139 C CA  . LYS B 1 46  ? 9.444   -3.766  -7.690  1.00 33.50  ? 118 LYS B CA  1 
ATOM   1140 C C   . LYS B 1 46  ? 8.058   -3.960  -8.296  1.00 28.49  ? 118 LYS B C   1 
ATOM   1141 O O   . LYS B 1 46  ? 7.560   -5.078  -8.307  1.00 28.37  ? 118 LYS B O   1 
ATOM   1142 C CB  . LYS B 1 46  ? 10.472  -4.014  -8.787  1.00 32.68  ? 118 LYS B CB  1 
ATOM   1143 C CG  . LYS B 1 46  ? 11.910  -3.885  -8.368  1.00 36.83  ? 118 LYS B CG  1 
ATOM   1144 C CD  . LYS B 1 46  ? 12.818  -4.321  -9.512  1.00 35.63  ? 118 LYS B CD  1 
ATOM   1145 C CE  . LYS B 1 46  ? 14.125  -3.532  -9.555  1.00 47.10  ? 118 LYS B CE  1 
ATOM   1146 N NZ  . LYS B 1 46  ? 14.985  -3.858  -10.731 1.00 50.69  ? 118 LYS B NZ  1 
ATOM   1147 N N   . MET B 1 47  ? 7.440   -2.886  -8.798  1.00 25.70  ? 119 MET B N   1 
ATOM   1148 C CA  . MET B 1 47  ? 6.115   -2.988  -9.416  1.00 29.07  ? 119 MET B CA  1 
ATOM   1149 C C   . MET B 1 47  ? 5.677   -1.768  -10.241 1.00 28.80  ? 119 MET B C   1 
ATOM   1150 O O   . MET B 1 47  ? 5.702   -0.644  -9.761  1.00 31.74  ? 119 MET B O   1 
ATOM   1151 C CB  . MET B 1 47  ? 5.071   -3.279  -8.337  1.00 32.38  ? 119 MET B CB  1 
ATOM   1152 C CG  . MET B 1 47  ? 4.660   -2.040  -7.569  1.00 29.45  ? 119 MET B CG  1 
ATOM   1153 S SD  . MET B 1 47  ? 3.148   -2.129  -6.619  1.00 32.34  ? 119 MET B SD  1 
ATOM   1154 C CE  . MET B 1 47  ? 2.318   -0.679  -7.262  1.00 34.61  ? 119 MET B CE  1 
ATOM   1155 N N   . ASP B 1 48  ? 5.206   -2.013  -11.458 1.00 25.34  ? 120 ASP B N   1 
ATOM   1156 C CA  . ASP B 1 48  ? 4.923   -0.949  -12.418 1.00 28.76  ? 120 ASP B CA  1 
ATOM   1157 C C   . ASP B 1 48  ? 3.602   -0.217  -12.209 1.00 30.89  ? 120 ASP B C   1 
ATOM   1158 O O   . ASP B 1 48  ? 2.534   -0.764  -12.452 1.00 34.05  ? 120 ASP B O   1 
ATOM   1159 C CB  . ASP B 1 48  ? 4.956   -1.495  -13.839 1.00 31.22  ? 120 ASP B CB  1 
ATOM   1160 C CG  . ASP B 1 48  ? 4.648   -0.442  -14.868 1.00 33.06  ? 120 ASP B CG  1 
ATOM   1161 O OD1 . ASP B 1 48  ? 4.170   0.645   -14.500 1.00 31.61  ? 120 ASP B OD1 1 
ATOM   1162 O OD2 . ASP B 1 48  ? 4.887   -0.702  -16.057 1.00 37.15  ? 120 ASP B OD2 1 
ATOM   1163 N N   . GLN B 1 49  ? 3.683   1.046   -11.823 1.00 28.40  ? 121 GLN B N   1 
ATOM   1164 C CA  . GLN B 1 49  ? 2.502   1.838   -11.546 1.00 27.27  ? 121 GLN B CA  1 
ATOM   1165 C C   . GLN B 1 49  ? 1.576   2.022   -12.749 1.00 31.55  ? 121 GLN B C   1 
ATOM   1166 O O   . GLN B 1 49  ? 0.454   2.513   -12.613 1.00 30.93  ? 121 GLN B O   1 
ATOM   1167 C CB  . GLN B 1 49  ? 2.940   3.202   -11.076 1.00 31.05  ? 121 GLN B CB  1 
ATOM   1168 C CG  . GLN B 1 49  ? 1.822   3.989   -10.474 1.00 40.65  ? 121 GLN B CG  1 
ATOM   1169 C CD  . GLN B 1 49  ? 1.597   3.613   -9.039  1.00 45.06  ? 121 GLN B CD  1 
ATOM   1170 O OE1 . GLN B 1 49  ? 1.996   4.353   -8.127  1.00 47.83  ? 121 GLN B OE1 1 
ATOM   1171 N NE2 . GLN B 1 49  ? 0.982   2.449   -8.816  1.00 40.95  ? 121 GLN B NE2 1 
ATOM   1172 N N   . ALA B 1 50  ? 2.040   1.658   -13.935 1.00 30.03  ? 122 ALA B N   1 
ATOM   1173 C CA  . ALA B 1 50  ? 1.268   1.966   -15.128 1.00 30.29  ? 122 ALA B CA  1 
ATOM   1174 C C   . ALA B 1 50  ? 0.042   1.104   -15.202 1.00 33.29  ? 122 ALA B C   1 
ATOM   1175 O O   . ALA B 1 50  ? -0.915  1.478   -15.871 1.00 34.89  ? 122 ALA B O   1 
ATOM   1176 C CB  . ALA B 1 50  ? 2.091   1.792   -16.382 1.00 28.43  ? 122 ALA B CB  1 
ATOM   1177 N N   . ILE B 1 51  ? 0.073   -0.038  -14.511 1.00 31.37  ? 123 ILE B N   1 
ATOM   1178 C CA  . ILE B 1 51  ? -0.938  -1.080  -14.687 1.00 28.01  ? 123 ILE B CA  1 
ATOM   1179 C C   . ILE B 1 51  ? -2.162  -0.769  -13.865 1.00 28.67  ? 123 ILE B C   1 
ATOM   1180 O O   . ILE B 1 51  ? -2.051  -0.480  -12.683 1.00 28.65  ? 123 ILE B O   1 
ATOM   1181 C CB  . ILE B 1 51  ? -0.427  -2.494  -14.273 1.00 25.45  ? 123 ILE B CB  1 
ATOM   1182 C CG1 . ILE B 1 51  ? 0.973   -2.766  -14.787 1.00 25.04  ? 123 ILE B CG1 1 
ATOM   1183 C CG2 . ILE B 1 51  ? -1.293  -3.560  -14.858 1.00 23.52  ? 123 ILE B CG2 1 
ATOM   1184 C CD1 . ILE B 1 51  ? 1.031   -2.851  -16.270 1.00 27.74  ? 123 ILE B CD1 1 
ATOM   1185 N N   . MET B 1 52  ? -3.328  -0.837  -14.502 1.00 28.67  ? 124 MET B N   1 
ATOM   1186 C CA  . MET B 1 52  ? -4.598  -0.705  -13.795 1.00 32.92  ? 124 MET B CA  1 
ATOM   1187 C C   . MET B 1 52  ? -5.774  -1.501  -14.395 1.00 34.15  ? 124 MET B C   1 
ATOM   1188 O O   . MET B 1 52  ? -5.881  -1.660  -15.611 1.00 34.83  ? 124 MET B O   1 
ATOM   1189 C CB  . MET B 1 52  ? -4.970  0.775   -13.635 1.00 34.44  ? 124 MET B CB  1 
ATOM   1190 C CG  . MET B 1 52  ? -4.979  1.578   -14.919 1.00 36.87  ? 124 MET B CG  1 
ATOM   1191 S SD  . MET B 1 52  ? -5.011  3.349   -14.591 1.00 47.54  ? 124 MET B SD  1 
ATOM   1192 C CE  . MET B 1 52  ? -3.313  3.802   -14.950 1.00 32.39  ? 124 MET B CE  1 
ATOM   1193 N N   . ASP B 1 53  ? -6.648  -1.986  -13.512 1.00 33.53  ? 125 ASP B N   1 
ATOM   1194 C CA  . ASP B 1 53  ? -7.898  -2.666  -13.876 1.00 34.33  ? 125 ASP B CA  1 
ATOM   1195 C C   . ASP B 1 53  ? -7.681  -4.066  -14.435 1.00 36.71  ? 125 ASP B C   1 
ATOM   1196 O O   . ASP B 1 53  ? -8.536  -4.595  -15.130 1.00 38.00  ? 125 ASP B O   1 
ATOM   1197 C CB  . ASP B 1 53  ? -8.728  -1.828  -14.850 1.00 34.77  ? 125 ASP B CB  1 
ATOM   1198 C CG  . ASP B 1 53  ? -9.365  -0.601  -14.189 1.00 47.83  ? 125 ASP B CG  1 
ATOM   1199 O OD1 . ASP B 1 53  ? -8.637  0.285   -13.666 1.00 39.23  ? 125 ASP B OD1 1 
ATOM   1200 O OD2 . ASP B 1 53  ? -10.612 -0.518  -14.212 1.00 53.82  ? 125 ASP B OD2 1 
ATOM   1201 N N   . LYS B 1 54  ? -6.538  -4.660  -14.112 1.00 33.46  ? 126 LYS B N   1 
ATOM   1202 C CA  . LYS B 1 54  ? -6.181  -5.971  -14.616 1.00 27.00  ? 126 LYS B CA  1 
ATOM   1203 C C   . LYS B 1 54  ? -6.206  -7.026  -13.532 1.00 28.97  ? 126 LYS B C   1 
ATOM   1204 O O   . LYS B 1 54  ? -6.288  -6.737  -12.357 1.00 31.74  ? 126 LYS B O   1 
ATOM   1205 C CB  . LYS B 1 54  ? -4.786  -5.959  -15.244 1.00 29.83  ? 126 LYS B CB  1 
ATOM   1206 C CG  . LYS B 1 54  ? -4.570  -4.949  -16.368 1.00 27.84  ? 126 LYS B CG  1 
ATOM   1207 C CD  . LYS B 1 54  ? -5.768  -4.830  -17.264 1.00 27.23  ? 126 LYS B CD  1 
ATOM   1208 C CE  . LYS B 1 54  ? -5.713  -3.572  -18.095 1.00 28.14  ? 126 LYS B CE  1 
ATOM   1209 N NZ  . LYS B 1 54  ? -4.753  -3.668  -19.200 1.00 23.95  ? 126 LYS B NZ  1 
ATOM   1210 N N   . ARG B 1 55  ? -6.152  -8.274  -13.953 1.00 34.39  ? 127 ARG B N   1 
ATOM   1211 C CA  . ARG B 1 55  ? -6.018  -9.369  -13.026 1.00 33.80  ? 127 ARG B CA  1 
ATOM   1212 C C   . ARG B 1 55  ? -4.544  -9.666  -12.999 1.00 34.56  ? 127 ARG B C   1 
ATOM   1213 O O   . ARG B 1 55  ? -3.892  -9.724  -14.042 1.00 33.48  ? 127 ARG B O   1 
ATOM   1214 C CB  . ARG B 1 55  ? -6.799  -10.606 -13.492 1.00 31.75  ? 127 ARG B CB  1 
ATOM   1215 C CG  . ARG B 1 55  ? -6.868  -11.702 -12.443 1.00 27.18  ? 127 ARG B CG  1 
ATOM   1216 C CD  . ARG B 1 55  ? -7.513  -12.951 -12.964 1.00 32.31  ? 127 ARG B CD  1 
ATOM   1217 N NE  . ARG B 1 55  ? -6.765  -13.548 -14.064 1.00 36.61  ? 127 ARG B NE  1 
ATOM   1218 C CZ  . ARG B 1 55  ? -7.127  -14.660 -14.705 1.00 37.80  ? 127 ARG B CZ  1 
ATOM   1219 N NH1 . ARG B 1 55  ? -8.232  -15.311 -14.356 1.00 35.80  ? 127 ARG B NH1 1 
ATOM   1220 N NH2 . ARG B 1 55  ? -6.377  -15.123 -15.700 1.00 37.99  ? 127 ARG B NH2 1 
ATOM   1221 N N   . ILE B 1 56  ? -4.018  -9.834  -11.797 1.00 33.39  ? 128 ILE B N   1 
ATOM   1222 C CA  . ILE B 1 56  ? -2.604  -10.055 -11.617 1.00 28.78  ? 128 ILE B CA  1 
ATOM   1223 C C   . ILE B 1 56  ? -2.499  -11.371 -10.908 1.00 28.17  ? 128 ILE B C   1 
ATOM   1224 O O   . ILE B 1 56  ? -3.272  -11.653 -9.992  1.00 26.42  ? 128 ILE B O   1 
ATOM   1225 C CB  . ILE B 1 56  ? -1.953  -8.920  -10.784 1.00 32.20  ? 128 ILE B CB  1 
ATOM   1226 C CG1 . ILE B 1 56  ? -2.101  -7.581  -11.502 1.00 26.74  ? 128 ILE B CG1 1 
ATOM   1227 C CG2 . ILE B 1 56  ? -0.476  -9.186  -10.538 1.00 30.43  ? 128 ILE B CG2 1 
ATOM   1228 C CD1 . ILE B 1 56  ? -1.566  -7.610  -12.906 1.00 29.41  ? 128 ILE B CD1 1 
ATOM   1229 N N   . THR B 1 57  ? -1.550  -12.181 -11.357 1.00 29.31  ? 129 THR B N   1 
ATOM   1230 C CA  . THR B 1 57  ? -1.441  -13.554 -10.903 1.00 31.63  ? 129 THR B CA  1 
ATOM   1231 C C   . THR B 1 57  ? -0.059  -13.843 -10.368 1.00 31.54  ? 129 THR B C   1 
ATOM   1232 O O   . THR B 1 57  ? 0.939   -13.738 -11.078 1.00 31.91  ? 129 THR B O   1 
ATOM   1233 C CB  . THR B 1 57  ? -1.711  -14.549 -12.035 1.00 31.92  ? 129 THR B CB  1 
ATOM   1234 O OG1 . THR B 1 57  ? -2.844  -14.128 -12.816 1.00 34.58  ? 129 THR B OG1 1 
ATOM   1235 C CG2 . THR B 1 57  ? -1.953  -15.915 -11.450 1.00 30.38  ? 129 THR B CG2 1 
ATOM   1236 N N   . LEU B 1 58  ? -0.011  -14.246 -9.112  1.00 32.59  ? 130 LEU B N   1 
ATOM   1237 C CA  . LEU B 1 58  ? 1.246   -14.327 -8.402  1.00 32.69  ? 130 LEU B CA  1 
ATOM   1238 C C   . LEU B 1 58  ? 1.832   -15.719 -8.440  1.00 34.44  ? 130 LEU B C   1 
ATOM   1239 O O   . LEU B 1 58  ? 1.148   -16.696 -8.148  1.00 36.52  ? 130 LEU B O   1 
ATOM   1240 C CB  . LEU B 1 58  ? 1.027   -13.888 -6.962  1.00 36.44  ? 130 LEU B CB  1 
ATOM   1241 C CG  . LEU B 1 58  ? 0.250   -12.571 -6.839  1.00 33.81  ? 130 LEU B CG  1 
ATOM   1242 C CD1 . LEU B 1 58  ? 0.119   -12.159 -5.390  1.00 23.83  ? 130 LEU B CD1 1 
ATOM   1243 C CD2 . LEU B 1 58  ? 0.915   -11.475 -7.647  1.00 31.42  ? 130 LEU B CD2 1 
ATOM   1244 N N   . LYS B 1 59  ? 3.106   -15.798 -8.799  1.00 33.09  ? 131 LYS B N   1 
ATOM   1245 C CA  . LYS B 1 59  ? 3.799   -17.067 -8.907  1.00 32.22  ? 131 LYS B CA  1 
ATOM   1246 C C   . LYS B 1 59  ? 5.157   -16.997 -8.216  1.00 33.83  ? 131 LYS B C   1 
ATOM   1247 O O   . LYS B 1 59  ? 6.019   -16.218 -8.601  1.00 32.92  ? 131 LYS B O   1 
ATOM   1248 C CB  . LYS B 1 59  ? 4.002   -17.429 -10.377 1.00 31.20  ? 131 LYS B CB  1 
ATOM   1249 C CG  . LYS B 1 59  ? 2.807   -17.154 -11.259 1.00 34.38  ? 131 LYS B CG  1 
ATOM   1250 C CD  . LYS B 1 59  ? 2.864   -17.926 -12.588 1.00 34.98  ? 131 LYS B CD  1 
ATOM   1251 C CE  . LYS B 1 59  ? 1.508   -17.914 -13.305 1.00 28.30  ? 131 LYS B CE  1 
ATOM   1252 N NZ  . LYS B 1 59  ? 1.585   -18.364 -14.731 1.00 37.48  ? 131 LYS B NZ  1 
ATOM   1253 N N   . ALA B 1 60  ? 5.356   -17.830 -7.209  1.00 33.54  ? 132 ALA B N   1 
ATOM   1254 C CA  . ALA B 1 60  ? 6.632   -17.871 -6.519  1.00 34.30  ? 132 ALA B CA  1 
ATOM   1255 C C   . ALA B 1 60  ? 7.369   -19.192 -6.718  1.00 38.80  ? 132 ALA B C   1 
ATOM   1256 O O   . ALA B 1 60  ? 6.768   -20.260 -6.659  1.00 41.21  ? 132 ALA B O   1 
ATOM   1257 C CB  . ALA B 1 60  ? 6.418   -17.621 -5.045  1.00 33.11  ? 132 ALA B CB  1 
ATOM   1258 N N   . ASN B 1 61  ? 8.672   -19.116 -6.974  1.00 46.90  ? 133 ASN B N   1 
ATOM   1259 C CA  . ASN B 1 61  ? 9.560   -20.269 -6.799  1.00 45.33  ? 133 ASN B CA  1 
ATOM   1260 C C   . ASN B 1 61  ? 10.275  -20.090 -5.462  1.00 44.86  ? 133 ASN B C   1 
ATOM   1261 O O   . ASN B 1 61  ? 10.907  -19.055 -5.219  1.00 43.05  ? 133 ASN B O   1 
ATOM   1262 C CB  . ASN B 1 61  ? 10.572  -20.405 -7.950  1.00 42.76  ? 133 ASN B CB  1 
ATOM   1263 C CG  . ASN B 1 61  ? 9.968   -21.051 -9.197  1.00 45.67  ? 133 ASN B CG  1 
ATOM   1264 O OD1 . ASN B 1 61  ? 8.756   -21.242 -9.278  1.00 46.89  ? 133 ASN B OD1 1 
ATOM   1265 N ND2 . ASN B 1 61  ? 10.816  -21.385 -10.173 1.00 37.14  ? 133 ASN B ND2 1 
ATOM   1266 N N   . PHE B 1 62  ? 10.152  -21.075 -4.583  1.00 40.75  ? 134 PHE B N   1 
ATOM   1267 C CA  . PHE B 1 62  ? 10.709  -20.939 -3.247  1.00 44.04  ? 134 PHE B CA  1 
ATOM   1268 C C   . PHE B 1 62  ? 10.984  -22.284 -2.597  1.00 45.74  ? 134 PHE B C   1 
ATOM   1269 O O   . PHE B 1 62  ? 10.459  -23.296 -3.034  1.00 47.27  ? 134 PHE B O   1 
ATOM   1270 C CB  . PHE B 1 62  ? 9.782   -20.098 -2.368  1.00 40.41  ? 134 PHE B CB  1 
ATOM   1271 C CG  . PHE B 1 62  ? 8.425   -20.691 -2.168  1.00 35.75  ? 134 PHE B CG  1 
ATOM   1272 C CD1 . PHE B 1 62  ? 8.181   -21.550 -1.119  1.00 40.71  ? 134 PHE B CD1 1 
ATOM   1273 C CD2 . PHE B 1 62  ? 7.386   -20.373 -3.011  1.00 35.69  ? 134 PHE B CD2 1 
ATOM   1274 C CE1 . PHE B 1 62  ? 6.931   -22.087 -0.921  1.00 39.22  ? 134 PHE B CE1 1 
ATOM   1275 C CE2 . PHE B 1 62  ? 6.136   -20.914 -2.819  1.00 34.21  ? 134 PHE B CE2 1 
ATOM   1276 C CZ  . PHE B 1 62  ? 5.910   -21.765 -1.772  1.00 37.65  ? 134 PHE B CZ  1 
ATOM   1277 N N   . SER B 1 63  ? 11.815  -22.291 -1.559  1.00 46.39  ? 135 SER B N   1 
ATOM   1278 C CA  . SER B 1 63  ? 12.118  -23.522 -0.839  1.00 46.92  ? 135 SER B CA  1 
ATOM   1279 C C   . SER B 1 63  ? 11.350  -23.617 0.468   1.00 46.46  ? 135 SER B C   1 
ATOM   1280 O O   . SER B 1 63  ? 10.862  -22.626 0.992   1.00 49.68  ? 135 SER B O   1 
ATOM   1281 C CB  . SER B 1 63  ? 13.614  -23.653 -0.577  1.00 46.51  ? 135 SER B CB  1 
ATOM   1282 O OG  . SER B 1 63  ? 14.069  -22.623 0.271   1.00 50.37  ? 135 SER B OG  1 
ATOM   1283 N N   . VAL B 1 64  ? 11.250  -24.827 0.992   1.00 48.16  ? 136 VAL B N   1 
ATOM   1284 C CA  . VAL B 1 64  ? 10.415  -25.079 2.151   1.00 54.55  ? 136 VAL B CA  1 
ATOM   1285 C C   . VAL B 1 64  ? 11.117  -26.052 3.093   1.00 53.82  ? 136 VAL B C   1 
ATOM   1286 O O   . VAL B 1 64  ? 11.767  -27.002 2.653   1.00 50.83  ? 136 VAL B O   1 
ATOM   1287 C CB  . VAL B 1 64  ? 9.029   -25.648 1.716   1.00 54.70  ? 136 VAL B CB  1 
ATOM   1288 C CG1 . VAL B 1 64  ? 8.270   -26.238 2.897   1.00 55.23  ? 136 VAL B CG1 1 
ATOM   1289 C CG2 . VAL B 1 64  ? 8.199   -24.576 1.011   1.00 51.45  ? 136 VAL B CG2 1 
ATOM   1290 N N   . LEU B 1 65  ? 11.006  -25.801 4.389   1.00 50.02  ? 137 LEU B N   1 
ATOM   1291 C CA  . LEU B 1 65  ? 11.483  -26.755 5.370   1.00 50.11  ? 137 LEU B CA  1 
ATOM   1292 C C   . LEU B 1 65  ? 10.369  -27.046 6.359   1.00 55.38  ? 137 LEU B C   1 
ATOM   1293 O O   . LEU B 1 65  ? 9.700   -26.141 6.852   1.00 56.07  ? 137 LEU B O   1 
ATOM   1294 C CB  . LEU B 1 65  ? 12.721  -26.239 6.090   1.00 57.16  ? 137 LEU B CB  1 
ATOM   1295 C CG  . LEU B 1 65  ? 13.593  -27.316 6.731   1.00 59.12  ? 137 LEU B CG  1 
ATOM   1296 C CD1 . LEU B 1 65  ? 14.526  -27.937 5.704   1.00 50.66  ? 137 LEU B CD1 1 
ATOM   1297 C CD2 . LEU B 1 65  ? 14.381  -26.720 7.863   1.00 48.34  ? 137 LEU B CD2 1 
ATOM   1298 N N   . PHE B 1 66  ? 10.121  -28.330 6.588   1.00 58.97  ? 138 PHE B N   1 
ATOM   1299 C CA  . PHE B 1 66  ? 9.065   -28.774 7.493   1.00 61.17  ? 138 PHE B CA  1 
ATOM   1300 C C   . PHE B 1 66  ? 7.706   -28.090 7.291   1.00 67.62  ? 138 PHE B C   1 
ATOM   1301 O O   . PHE B 1 66  ? 7.161   -27.508 8.229   1.00 68.16  ? 138 PHE B O   1 
ATOM   1302 C CB  . PHE B 1 66  ? 9.514   -28.613 8.949   1.00 60.05  ? 138 PHE B CB  1 
ATOM   1303 C CG  . PHE B 1 66  ? 10.519  -29.637 9.390   1.00 68.45  ? 138 PHE B CG  1 
ATOM   1304 C CD1 . PHE B 1 66  ? 11.186  -30.418 8.460   1.00 73.69  ? 138 PHE B CD1 1 
ATOM   1305 C CD2 . PHE B 1 66  ? 10.799  -29.819 10.735  1.00 67.05  ? 138 PHE B CD2 1 
ATOM   1306 C CE1 . PHE B 1 66  ? 12.112  -31.362 8.864   1.00 78.39  ? 138 PHE B CE1 1 
ATOM   1307 C CE2 . PHE B 1 66  ? 11.724  -30.762 11.143  1.00 73.77  ? 138 PHE B CE2 1 
ATOM   1308 C CZ  . PHE B 1 66  ? 12.381  -31.533 10.207  1.00 79.63  ? 138 PHE B CZ  1 
ATOM   1309 N N   . ASP B 1 67  ? 7.154   -28.168 6.080   1.00 71.13  ? 139 ASP B N   1 
ATOM   1310 C CA  . ASP B 1 67  ? 5.788   -27.734 5.777   1.00 68.35  ? 139 ASP B CA  1 
ATOM   1311 C C   . ASP B 1 67  ? 5.629   -26.234 6.018   1.00 69.49  ? 139 ASP B C   1 
ATOM   1312 O O   . ASP B 1 67  ? 4.662   -25.797 6.637   1.00 72.93  ? 139 ASP B O   1 
ATOM   1313 C CB  . ASP B 1 67  ? 4.731   -28.509 6.572   1.00 70.62  ? 139 ASP B CB  1 
ATOM   1314 C CG  . ASP B 1 67  ? 3.354   -28.435 5.941   1.00 74.66  ? 139 ASP B CG  1 
ATOM   1315 O OD1 . ASP B 1 67  ? 3.252   -27.950 4.797   1.00 73.48  ? 139 ASP B OD1 1 
ATOM   1316 O OD2 . ASP B 1 67  ? 2.373   -28.869 6.583   1.00 78.25  ? 139 ASP B OD2 1 
ATOM   1317 N N   . GLN B 1 68  ? 6.569   -25.446 5.519   1.00 64.67  ? 140 GLN B N   1 
ATOM   1318 C CA  . GLN B 1 68  ? 6.499   -24.012 5.705   1.00 59.14  ? 140 GLN B CA  1 
ATOM   1319 C C   . GLN B 1 68  ? 7.568   -23.350 4.871   1.00 55.30  ? 140 GLN B C   1 
ATOM   1320 O O   . GLN B 1 68  ? 8.639   -23.914 4.674   1.00 56.47  ? 140 GLN B O   1 
ATOM   1321 C CB  . GLN B 1 68  ? 6.720   -23.682 7.170   1.00 61.49  ? 140 GLN B CB  1 
ATOM   1322 C CG  . GLN B 1 68  ? 6.369   -22.268 7.537   1.00 66.28  ? 140 GLN B CG  1 
ATOM   1323 C CD  . GLN B 1 68  ? 6.466   -22.040 9.022   1.00 68.03  ? 140 GLN B CD  1 
ATOM   1324 O OE1 . GLN B 1 68  ? 6.634   -22.987 9.792   1.00 70.08  ? 140 GLN B OE1 1 
ATOM   1325 N NE2 . GLN B 1 68  ? 6.359   -20.783 9.440   1.00 73.54  ? 140 GLN B NE2 1 
ATOM   1326 N N   . LEU B 1 69  ? 7.290   -22.145 4.384   1.00 50.41  ? 141 LEU B N   1 
ATOM   1327 C CA  . LEU B 1 69  ? 8.255   -21.411 3.570   1.00 49.88  ? 141 LEU B CA  1 
ATOM   1328 C C   . LEU B 1 69  ? 9.623   -21.338 4.248   1.00 51.90  ? 141 LEU B C   1 
ATOM   1329 O O   . LEU B 1 69  ? 9.715   -21.162 5.462   1.00 45.39  ? 141 LEU B O   1 
ATOM   1330 C CB  . LEU B 1 69  ? 7.742   -20.000 3.272   1.00 49.03  ? 141 LEU B CB  1 
ATOM   1331 C CG  . LEU B 1 69  ? 8.559   -19.179 2.273   1.00 45.21  ? 141 LEU B CG  1 
ATOM   1332 C CD1 . LEU B 1 69  ? 7.644   -18.370 1.366   1.00 43.25  ? 141 LEU B CD1 1 
ATOM   1333 C CD2 . LEU B 1 69  ? 9.541   -18.272 2.998   1.00 52.01  ? 141 LEU B CD2 1 
ATOM   1334 N N   . GLU B 1 70  ? 10.680  -21.477 3.446   1.00 57.08  ? 142 GLU B N   1 
ATOM   1335 C CA  . GLU B 1 70  ? 12.057  -21.463 3.943   1.00 50.30  ? 142 GLU B CA  1 
ATOM   1336 C C   . GLU B 1 70  ? 12.885  -20.336 3.319   1.00 45.31  ? 142 GLU B C   1 
ATOM   1337 O O   . GLU B 1 70  ? 13.478  -19.526 4.031   1.00 54.46  ? 142 GLU B O   1 
ATOM   1338 C CB  . GLU B 1 70  ? 12.731  -22.813 3.688   1.00 50.17  ? 142 GLU B CB  1 
ATOM   1339 C CG  . GLU B 1 70  ? 13.984  -23.047 4.516   1.00 48.80  ? 142 GLU B CG  1 
ATOM   1340 C CD  . GLU B 1 70  ? 15.253  -22.939 3.694   1.00 51.58  ? 142 GLU B CD  1 
ATOM   1341 O OE1 . GLU B 1 70  ? 15.504  -23.838 2.864   1.00 47.86  ? 142 GLU B OE1 1 
ATOM   1342 O OE2 . GLU B 1 70  ? 16.000  -21.955 3.879   1.00 57.00  ? 142 GLU B OE2 1 
ATOM   1343 N N   . THR B 1 71  ? 12.914  -20.285 1.990   1.00 45.18  ? 143 THR B N   1 
ATOM   1344 C CA  . THR B 1 71  ? 13.582  -19.181 1.287   1.00 47.04  ? 143 THR B CA  1 
ATOM   1345 C C   . THR B 1 71  ? 12.903  -18.815 -0.030  1.00 49.39  ? 143 THR B C   1 
ATOM   1346 O O   . THR B 1 71  ? 12.449  -19.689 -0.763  1.00 48.56  ? 143 THR B O   1 
ATOM   1347 C CB  . THR B 1 71  ? 15.044  -19.502 0.969   1.00 42.39  ? 143 THR B CB  1 
ATOM   1348 O OG1 . THR B 1 71  ? 15.761  -19.706 2.186   1.00 44.16  ? 143 THR B OG1 1 
ATOM   1349 C CG2 . THR B 1 71  ? 15.685  -18.355 0.178   1.00 37.75  ? 143 THR B CG2 1 
ATOM   1350 N N   . LEU B 1 72  ? 12.856  -17.519 -0.333  1.00 51.20  ? 144 LEU B N   1 
ATOM   1351 C CA  . LEU B 1 72  ? 12.264  -17.038 -1.580  1.00 45.00  ? 144 LEU B CA  1 
ATOM   1352 C C   . LEU B 1 72  ? 13.305  -16.871 -2.669  1.00 47.27  ? 144 LEU B C   1 
ATOM   1353 O O   . LEU B 1 72  ? 14.396  -16.343 -2.435  1.00 49.70  ? 144 LEU B O   1 
ATOM   1354 C CB  . LEU B 1 72  ? 11.558  -15.700 -1.378  1.00 44.24  ? 144 LEU B CB  1 
ATOM   1355 C CG  . LEU B 1 72  ? 10.818  -15.241 -2.632  1.00 46.48  ? 144 LEU B CG  1 
ATOM   1356 C CD1 . LEU B 1 72  ? 9.618   -16.133 -2.819  1.00 42.27  ? 144 LEU B CD1 1 
ATOM   1357 C CD2 . LEU B 1 72  ? 10.401  -13.785 -2.544  1.00 43.34  ? 144 LEU B CD2 1 
ATOM   1358 N N   . VAL B 1 73  ? 12.960  -17.320 -3.868  1.00 44.94  ? 145 VAL B N   1 
ATOM   1359 C CA  . VAL B 1 73  ? 13.839  -17.162 -5.003  1.00 39.86  ? 145 VAL B CA  1 
ATOM   1360 C C   . VAL B 1 73  ? 13.337  -15.964 -5.783  1.00 42.38  ? 145 VAL B C   1 
ATOM   1361 O O   . VAL B 1 73  ? 14.048  -14.975 -5.965  1.00 39.13  ? 145 VAL B O   1 
ATOM   1362 C CB  . VAL B 1 73  ? 13.816  -18.417 -5.877  1.00 39.58  ? 145 VAL B CB  1 
ATOM   1363 C CG1 . VAL B 1 73  ? 14.972  -18.397 -6.854  1.00 36.45  ? 145 VAL B CG1 1 
ATOM   1364 C CG2 . VAL B 1 73  ? 13.866  -19.662 -4.999  1.00 39.62  ? 145 VAL B CG2 1 
ATOM   1365 N N   . SER B 1 74  ? 12.087  -16.060 -6.226  1.00 47.96  ? 146 SER B N   1 
ATOM   1366 C CA  . SER B 1 74  ? 11.434  -14.988 -6.967  1.00 40.91  ? 146 SER B CA  1 
ATOM   1367 C C   . SER B 1 74  ? 9.936   -15.176 -6.981  1.00 37.92  ? 146 SER B C   1 
ATOM   1368 O O   . SER B 1 74  ? 9.436   -16.291 -7.124  1.00 37.73  ? 146 SER B O   1 
ATOM   1369 C CB  . SER B 1 74  ? 11.931  -14.903 -8.407  1.00 29.21  ? 146 SER B CB  1 
ATOM   1370 O OG  . SER B 1 74  ? 11.116  -14.011 -9.134  1.00 30.00  ? 146 SER B OG  1 
ATOM   1371 N N   . LEU B 1 75  ? 9.235   -14.064 -6.804  1.00 36.75  ? 147 LEU B N   1 
ATOM   1372 C CA  . LEU B 1 75  ? 7.803   -14.005 -6.977  1.00 33.04  ? 147 LEU B CA  1 
ATOM   1373 C C   . LEU B 1 75  ? 7.586   -13.029 -8.097  1.00 33.10  ? 147 LEU B C   1 
ATOM   1374 O O   . LEU B 1 75  ? 8.109   -11.922 -8.068  1.00 33.40  ? 147 LEU B O   1 
ATOM   1375 C CB  . LEU B 1 75  ? 7.101   -13.508 -5.711  1.00 32.53  ? 147 LEU B CB  1 
ATOM   1376 C CG  . LEU B 1 75  ? 5.578   -13.349 -5.805  1.00 29.46  ? 147 LEU B CG  1 
ATOM   1377 C CD1 . LEU B 1 75  ? 4.945   -13.360 -4.448  1.00 25.73  ? 147 LEU B CD1 1 
ATOM   1378 C CD2 . LEU B 1 75  ? 5.188   -12.083 -6.530  1.00 30.88  ? 147 LEU B CD2 1 
ATOM   1379 N N   . ARG B 1 76  ? 6.820   -13.440 -9.095  1.00 33.52  ? 148 ARG B N   1 
ATOM   1380 C CA  . ARG B 1 76  ? 6.510   -12.531 -10.175 1.00 32.86  ? 148 ARG B CA  1 
ATOM   1381 C C   . ARG B 1 76  ? 5.021   -12.478 -10.440 1.00 29.53  ? 148 ARG B C   1 
ATOM   1382 O O   . ARG B 1 76  ? 4.283   -13.397 -10.108 1.00 31.49  ? 148 ARG B O   1 
ATOM   1383 C CB  . ARG B 1 76  ? 7.325   -12.851 -11.417 1.00 31.76  ? 148 ARG B CB  1 
ATOM   1384 C CG  . ARG B 1 76  ? 8.817   -12.759 -11.158 1.00 32.02  ? 148 ARG B CG  1 
ATOM   1385 C CD  . ARG B 1 76  ? 9.572   -13.001 -12.424 1.00 31.51  ? 148 ARG B CD  1 
ATOM   1386 N NE  . ARG B 1 76  ? 11.007  -12.882 -12.254 1.00 30.69  ? 148 ARG B NE  1 
ATOM   1387 C CZ  . ARG B 1 76  ? 11.843  -12.667 -13.262 1.00 38.89  ? 148 ARG B CZ  1 
ATOM   1388 N NH1 . ARG B 1 76  ? 11.368  -12.551 -14.492 1.00 38.37  ? 148 ARG B NH1 1 
ATOM   1389 N NH2 . ARG B 1 76  ? 13.146  -12.564 -13.047 1.00 41.98  ? 148 ARG B NH2 1 
ATOM   1390 N N   . ALA B 1 77  ? 4.588   -11.359 -10.994 1.00 27.31  ? 149 ALA B N   1 
ATOM   1391 C CA  . ALA B 1 77  ? 3.186   -11.088 -11.132 1.00 27.24  ? 149 ALA B CA  1 
ATOM   1392 C C   . ALA B 1 77  ? 2.874   -10.952 -12.602 1.00 32.38  ? 149 ALA B C   1 
ATOM   1393 O O   . ALA B 1 77  ? 3.490   -10.151 -13.313 1.00 27.92  ? 149 ALA B O   1 
ATOM   1394 C CB  . ALA B 1 77  ? 2.810   -9.841  -10.385 1.00 25.05  ? 149 ALA B CB  1 
ATOM   1395 N N   . PHE B 1 78  ? 1.925   -11.773 -13.049 1.00 31.70  ? 150 PHE B N   1 
ATOM   1396 C CA  . PHE B 1 78  ? 1.570   -11.856 -14.442 1.00 28.80  ? 150 PHE B CA  1 
ATOM   1397 C C   . PHE B 1 78  ? 0.162   -11.381 -14.600 1.00 28.16  ? 150 PHE B C   1 
ATOM   1398 O O   . PHE B 1 78  ? -0.640  -11.477 -13.678 1.00 28.85  ? 150 PHE B O   1 
ATOM   1399 C CB  . PHE B 1 78  ? 1.677   -13.292 -14.930 1.00 28.07  ? 150 PHE B CB  1 
ATOM   1400 C CG  . PHE B 1 78  ? 3.020   -13.902 -14.714 1.00 28.35  ? 150 PHE B CG  1 
ATOM   1401 C CD1 . PHE B 1 78  ? 3.993   -13.819 -15.685 1.00 27.64  ? 150 PHE B CD1 1 
ATOM   1402 C CD2 . PHE B 1 78  ? 3.312   -14.569 -13.536 1.00 27.42  ? 150 PHE B CD2 1 
ATOM   1403 C CE1 . PHE B 1 78  ? 5.222   -14.384 -15.488 1.00 27.38  ? 150 PHE B CE1 1 
ATOM   1404 C CE2 . PHE B 1 78  ? 4.551   -15.143 -13.338 1.00 27.18  ? 150 PHE B CE2 1 
ATOM   1405 C CZ  . PHE B 1 78  ? 5.504   -15.050 -14.311 1.00 27.10  ? 150 PHE B CZ  1 
ATOM   1406 N N   . THR B 1 79  ? -0.110  -10.865 -15.788 1.00 27.70  ? 151 THR B N   1 
ATOM   1407 C CA  . THR B 1 79  ? -1.418  -10.407 -16.190 1.00 33.52  ? 151 THR B CA  1 
ATOM   1408 C C   . THR B 1 79  ? -2.112  -11.577 -16.884 1.00 34.50  ? 151 THR B C   1 
ATOM   1409 O O   . THR B 1 79  ? -1.598  -12.685 -16.855 1.00 36.73  ? 151 THR B O   1 
ATOM   1410 C CB  . THR B 1 79  ? -1.242  -9.253  -17.157 1.00 31.64  ? 151 THR B CB  1 
ATOM   1411 O OG1 . THR B 1 79  ? -0.484  -9.720  -18.273 1.00 30.83  ? 151 THR B OG1 1 
ATOM   1412 C CG2 . THR B 1 79  ? -0.462  -8.152  -16.507 1.00 24.73  ? 151 THR B CG2 1 
ATOM   1413 N N   . ASP B 1 80  ? -3.276  -11.348 -17.489 1.00 36.02  ? 152 ASP B N   1 
ATOM   1414 C CA  . ASP B 1 80  ? -3.913  -12.394 -18.293 1.00 32.21  ? 152 ASP B CA  1 
ATOM   1415 C C   . ASP B 1 80  ? -3.012  -12.778 -19.465 1.00 31.38  ? 152 ASP B C   1 
ATOM   1416 O O   . ASP B 1 80  ? -2.900  -13.942 -19.817 1.00 33.34  ? 152 ASP B O   1 
ATOM   1417 C CB  . ASP B 1 80  ? -5.292  -11.958 -18.814 1.00 31.59  ? 152 ASP B CB  1 
ATOM   1418 C CG  . ASP B 1 80  ? -6.401  -12.234 -17.824 1.00 33.00  ? 152 ASP B CG  1 
ATOM   1419 O OD1 . ASP B 1 80  ? -6.063  -12.717 -16.725 1.00 33.81  ? 152 ASP B OD1 1 
ATOM   1420 O OD2 . ASP B 1 80  ? -7.591  -11.977 -18.142 1.00 29.12  ? 152 ASP B OD2 1 
ATOM   1421 N N   . ASP B 1 81  ? -2.359  -11.794 -20.065 1.00 32.51  ? 153 ASP B N   1 
ATOM   1422 C CA  . ASP B 1 81  ? -1.519  -12.038 -21.232 1.00 31.27  ? 153 ASP B CA  1 
ATOM   1423 C C   . ASP B 1 81  ? -0.104  -12.487 -20.873 1.00 34.26  ? 153 ASP B C   1 
ATOM   1424 O O   . ASP B 1 81  ? 0.804   -12.443 -21.701 1.00 33.60  ? 153 ASP B O   1 
ATOM   1425 C CB  . ASP B 1 81  ? -1.496  -10.810 -22.156 1.00 32.62  ? 153 ASP B CB  1 
ATOM   1426 C CG  . ASP B 1 81  ? -0.789  -9.596  -21.546 1.00 34.97  ? 153 ASP B CG  1 
ATOM   1427 O OD1 . ASP B 1 81  ? -0.310  -9.653  -20.398 1.00 32.67  ? 153 ASP B OD1 1 
ATOM   1428 O OD2 . ASP B 1 81  ? -0.717  -8.564  -22.242 1.00 42.73  ? 153 ASP B OD2 1 
ATOM   1429 N N   . GLY B 1 82  ? 0.076   -12.911 -19.628 1.00 33.34  ? 154 GLY B N   1 
ATOM   1430 C CA  . GLY B 1 82  ? 1.314   -13.526 -19.202 1.00 31.12  ? 154 GLY B CA  1 
ATOM   1431 C C   . GLY B 1 82  ? 2.502   -12.597 -19.088 1.00 35.92  ? 154 GLY B C   1 
ATOM   1432 O O   . GLY B 1 82  ? 3.627   -13.059 -18.922 1.00 41.43  ? 154 GLY B O   1 
ATOM   1433 N N   . ALA B 1 83  ? 2.267   -11.288 -19.170 1.00 41.82  ? 155 ALA B N   1 
ATOM   1434 C CA  . ALA B 1 83  ? 3.332   -10.293 -18.973 1.00 34.10  ? 155 ALA B CA  1 
ATOM   1435 C C   . ALA B 1 83  ? 3.644   -10.124 -17.492 1.00 31.11  ? 155 ALA B C   1 
ATOM   1436 O O   . ALA B 1 83  ? 2.744   -10.167 -16.668 1.00 36.06  ? 155 ALA B O   1 
ATOM   1437 C CB  . ALA B 1 83  ? 2.930   -8.962  -19.576 1.00 28.45  ? 155 ALA B CB  1 
ATOM   1438 N N   . ILE B 1 84  ? 4.913   -9.923  -17.153 1.00 36.83  ? 156 ILE B N   1 
ATOM   1439 C CA  . ILE B 1 84  ? 5.304   -9.727  -15.756 1.00 33.58  ? 156 ILE B CA  1 
ATOM   1440 C C   . ILE B 1 84  ? 5.380   -8.240  -15.411 1.00 30.51  ? 156 ILE B C   1 
ATOM   1441 O O   . ILE B 1 84  ? 6.054   -7.476  -16.103 1.00 29.65  ? 156 ILE B O   1 
ATOM   1442 C CB  . ILE B 1 84  ? 6.662   -10.386 -15.451 1.00 30.55  ? 156 ILE B CB  1 
ATOM   1443 C CG1 . ILE B 1 84  ? 6.802   -11.700 -16.222 1.00 31.50  ? 156 ILE B CG1 1 
ATOM   1444 C CG2 . ILE B 1 84  ? 6.817   -10.620 -13.956 1.00 28.81  ? 156 ILE B CG2 1 
ATOM   1445 C CD1 . ILE B 1 84  ? 8.134   -12.388 -16.019 1.00 34.98  ? 156 ILE B CD1 1 
ATOM   1446 N N   . VAL B 1 85  ? 4.688   -7.828  -14.354 1.00 31.50  ? 157 VAL B N   1 
ATOM   1447 C CA  . VAL B 1 85  ? 4.627   -6.413  -14.002 1.00 28.53  ? 157 VAL B CA  1 
ATOM   1448 C C   . VAL B 1 85  ? 5.206   -6.080  -12.631 1.00 29.88  ? 157 VAL B C   1 
ATOM   1449 O O   . VAL B 1 85  ? 5.279   -4.912  -12.251 1.00 31.87  ? 157 VAL B O   1 
ATOM   1450 C CB  . VAL B 1 85  ? 3.168   -5.917  -14.061 1.00 27.96  ? 157 VAL B CB  1 
ATOM   1451 C CG1 . VAL B 1 85  ? 2.733   -5.720  -15.505 1.00 24.96  ? 157 VAL B CG1 1 
ATOM   1452 C CG2 . VAL B 1 85  ? 2.247   -6.893  -13.346 1.00 25.08  ? 157 VAL B CG2 1 
ATOM   1453 N N   . ALA B 1 86  ? 5.616   -7.103  -11.890 1.00 31.94  ? 158 ALA B N   1 
ATOM   1454 C CA  . ALA B 1 86  ? 6.169   -6.890  -10.558 1.00 31.75  ? 158 ALA B CA  1 
ATOM   1455 C C   . ALA B 1 86  ? 6.887   -8.131  -10.046 1.00 31.56  ? 158 ALA B C   1 
ATOM   1456 O O   . ALA B 1 86  ? 6.415   -9.253  -10.227 1.00 35.48  ? 158 ALA B O   1 
ATOM   1457 C CB  . ALA B 1 86  ? 5.071   -6.474  -9.589  1.00 32.71  ? 158 ALA B CB  1 
ATOM   1458 N N   . GLU B 1 87  ? 8.033   -7.924  -9.405  1.00 36.14  ? 159 GLU B N   1 
ATOM   1459 C CA  . GLU B 1 87  ? 8.802   -9.034  -8.855  1.00 37.80  ? 159 GLU B CA  1 
ATOM   1460 C C   . GLU B 1 87  ? 9.149   -8.805  -7.381  1.00 38.54  ? 159 GLU B C   1 
ATOM   1461 O O   . GLU B 1 87  ? 9.153   -7.673  -6.903  1.00 34.65  ? 159 GLU B O   1 
ATOM   1462 C CB  . GLU B 1 87  ? 10.067  -9.257  -9.680  1.00 31.00  ? 159 GLU B CB  1 
ATOM   1463 C CG  . GLU B 1 87  ? 10.944  -10.377 -9.180  1.00 31.48  ? 159 GLU B CG  1 
ATOM   1464 C CD  . GLU B 1 87  ? 12.114  -10.608 -10.101 1.00 39.12  ? 159 GLU B CD  1 
ATOM   1465 O OE1 . GLU B 1 87  ? 12.175  -9.936  -11.155 1.00 38.26  ? 159 GLU B OE1 1 
ATOM   1466 O OE2 . GLU B 1 87  ? 12.977  -11.453 -9.781  1.00 41.17  ? 159 GLU B OE2 1 
ATOM   1467 N N   . ILE B 1 88  ? 9.413   -9.885  -6.657  1.00 34.95  ? 160 ILE B N   1 
ATOM   1468 C CA  . ILE B 1 88  ? 9.865   -9.765  -5.287  1.00 35.10  ? 160 ILE B CA  1 
ATOM   1469 C C   . ILE B 1 88  ? 11.015  -10.732 -5.102  1.00 39.50  ? 160 ILE B C   1 
ATOM   1470 O O   . ILE B 1 88  ? 10.832  -11.880 -4.703  1.00 37.66  ? 160 ILE B O   1 
ATOM   1471 C CB  . ILE B 1 88  ? 8.765   -10.067 -4.273  1.00 36.41  ? 160 ILE B CB  1 
ATOM   1472 C CG1 . ILE B 1 88  ? 7.656   -9.022  -4.339  1.00 29.79  ? 160 ILE B CG1 1 
ATOM   1473 C CG2 . ILE B 1 88  ? 9.350   -10.134 -2.865  1.00 36.61  ? 160 ILE B CG2 1 
ATOM   1474 C CD1 . ILE B 1 88  ? 6.442   -9.429  -3.549  1.00 30.57  ? 160 ILE B CD1 1 
ATOM   1475 N N   . SER B 1 89  ? 12.209  -10.236 -5.391  1.00 43.60  ? 161 SER B N   1 
ATOM   1476 C CA  . SER B 1 89  ? 13.429  -11.010 -5.303  1.00 42.09  ? 161 SER B CA  1 
ATOM   1477 C C   . SER B 1 89  ? 14.218  -10.545 -4.088  1.00 50.87  ? 161 SER B C   1 
ATOM   1478 O O   . SER B 1 89  ? 14.070  -9.403  -3.649  1.00 49.41  ? 161 SER B O   1 
ATOM   1479 C CB  . SER B 1 89  ? 14.256  -10.764 -6.549  1.00 40.24  ? 161 SER B CB  1 
ATOM   1480 O OG  . SER B 1 89  ? 14.124  -9.402  -6.917  1.00 43.75  ? 161 SER B OG  1 
ATOM   1481 N N   . PRO B 1 90  ? 15.070  -11.426 -3.537  1.00 56.86  ? 162 PRO B N   1 
ATOM   1482 C CA  . PRO B 1 90  ? 15.956  -10.971 -2.469  1.00 57.52  ? 162 PRO B CA  1 
ATOM   1483 C C   . PRO B 1 90  ? 16.838  -9.826  -2.933  1.00 59.33  ? 162 PRO B C   1 
ATOM   1484 O O   . PRO B 1 90  ? 16.938  -9.530  -4.128  1.00 52.07  ? 162 PRO B O   1 
ATOM   1485 C CB  . PRO B 1 90  ? 16.819  -12.203 -2.188  1.00 54.37  ? 162 PRO B CB  1 
ATOM   1486 C CG  . PRO B 1 90  ? 15.964  -13.335 -2.546  1.00 50.36  ? 162 PRO B CG  1 
ATOM   1487 C CD  . PRO B 1 90  ? 15.194  -12.876 -3.756  1.00 53.73  ? 162 PRO B CD  1 
ATOM   1488 N N   . ILE B 1 91  ? 17.469  -9.181  -1.961  1.00 68.65  ? 163 ILE B N   1 
ATOM   1489 C CA  . ILE B 1 91  ? 18.481  -8.183  -2.241  1.00 73.67  ? 163 ILE B CA  1 
ATOM   1490 C C   . ILE B 1 91  ? 19.711  -8.874  -2.798  1.00 77.76  ? 163 ILE B C   1 
ATOM   1491 O O   . ILE B 1 91  ? 20.112  -9.935  -2.315  1.00 74.11  ? 163 ILE B O   1 
ATOM   1492 C CB  . ILE B 1 91  ? 18.898  -7.432  -0.981  1.00 69.65  ? 163 ILE B CB  1 
ATOM   1493 C CG1 . ILE B 1 91  ? 17.667  -6.904  -0.246  1.00 60.48  ? 163 ILE B CG1 1 
ATOM   1494 C CG2 . ILE B 1 91  ? 19.867  -6.324  -1.340  1.00 79.16  ? 163 ILE B CG2 1 
ATOM   1495 C CD1 . ILE B 1 91  ? 16.724  -6.145  -1.128  1.00 57.96  ? 163 ILE B CD1 1 
ATOM   1496 N N   . PRO B 1 92  ? 20.324  -8.279  -3.816  1.00 85.78  ? 164 PRO B N   1 
ATOM   1497 C CA  . PRO B 1 92  ? 21.520  -8.865  -4.437  1.00 91.79  ? 164 PRO B CA  1 
ATOM   1498 C C   . PRO B 1 92  ? 22.698  -8.943  -3.466  1.00 90.06  ? 164 PRO B C   1 
ATOM   1499 O O   . PRO B 1 92  ? 23.218  -10.027 -3.202  1.00 84.18  ? 164 PRO B O   1 
ATOM   1500 C CB  . PRO B 1 92  ? 21.837  -7.886  -5.569  1.00 91.01  ? 164 PRO B CB  1 
ATOM   1501 C CG  . PRO B 1 92  ? 20.522  -7.280  -5.914  1.00 86.65  ? 164 PRO B CG  1 
ATOM   1502 C CD  . PRO B 1 92  ? 19.764  -7.180  -4.621  1.00 82.14  ? 164 PRO B CD  1 
ATOM   1503 N N   . SER B 1 93  ? 23.103  -7.791  -2.945  1.00 87.41  ? 165 SER B N   1 
ATOM   1504 C CA  . SER B 1 93  ? 24.177  -7.714  -1.978  1.00 83.38  ? 165 SER B CA  1 
ATOM   1505 C C   . SER B 1 93  ? 23.766  -8.467  -0.723  1.00 80.73  ? 165 SER B C   1 
ATOM   1506 O O   . SER B 1 93  ? 24.448  -9.396  -0.301  1.00 84.88  ? 165 SER B O   1 
ATOM   1507 C CB  . SER B 1 93  ? 24.442  -6.251  -1.639  1.00 87.18  ? 165 SER B CB  1 
ATOM   1508 O OG  . SER B 1 93  ? 23.221  -5.552  -1.475  1.00 88.90  ? 165 SER B OG  1 
ATOM   1509 N N   . MET B 1 94  ? 22.635  -8.082  -0.146  1.00 76.91  ? 166 MET B N   1 
ATOM   1510 C CA  . MET B 1 94  ? 22.280  -8.526  1.196   1.00 78.68  ? 166 MET B CA  1 
ATOM   1511 C C   . MET B 1 94  ? 20.925  -9.243  1.294   1.00 74.66  ? 166 MET B C   1 
ATOM   1512 O O   . MET B 1 94  ? 19.946  -8.653  1.754   1.00 69.91  ? 166 MET B O   1 
ATOM   1513 C CB  . MET B 1 94  ? 22.319  -7.315  2.137   1.00 86.32  ? 166 MET B CB  1 
ATOM   1514 C CG  . MET B 1 94  ? 21.541  -6.095  1.628   1.00 94.36  ? 166 MET B CG  1 
ATOM   1515 S SD  . MET B 1 94  ? 22.001  -4.515  2.399   1.00 127.60 ? 166 MET B SD  1 
ATOM   1516 C CE  . MET B 1 94  ? 23.104  -3.801  1.175   1.00 97.23  ? 166 MET B CE  1 
ATOM   1517 N N   . PRO B 1 95  ? 20.873  -10.528 0.884   1.00 79.71  ? 167 PRO B N   1 
ATOM   1518 C CA  . PRO B 1 95  ? 19.614  -11.277 0.716   1.00 76.45  ? 167 PRO B CA  1 
ATOM   1519 C C   . PRO B 1 95  ? 19.037  -11.960 1.958   1.00 71.19  ? 167 PRO B C   1 
ATOM   1520 O O   . PRO B 1 95  ? 17.829  -12.189 1.989   1.00 67.72  ? 167 PRO B O   1 
ATOM   1521 C CB  . PRO B 1 95  ? 19.989  -12.344 -0.317  1.00 75.74  ? 167 PRO B CB  1 
ATOM   1522 C CG  . PRO B 1 95  ? 21.425  -12.619 -0.037  1.00 80.69  ? 167 PRO B CG  1 
ATOM   1523 C CD  . PRO B 1 95  ? 22.026  -11.285 0.364   1.00 82.71  ? 167 PRO B CD  1 
ATOM   1524 N N   . GLY B 1 96  ? 19.864  -12.300 2.941   1.00 72.65  ? 168 GLY B N   1 
ATOM   1525 C CA  . GLY B 1 96  ? 19.365  -12.987 4.120   1.00 73.87  ? 168 GLY B CA  1 
ATOM   1526 C C   . GLY B 1 96  ? 18.038  -12.416 4.586   1.00 70.09  ? 168 GLY B C   1 
ATOM   1527 O O   . GLY B 1 96  ? 17.885  -11.198 4.665   1.00 70.83  ? 168 GLY B O   1 
ATOM   1528 N N   . HIS B 1 97  ? 17.075  -13.284 4.892   1.00 65.85  ? 169 HIS B N   1 
ATOM   1529 C CA  . HIS B 1 97  ? 15.759  -12.821 5.328   1.00 64.34  ? 169 HIS B CA  1 
ATOM   1530 C C   . HIS B 1 97  ? 14.846  -13.960 5.781   1.00 63.89  ? 169 HIS B C   1 
ATOM   1531 O O   . HIS B 1 97  ? 15.047  -15.117 5.421   1.00 62.86  ? 169 HIS B O   1 
ATOM   1532 C CB  . HIS B 1 97  ? 15.075  -12.117 4.177   1.00 59.30  ? 169 HIS B CB  1 
ATOM   1533 C CG  . HIS B 1 97  ? 14.729  -13.041 3.065   1.00 60.91  ? 169 HIS B CG  1 
ATOM   1534 N ND1 . HIS B 1 97  ? 15.532  -13.204 1.955   1.00 62.93  ? 169 HIS B ND1 1 
ATOM   1535 C CD2 . HIS B 1 97  ? 13.694  -13.900 2.906   1.00 61.01  ? 169 HIS B CD2 1 
ATOM   1536 C CE1 . HIS B 1 97  ? 14.991  -14.098 1.151   1.00 63.84  ? 169 HIS B CE1 1 
ATOM   1537 N NE2 . HIS B 1 97  ? 13.872  -14.540 1.706   1.00 56.60  ? 169 HIS B NE2 1 
ATOM   1538 N N   . SER B 1 98  ? 13.821  -13.612 6.552   1.00 64.60  ? 170 SER B N   1 
ATOM   1539 C CA  . SER B 1 98  ? 12.860  -14.588 7.036   1.00 57.98  ? 170 SER B CA  1 
ATOM   1540 C C   . SER B 1 98  ? 11.628  -14.560 6.168   1.00 54.36  ? 170 SER B C   1 
ATOM   1541 O O   . SER B 1 98  ? 11.513  -13.755 5.252   1.00 49.85  ? 170 SER B O   1 
ATOM   1542 C CB  . SER B 1 98  ? 12.454  -14.287 8.477   1.00 60.28  ? 170 SER B CB  1 
ATOM   1543 O OG  . SER B 1 98  ? 11.779  -13.043 8.561   1.00 57.42  ? 170 SER B OG  1 
ATOM   1544 N N   . THR B 1 99  ? 10.698  -15.444 6.483   1.00 56.89  ? 171 THR B N   1 
ATOM   1545 C CA  . THR B 1 99  ? 9.492   -15.598 5.693   1.00 58.62  ? 171 THR B CA  1 
ATOM   1546 C C   . THR B 1 99  ? 8.426   -14.621 6.167   1.00 58.20  ? 171 THR B C   1 
ATOM   1547 O O   . THR B 1 99  ? 7.491   -14.284 5.435   1.00 54.24  ? 171 THR B O   1 
ATOM   1548 C CB  . THR B 1 99  ? 8.984   -17.047 5.764   1.00 57.62  ? 171 THR B CB  1 
ATOM   1549 O OG1 . THR B 1 99  ? 7.921   -17.246 4.823   1.00 61.95  ? 171 THR B OG1 1 
ATOM   1550 C CG2 . THR B 1 99  ? 8.485   -17.349 7.166   1.00 59.96  ? 171 THR B CG2 1 
ATOM   1551 N N   . GLU B 1 100 ? 8.572   -14.159 7.399   1.00 56.07  ? 172 GLU B N   1 
ATOM   1552 C CA  . GLU B 1 100 ? 7.708   -13.099 7.863   1.00 55.23  ? 172 GLU B CA  1 
ATOM   1553 C C   . GLU B 1 100 ? 8.027   -11.842 7.046   1.00 54.83  ? 172 GLU B C   1 
ATOM   1554 O O   . GLU B 1 100 ? 7.183   -10.962 6.905   1.00 53.38  ? 172 GLU B O   1 
ATOM   1555 C CB  . GLU B 1 100 ? 7.897   -12.870 9.362   1.00 61.09  ? 172 GLU B CB  1 
ATOM   1556 C CG  . GLU B 1 100 ? 6.839   -11.972 10.000  1.00 66.54  ? 172 GLU B CG  1 
ATOM   1557 C CD  . GLU B 1 100 ? 7.373   -10.585 10.341  1.00 69.44  ? 172 GLU B CD  1 
ATOM   1558 O OE1 . GLU B 1 100 ? 8.593   -10.364 10.169  1.00 62.73  ? 172 GLU B OE1 1 
ATOM   1559 O OE2 . GLU B 1 100 ? 6.577   -9.720  10.783  1.00 65.17  ? 172 GLU B OE2 1 
ATOM   1560 N N   . ASP B 1 101 ? 9.240   -11.777 6.495   1.00 56.29  ? 173 ASP B N   1 
ATOM   1561 C CA  . ASP B 1 101 ? 9.663   -10.650 5.656   1.00 53.89  ? 173 ASP B CA  1 
ATOM   1562 C C   . ASP B 1 101 ? 8.915   -10.703 4.346   1.00 51.50  ? 173 ASP B C   1 
ATOM   1563 O O   . ASP B 1 101 ? 8.703   -9.690  3.677   1.00 47.82  ? 173 ASP B O   1 
ATOM   1564 C CB  . ASP B 1 101 ? 11.148  -10.747 5.306   1.00 58.26  ? 173 ASP B CB  1 
ATOM   1565 C CG  . ASP B 1 101 ? 12.060  -10.480 6.479   1.00 64.75  ? 173 ASP B CG  1 
ATOM   1566 O OD1 . ASP B 1 101 ? 11.757  -9.600  7.319   1.00 58.83  ? 173 ASP B OD1 1 
ATOM   1567 O OD2 . ASP B 1 101 ? 13.085  -11.190 6.570   1.00 71.00  ? 173 ASP B OD2 1 
ATOM   1568 N N   . VAL B 1 102 ? 8.554   -11.916 3.965   1.00 49.46  ? 174 VAL B N   1 
ATOM   1569 C CA  . VAL B 1 102 ? 7.960   -12.151 2.677   1.00 45.28  ? 174 VAL B CA  1 
ATOM   1570 C C   . VAL B 1 102 ? 6.487   -11.797 2.702   1.00 44.81  ? 174 VAL B C   1 
ATOM   1571 O O   . VAL B 1 102 ? 6.009   -11.085 1.830   1.00 41.42  ? 174 VAL B O   1 
ATOM   1572 C CB  . VAL B 1 102 ? 8.141   -13.609 2.257   1.00 55.14  ? 174 VAL B CB  1 
ATOM   1573 C CG1 . VAL B 1 102 ? 7.242   -13.934 1.068   1.00 51.93  ? 174 VAL B CG1 1 
ATOM   1574 C CG2 . VAL B 1 102 ? 9.606   -13.888 1.940   1.00 49.18  ? 174 VAL B CG2 1 
ATOM   1575 N N   . LYS B 1 103 ? 5.764   -12.288 3.701   1.00 43.09  ? 175 LYS B N   1 
ATOM   1576 C CA  . LYS B 1 103 ? 4.351   -11.960 3.811   1.00 42.82  ? 175 LYS B CA  1 
ATOM   1577 C C   . LYS B 1 103 ? 4.144   -10.443 3.723   1.00 43.11  ? 175 LYS B C   1 
ATOM   1578 O O   . LYS B 1 103 ? 3.097   -9.967  3.286   1.00 44.73  ? 175 LYS B O   1 
ATOM   1579 C CB  . LYS B 1 103 ? 3.776   -12.480 5.122   1.00 41.55  ? 175 LYS B CB  1 
ATOM   1580 C CG  . LYS B 1 103 ? 4.262   -13.846 5.523   1.00 45.49  ? 175 LYS B CG  1 
ATOM   1581 C CD  . LYS B 1 103 ? 3.914   -14.116 6.977   1.00 55.16  ? 175 LYS B CD  1 
ATOM   1582 C CE  . LYS B 1 103 ? 4.045   -15.584 7.318   1.00 55.56  ? 175 LYS B CE  1 
ATOM   1583 N NZ  . LYS B 1 103 ? 3.049   -16.386 6.555   1.00 54.07  ? 175 LYS B NZ  1 
ATOM   1584 N N   . ASN B 1 104 ? 5.145   -9.681  4.139   1.00 39.87  ? 176 ASN B N   1 
ATOM   1585 C CA  . ASN B 1 104 ? 5.029   -8.234  4.134   1.00 39.24  ? 176 ASN B CA  1 
ATOM   1586 C C   . ASN B 1 104 ? 5.339   -7.637  2.777   1.00 36.87  ? 176 ASN B C   1 
ATOM   1587 O O   . ASN B 1 104 ? 4.633   -6.752  2.316   1.00 34.13  ? 176 ASN B O   1 
ATOM   1588 C CB  . ASN B 1 104 ? 5.954   -7.636  5.179   1.00 48.31  ? 176 ASN B CB  1 
ATOM   1589 C CG  . ASN B 1 104 ? 5.844   -8.335  6.514   1.00 53.92  ? 176 ASN B CG  1 
ATOM   1590 O OD1 . ASN B 1 104 ? 4.882   -9.070  6.780   1.00 44.64  ? 176 ASN B OD1 1 
ATOM   1591 N ND2 . ASN B 1 104 ? 6.839   -8.113  7.368   1.00 59.15  ? 176 ASN B ND2 1 
ATOM   1592 N N   . ALA B 1 105 ? 6.402   -8.122  2.144   1.00 37.39  ? 177 ALA B N   1 
ATOM   1593 C CA  . ALA B 1 105 ? 6.725   -7.728  0.778   1.00 34.14  ? 177 ALA B CA  1 
ATOM   1594 C C   . ALA B 1 105 ? 5.522   -7.934  -0.133  1.00 34.67  ? 177 ALA B C   1 
ATOM   1595 O O   . ALA B 1 105 ? 5.358   -7.253  -1.141  1.00 37.51  ? 177 ALA B O   1 
ATOM   1596 C CB  . ALA B 1 105 ? 7.903   -8.524  0.270   1.00 33.93  ? 177 ALA B CB  1 
ATOM   1597 N N   . ILE B 1 106 ? 4.680   -8.888  0.234   1.00 35.71  ? 178 ILE B N   1 
ATOM   1598 C CA  . ILE B 1 106 ? 3.502   -9.215  -0.540  1.00 32.92  ? 178 ILE B CA  1 
ATOM   1599 C C   . ILE B 1 106 ? 2.341   -8.305  -0.196  1.00 33.58  ? 178 ILE B C   1 
ATOM   1600 O O   . ILE B 1 106 ? 1.706   -7.736  -1.079  1.00 32.66  ? 178 ILE B O   1 
ATOM   1601 C CB  . ILE B 1 106 ? 3.087   -10.634 -0.270  1.00 36.61  ? 178 ILE B CB  1 
ATOM   1602 C CG1 . ILE B 1 106 ? 3.845   -11.569 -1.208  1.00 38.07  ? 178 ILE B CG1 1 
ATOM   1603 C CG2 . ILE B 1 106 ? 1.587   -10.785 -0.436  1.00 33.30  ? 178 ILE B CG2 1 
ATOM   1604 C CD1 . ILE B 1 106 ? 3.728   -13.017 -0.817  1.00 33.97  ? 178 ILE B CD1 1 
ATOM   1605 N N   . GLY B 1 107 ? 2.055   -8.169  1.089   1.00 31.47  ? 179 GLY B N   1 
ATOM   1606 C CA  . GLY B 1 107 ? 1.052   -7.217  1.493   1.00 29.86  ? 179 GLY B CA  1 
ATOM   1607 C C   . GLY B 1 107 ? 1.370   -5.903  0.818   1.00 30.45  ? 179 GLY B C   1 
ATOM   1608 O O   . GLY B 1 107 ? 0.512   -5.265  0.215   1.00 30.83  ? 179 GLY B O   1 
ATOM   1609 N N   . ILE B 1 108 ? 2.633   -5.514  0.909   1.00 32.91  ? 180 ILE B N   1 
ATOM   1610 C CA  . ILE B 1 108 ? 3.097   -4.258  0.345   1.00 31.67  ? 180 ILE B CA  1 
ATOM   1611 C C   . ILE B 1 108 ? 2.723   -4.164  -1.103  1.00 29.97  ? 180 ILE B C   1 
ATOM   1612 O O   . ILE B 1 108 ? 2.179   -3.168  -1.554  1.00 33.09  ? 180 ILE B O   1 
ATOM   1613 C CB  . ILE B 1 108 ? 4.623   -4.157  0.386   1.00 29.53  ? 180 ILE B CB  1 
ATOM   1614 C CG1 . ILE B 1 108 ? 5.107   -3.692  1.750   1.00 27.34  ? 180 ILE B CG1 1 
ATOM   1615 C CG2 . ILE B 1 108 ? 5.103   -3.188  -0.655  1.00 30.76  ? 180 ILE B CG2 1 
ATOM   1616 C CD1 . ILE B 1 108 ? 6.596   -3.662  1.831   1.00 36.11  ? 180 ILE B CD1 1 
ATOM   1617 N N   . LEU B 1 109 ? 3.049   -5.208  -1.843  1.00 29.16  ? 181 LEU B N   1 
ATOM   1618 C CA  . LEU B 1 109 ? 2.921   -5.158  -3.280  1.00 28.92  ? 181 LEU B CA  1 
ATOM   1619 C C   . LEU B 1 109 ? 1.454   -5.165  -3.626  1.00 29.98  ? 181 LEU B C   1 
ATOM   1620 O O   . LEU B 1 109 ? 0.940   -4.254  -4.272  1.00 29.02  ? 181 LEU B O   1 
ATOM   1621 C CB  . LEU B 1 109 ? 3.612   -6.358  -3.894  1.00 27.88  ? 181 LEU B CB  1 
ATOM   1622 C CG  . LEU B 1 109 ? 3.360   -6.477  -5.386  1.00 32.66  ? 181 LEU B CG  1 
ATOM   1623 C CD1 . LEU B 1 109 ? 3.928   -5.266  -6.079  1.00 28.26  ? 181 LEU B CD1 1 
ATOM   1624 C CD2 . LEU B 1 109 ? 3.961   -7.766  -5.934  1.00 29.53  ? 181 LEU B CD2 1 
ATOM   1625 N N   . ILE B 1 110 ? 0.782   -6.211  -3.170  1.00 30.17  ? 182 ILE B N   1 
ATOM   1626 C CA  . ILE B 1 110 ? -0.644  -6.345  -3.343  1.00 25.09  ? 182 ILE B CA  1 
ATOM   1627 C C   . ILE B 1 110 ? -1.325  -5.038  -3.020  1.00 27.64  ? 182 ILE B C   1 
ATOM   1628 O O   . ILE B 1 110 ? -2.237  -4.623  -3.718  1.00 29.11  ? 182 ILE B O   1 
ATOM   1629 C CB  . ILE B 1 110 ? -1.194  -7.419  -2.417  1.00 28.03  ? 182 ILE B CB  1 
ATOM   1630 C CG1 . ILE B 1 110 ? -0.916  -8.802  -2.989  1.00 24.98  ? 182 ILE B CG1 1 
ATOM   1631 C CG2 . ILE B 1 110 ? -2.678  -7.244  -2.218  1.00 29.07  ? 182 ILE B CG2 1 
ATOM   1632 C CD1 . ILE B 1 110 ? -1.474  -9.891  -2.148  1.00 20.70  ? 182 ILE B CD1 1 
ATOM   1633 N N   . GLY B 1 111 ? -0.882  -4.393  -1.950  1.00 28.85  ? 183 GLY B N   1 
ATOM   1634 C CA  . GLY B 1 111 ? -1.464  -3.137  -1.547  1.00 23.18  ? 183 GLY B CA  1 
ATOM   1635 C C   . GLY B 1 111 ? -1.327  -2.145  -2.673  1.00 27.53  ? 183 GLY B C   1 
ATOM   1636 O O   . GLY B 1 111 ? -2.284  -1.449  -2.997  1.00 33.61  ? 183 GLY B O   1 
ATOM   1637 N N   . GLY B 1 112 ? -0.145  -2.091  -3.282  1.00 28.34  ? 184 GLY B N   1 
ATOM   1638 C CA  . GLY B 1 112 ? 0.153   -1.108  -4.315  1.00 30.54  ? 184 GLY B CA  1 
ATOM   1639 C C   . GLY B 1 112 ? -0.629  -1.306  -5.599  1.00 30.18  ? 184 GLY B C   1 
ATOM   1640 O O   . GLY B 1 112 ? -1.132  -0.358  -6.219  1.00 26.59  ? 184 GLY B O   1 
ATOM   1641 N N   . LEU B 1 113 ? -0.720  -2.567  -6.000  1.00 29.12  ? 185 LEU B N   1 
ATOM   1642 C CA  . LEU B 1 113 ? -1.537  -2.969  -7.132  1.00 29.24  ? 185 LEU B CA  1 
ATOM   1643 C C   . LEU B 1 113 ? -3.017  -2.634  -6.988  1.00 32.06  ? 185 LEU B C   1 
ATOM   1644 O O   . LEU B 1 113 ? -3.621  -2.046  -7.889  1.00 34.10  ? 185 LEU B O   1 
ATOM   1645 C CB  . LEU B 1 113 ? -1.407  -4.463  -7.320  1.00 26.74  ? 185 LEU B CB  1 
ATOM   1646 C CG  . LEU B 1 113 ? 0.013   -4.824  -7.716  1.00 27.95  ? 185 LEU B CG  1 
ATOM   1647 C CD1 . LEU B 1 113 ? 0.251   -6.295  -7.563  1.00 23.89  ? 185 LEU B CD1 1 
ATOM   1648 C CD2 . LEU B 1 113 ? 0.254   -4.380  -9.138  1.00 29.21  ? 185 LEU B CD2 1 
ATOM   1649 N N   . GLU B 1 114 ? -3.598  -3.014  -5.855  1.00 29.73  ? 186 GLU B N   1 
ATOM   1650 C CA  . GLU B 1 114 ? -4.999  -2.726  -5.586  1.00 28.76  ? 186 GLU B CA  1 
ATOM   1651 C C   . GLU B 1 114 ? -5.281  -1.249  -5.510  1.00 27.82  ? 186 GLU B C   1 
ATOM   1652 O O   . GLU B 1 114 ? -6.430  -0.854  -5.416  1.00 28.92  ? 186 GLU B O   1 
ATOM   1653 C CB  . GLU B 1 114 ? -5.414  -3.284  -4.245  1.00 27.42  ? 186 GLU B CB  1 
ATOM   1654 C CG  . GLU B 1 114 ? -5.220  -4.740  -4.078  1.00 25.53  ? 186 GLU B CG  1 
ATOM   1655 C CD  . GLU B 1 114 ? -6.105  -5.237  -2.997  1.00 25.38  ? 186 GLU B CD  1 
ATOM   1656 O OE1 . GLU B 1 114 ? -5.624  -5.442  -1.870  1.00 29.18  ? 186 GLU B OE1 1 
ATOM   1657 O OE2 . GLU B 1 114 ? -7.308  -5.376  -3.266  1.00 28.33  ? 186 GLU B OE2 1 
ATOM   1658 N N   . TRP B 1 115 ? -4.247  -0.424  -5.497  1.00 29.49  ? 187 TRP B N   1 
ATOM   1659 C CA  . TRP B 1 115 ? -4.506  1.007   -5.493  1.00 32.29  ? 187 TRP B CA  1 
ATOM   1660 C C   . TRP B 1 115 ? -4.874  1.434   -6.897  1.00 34.76  ? 187 TRP B C   1 
ATOM   1661 O O   . TRP B 1 115 ? -5.593  2.415   -7.090  1.00 34.39  ? 187 TRP B O   1 
ATOM   1662 C CB  . TRP B 1 115 ? -3.285  1.820   -5.049  1.00 35.96  ? 187 TRP B CB  1 
ATOM   1663 C CG  . TRP B 1 115 ? -3.470  2.524   -3.699  1.00 37.26  ? 187 TRP B CG  1 
ATOM   1664 C CD1 . TRP B 1 115 ? -2.827  2.236   -2.522  1.00 36.78  ? 187 TRP B CD1 1 
ATOM   1665 C CD2 . TRP B 1 115 ? -4.364  3.612   -3.404  1.00 33.91  ? 187 TRP B CD2 1 
ATOM   1666 N NE1 . TRP B 1 115 ? -3.259  3.081   -1.525  1.00 36.05  ? 187 TRP B NE1 1 
ATOM   1667 C CE2 . TRP B 1 115 ? -4.202  3.927   -2.039  1.00 34.28  ? 187 TRP B CE2 1 
ATOM   1668 C CE3 . TRP B 1 115 ? -5.280  4.344   -4.163  1.00 35.88  ? 187 TRP B CE3 1 
ATOM   1669 C CZ2 . TRP B 1 115 ? -4.927  4.942   -1.424  1.00 33.99  ? 187 TRP B CZ2 1 
ATOM   1670 C CZ3 . TRP B 1 115 ? -5.994  5.338   -3.552  1.00 32.62  ? 187 TRP B CZ3 1 
ATOM   1671 C CH2 . TRP B 1 115 ? -5.817  5.631   -2.194  1.00 36.33  ? 187 TRP B CH2 1 
ATOM   1672 N N   . ASN B 1 116 ? -4.390  0.683   -7.879  1.00 34.07  ? 188 ASN B N   1 
ATOM   1673 C CA  . ASN B 1 116 ? -4.703  0.994   -9.259  1.00 31.15  ? 188 ASN B CA  1 
ATOM   1674 C C   . ASN B 1 116 ? -5.789  0.068   -9.759  1.00 30.55  ? 188 ASN B C   1 
ATOM   1675 O O   . ASN B 1 116 ? -5.902  -0.187  -10.945 1.00 36.00  ? 188 ASN B O   1 
ATOM   1676 C CB  . ASN B 1 116 ? -3.475  0.977   -10.169 1.00 35.27  ? 188 ASN B CB  1 
ATOM   1677 C CG  . ASN B 1 116 ? -2.857  2.359   -10.337 1.00 39.34  ? 188 ASN B CG  1 
ATOM   1678 O OD1 . ASN B 1 116 ? -3.463  3.258   -10.918 1.00 41.10  ? 188 ASN B OD1 1 
ATOM   1679 N ND2 . ASN B 1 116 ? -1.649  2.532   -9.827  1.00 40.92  ? 188 ASN B ND2 1 
ATOM   1680 N N   . ASP B 1 117 ? -6.602  -0.426  -8.839  1.00 32.93  ? 189 ASP B N   1 
ATOM   1681 C CA  . ASP B 1 117 ? -7.838  -1.115  -9.199  1.00 32.69  ? 189 ASP B CA  1 
ATOM   1682 C C   . ASP B 1 117 ? -7.614  -2.437  -9.895  1.00 30.76  ? 189 ASP B C   1 
ATOM   1683 O O   . ASP B 1 117 ? -8.483  -2.923  -10.600 1.00 37.17  ? 189 ASP B O   1 
ATOM   1684 C CB  . ASP B 1 117 ? -8.708  -0.223  -10.079 1.00 34.81  ? 189 ASP B CB  1 
ATOM   1685 C CG  . ASP B 1 117 ? -9.588  0.717   -9.273  1.00 41.12  ? 189 ASP B CG  1 
ATOM   1686 O OD1 . ASP B 1 117 ? -9.568  0.640   -8.023  1.00 41.45  ? 189 ASP B OD1 1 
ATOM   1687 O OD2 . ASP B 1 117 ? -10.306 1.530   -9.894  1.00 40.20  ? 189 ASP B OD2 1 
ATOM   1688 N N   . ASN B 1 118 ? -6.437  -3.009  -9.704  1.00 30.96  ? 190 ASN B N   1 
ATOM   1689 C CA  . ASN B 1 118 ? -6.148  -4.326  -10.208 1.00 27.92  ? 190 ASN B CA  1 
ATOM   1690 C C   . ASN B 1 118 ? -6.678  -5.291  -9.184  1.00 33.44  ? 190 ASN B C   1 
ATOM   1691 O O   . ASN B 1 118 ? -6.706  -4.963  -8.000  1.00 31.64  ? 190 ASN B O   1 
ATOM   1692 C CB  . ASN B 1 118 ? -4.649  -4.519  -10.329 1.00 29.07  ? 190 ASN B CB  1 
ATOM   1693 C CG  . ASN B 1 118 ? -3.996  -3.476  -11.195 1.00 31.44  ? 190 ASN B CG  1 
ATOM   1694 O OD1 . ASN B 1 118 ? -4.478  -3.159  -12.285 1.00 30.60  ? 190 ASN B OD1 1 
ATOM   1695 N ND2 . ASN B 1 118 ? -2.882  -2.943  -10.724 1.00 27.19  ? 190 ASN B ND2 1 
ATOM   1696 N N   . SER B 1 119 ? -7.119  -6.467  -9.633  1.00 34.51  ? 191 SER B N   1 
ATOM   1697 C CA  . SER B 1 119 ? -7.564  -7.507  -8.713  1.00 33.21  ? 191 SER B CA  1 
ATOM   1698 C C   . SER B 1 119 ? -6.580  -8.659  -8.752  1.00 34.58  ? 191 SER B C   1 
ATOM   1699 O O   . SER B 1 119 ? -6.057  -9.011  -9.814  1.00 32.16  ? 191 SER B O   1 
ATOM   1700 C CB  . SER B 1 119 ? -8.982  -7.981  -9.029  1.00 34.75  ? 191 SER B CB  1 
ATOM   1701 O OG  . SER B 1 119 ? -8.993  -8.873  -10.119 1.00 39.90  ? 191 SER B OG  1 
ATOM   1702 N N   . ILE B 1 120 ? -6.328  -9.241  -7.586  1.00 29.11  ? 192 ILE B N   1 
ATOM   1703 C CA  . ILE B 1 120 ? -5.183  -10.115 -7.437  1.00 28.54  ? 192 ILE B CA  1 
ATOM   1704 C C   . ILE B 1 120 ? -5.515  -11.540 -7.070  1.00 30.09  ? 192 ILE B C   1 
ATOM   1705 O O   . ILE B 1 120 ? -6.266  -11.791 -6.126  1.00 27.36  ? 192 ILE B O   1 
ATOM   1706 C CB  . ILE B 1 120 ? -4.252  -9.600  -6.344  1.00 28.47  ? 192 ILE B CB  1 
ATOM   1707 C CG1 . ILE B 1 120 ? -4.151  -8.072  -6.391  1.00 28.50  ? 192 ILE B CG1 1 
ATOM   1708 C CG2 . ILE B 1 120 ? -2.898  -10.270 -6.459  1.00 27.39  ? 192 ILE B CG2 1 
ATOM   1709 C CD1 . ILE B 1 120 ? -3.650  -7.523  -7.697  1.00 28.56  ? 192 ILE B CD1 1 
ATOM   1710 N N   . ARG B 1 121 ? -4.918  -12.471 -7.806  1.00 27.68  ? 193 ARG B N   1 
ATOM   1711 C CA  . ARG B 1 121 ? -5.025  -13.876 -7.465  1.00 26.46  ? 193 ARG B CA  1 
ATOM   1712 C C   . ARG B 1 121 ? -3.641  -14.482 -7.306  1.00 28.41  ? 193 ARG B C   1 
ATOM   1713 O O   . ARG B 1 121 ? -2.706  -14.122 -8.021  1.00 28.87  ? 193 ARG B O   1 
ATOM   1714 C CB  . ARG B 1 121 ? -5.863  -14.642 -8.495  1.00 29.23  ? 193 ARG B CB  1 
ATOM   1715 C CG  . ARG B 1 121 ? -5.141  -14.987 -9.788  1.00 33.72  ? 193 ARG B CG  1 
ATOM   1716 C CD  . ARG B 1 121 ? -6.040  -15.772 -10.731 1.00 33.41  ? 193 ARG B CD  1 
ATOM   1717 N NE  . ARG B 1 121 ? -5.322  -16.325 -11.881 1.00 39.62  ? 193 ARG B NE  1 
ATOM   1718 C CZ  . ARG B 1 121 ? -5.808  -17.271 -12.687 1.00 42.06  ? 193 ARG B CZ  1 
ATOM   1719 N NH1 . ARG B 1 121 ? -7.016  -17.779 -12.474 1.00 41.73  ? 193 ARG B NH1 1 
ATOM   1720 N NH2 . ARG B 1 121 ? -5.083  -17.717 -13.708 1.00 41.37  ? 193 ARG B NH2 1 
ATOM   1721 N N   . ALA B 1 122 ? -3.527  -15.399 -6.346  1.00 29.55  ? 194 ALA B N   1 
ATOM   1722 C CA  . ALA B 1 122 ? -2.242  -15.963 -5.942  1.00 31.94  ? 194 ALA B CA  1 
ATOM   1723 C C   . ALA B 1 122 ? -2.110  -17.474 -6.152  1.00 41.69  ? 194 ALA B C   1 
ATOM   1724 O O   . ALA B 1 122 ? -3.068  -18.233 -6.009  1.00 32.66  ? 194 ALA B O   1 
ATOM   1725 C CB  . ALA B 1 122 ? -1.943  -15.602 -4.490  1.00 26.57  ? 194 ALA B CB  1 
ATOM   1726 N N   . SER B 1 123 ? -0.891  -17.877 -6.496  1.00 37.82  ? 195 SER B N   1 
ATOM   1727 C CA  . SER B 1 123 ? -0.603  -19.270 -6.751  1.00 30.56  ? 195 SER B CA  1 
ATOM   1728 C C   . SER B 1 123 ? -1.038  -20.073 -5.537  1.00 41.03  ? 195 SER B C   1 
ATOM   1729 O O   . SER B 1 123 ? -1.123  -19.533 -4.442  1.00 43.17  ? 195 SER B O   1 
ATOM   1730 C CB  . SER B 1 123 ? 0.880   -19.437 -7.029  1.00 33.68  ? 195 SER B CB  1 
ATOM   1731 O OG  . SER B 1 123 ? 1.212   -20.796 -7.208  1.00 43.25  ? 195 SER B OG  1 
ATOM   1732 N N   . GLU B 1 124 ? -1.335  -21.356 -5.723  1.00 50.40  ? 196 GLU B N   1 
ATOM   1733 C CA  . GLU B 1 124 ? -1.833  -22.169 -4.613  1.00 50.31  ? 196 GLU B CA  1 
ATOM   1734 C C   . GLU B 1 124 ? -0.808  -22.288 -3.497  1.00 47.88  ? 196 GLU B C   1 
ATOM   1735 O O   . GLU B 1 124 ? -1.110  -22.028 -2.334  1.00 47.55  ? 196 GLU B O   1 
ATOM   1736 C CB  . GLU B 1 124 ? -2.249  -23.567 -5.079  1.00 54.84  ? 196 GLU B CB  1 
ATOM   1737 C CG  . GLU B 1 124 ? -3.504  -23.589 -5.973  1.00 68.34  ? 196 GLU B CG  1 
ATOM   1738 C CD  . GLU B 1 124 ? -4.822  -23.321 -5.220  1.00 75.06  ? 196 GLU B CD  1 
ATOM   1739 O OE1 . GLU B 1 124 ? -4.940  -23.702 -4.030  1.00 71.90  ? 196 GLU B OE1 1 
ATOM   1740 O OE2 . GLU B 1 124 ? -5.751  -22.741 -5.833  1.00 73.54  ? 196 GLU B OE2 1 
ATOM   1741 N N   . ASN B 1 125 ? 0.421   -22.645 -3.853  1.00 44.07  ? 197 ASN B N   1 
ATOM   1742 C CA  . ASN B 1 125 ? 1.500   -22.701 -2.873  1.00 48.05  ? 197 ASN B CA  1 
ATOM   1743 C C   . ASN B 1 125 ? 1.663   -21.369 -2.142  1.00 46.63  ? 197 ASN B C   1 
ATOM   1744 O O   . ASN B 1 125 ? 1.847   -21.335 -0.926  1.00 49.13  ? 197 ASN B O   1 
ATOM   1745 C CB  . ASN B 1 125 ? 2.815   -23.099 -3.545  1.00 45.68  ? 197 ASN B CB  1 
ATOM   1746 C CG  . ASN B 1 125 ? 2.620   -24.120 -4.648  1.00 46.16  ? 197 ASN B CG  1 
ATOM   1747 O OD1 . ASN B 1 125 ? 2.155   -25.234 -4.404  1.00 48.57  ? 197 ASN B OD1 1 
ATOM   1748 N ND2 . ASN B 1 125 ? 2.977   -23.746 -5.871  1.00 43.51  ? 197 ASN B ND2 1 
ATOM   1749 N N   . ILE B 1 126 ? 1.591   -20.278 -2.896  1.00 43.50  ? 198 ILE B N   1 
ATOM   1750 C CA  . ILE B 1 126 ? 1.724   -18.941 -2.340  1.00 41.05  ? 198 ILE B CA  1 
ATOM   1751 C C   . ILE B 1 126 ? 0.739   -18.709 -1.198  1.00 44.71  ? 198 ILE B C   1 
ATOM   1752 O O   . ILE B 1 126 ? 1.006   -17.908 -0.302  1.00 47.03  ? 198 ILE B O   1 
ATOM   1753 C CB  . ILE B 1 126 ? 1.503   -17.862 -3.418  1.00 37.61  ? 198 ILE B CB  1 
ATOM   1754 C CG1 . ILE B 1 126 ? 2.720   -17.773 -4.341  1.00 33.00  ? 198 ILE B CG1 1 
ATOM   1755 C CG2 . ILE B 1 126 ? 1.219   -16.514 -2.772  1.00 37.96  ? 198 ILE B CG2 1 
ATOM   1756 C CD1 . ILE B 1 126 ? 2.761   -16.514 -5.178  1.00 36.28  ? 198 ILE B CD1 1 
ATOM   1757 N N   . GLN B 1 127 ? -0.396  -19.396 -1.225  1.00 44.26  ? 199 GLN B N   1 
ATOM   1758 C CA  . GLN B 1 127 ? -1.394  -19.193 -0.183  1.00 46.30  ? 199 GLN B CA  1 
ATOM   1759 C C   . GLN B 1 127 ? -1.280  -20.201 0.937   1.00 51.10  ? 199 GLN B C   1 
ATOM   1760 O O   . GLN B 1 127 ? -1.835  -20.002 2.018   1.00 51.25  ? 199 GLN B O   1 
ATOM   1761 C CB  . GLN B 1 127 ? -2.792  -19.288 -0.752  1.00 43.10  ? 199 GLN B CB  1 
ATOM   1762 C CG  . GLN B 1 127 ? -2.896  -18.935 -2.186  1.00 41.12  ? 199 GLN B CG  1 
ATOM   1763 C CD  . GLN B 1 127 ? -4.323  -18.956 -2.616  1.00 46.42  ? 199 GLN B CD  1 
ATOM   1764 O OE1 . GLN B 1 127 ? -5.206  -19.239 -1.808  1.00 40.36  ? 199 GLN B OE1 1 
ATOM   1765 N NE2 . GLN B 1 127 ? -4.577  -18.656 -3.886  1.00 45.39  ? 199 GLN B NE2 1 
ATOM   1766 N N   . ARG B 1 128 ? -0.583  -21.297 0.664   1.00 54.51  ? 200 ARG B N   1 
ATOM   1767 C CA  . ARG B 1 128 ? -0.381  -22.338 1.658   1.00 55.41  ? 200 ARG B CA  1 
ATOM   1768 C C   . ARG B 1 128 ? 0.688   -21.887 2.636   1.00 55.04  ? 200 ARG B C   1 
ATOM   1769 O O   . ARG B 1 128 ? 0.508   -21.982 3.855   1.00 54.28  ? 200 ARG B O   1 
ATOM   1770 C CB  . ARG B 1 128 ? 0.016   -23.654 0.981   1.00 57.17  ? 200 ARG B CB  1 
ATOM   1771 C CG  . ARG B 1 128 ? -0.092  -24.885 1.867   1.00 62.87  ? 200 ARG B CG  1 
ATOM   1772 C CD  . ARG B 1 128 ? -0.030  -26.159 1.031   1.00 73.28  ? 200 ARG B CD  1 
ATOM   1773 N NE  . ARG B 1 128 ? 0.254   -27.341 1.844   1.00 86.02  ? 200 ARG B NE  1 
ATOM   1774 C CZ  . ARG B 1 128 ? 0.214   -28.594 1.394   1.00 92.52  ? 200 ARG B CZ  1 
ATOM   1775 N NH1 . ARG B 1 128 ? -0.109  -28.843 0.129   1.00 96.39  ? 200 ARG B NH1 1 
ATOM   1776 N NH2 . ARG B 1 128 ? 0.494   -29.601 2.212   1.00 85.42  ? 200 ARG B NH2 1 
ATOM   1777 N N   . PHE B 1 129 ? 1.780   -21.351 2.091   1.00 52.09  ? 201 PHE B N   1 
ATOM   1778 C CA  . PHE B 1 129 ? 2.946   -20.978 2.891   1.00 54.36  ? 201 PHE B CA  1 
ATOM   1779 C C   . PHE B 1 129 ? 3.075   -19.481 3.164   1.00 53.74  ? 201 PHE B C   1 
ATOM   1780 O O   . PHE B 1 129 ? 4.115   -19.022 3.625   1.00 53.97  ? 201 PHE B O   1 
ATOM   1781 C CB  . PHE B 1 129 ? 4.213   -21.495 2.218   1.00 52.22  ? 201 PHE B CB  1 
ATOM   1782 C CG  . PHE B 1 129 ? 4.037   -22.833 1.581   1.00 50.51  ? 201 PHE B CG  1 
ATOM   1783 C CD1 . PHE B 1 129 ? 3.602   -22.934 0.277   1.00 49.66  ? 201 PHE B CD1 1 
ATOM   1784 C CD2 . PHE B 1 129 ? 4.273   -23.990 2.294   1.00 56.43  ? 201 PHE B CD2 1 
ATOM   1785 C CE1 . PHE B 1 129 ? 3.425   -24.161 -0.313  1.00 55.60  ? 201 PHE B CE1 1 
ATOM   1786 C CE2 . PHE B 1 129 ? 4.098   -25.222 1.712   1.00 60.03  ? 201 PHE B CE2 1 
ATOM   1787 C CZ  . PHE B 1 129 ? 3.671   -25.310 0.404   1.00 59.41  ? 201 PHE B CZ  1 
ATOM   1788 N N   . ALA B 1 130 ? 2.015   -18.729 2.890   1.00 51.37  ? 202 ALA B N   1 
ATOM   1789 C CA  . ALA B 1 130 ? 2.009   -17.298 3.156   1.00 52.42  ? 202 ALA B CA  1 
ATOM   1790 C C   . ALA B 1 130 ? 0.590   -16.781 3.439   1.00 55.51  ? 202 ALA B C   1 
ATOM   1791 O O   . ALA B 1 130 ? -0.066  -17.198 4.402   1.00 49.47  ? 202 ALA B O   1 
ATOM   1792 C CB  . ALA B 1 130 ? 2.655   -16.537 1.992   1.00 38.05  ? 202 ALA B CB  1 
HETATM 1793 O O   . HOH C 2 .   ? 4.975   19.580  19.707  1.00 32.14  ? 1   HOH A O   1 
HETATM 1794 O O   . HOH C 2 .   ? -5.085  21.621  17.681  1.00 29.73  ? 2   HOH A O   1 
HETATM 1795 O O   . HOH C 2 .   ? -14.972 -1.378  2.562   1.00 30.98  ? 3   HOH A O   1 
HETATM 1796 O O   . HOH C 2 .   ? -16.938 4.158   15.950  1.00 32.05  ? 5   HOH A O   1 
HETATM 1797 O O   . HOH C 2 .   ? -14.868 14.704  23.180  1.00 35.43  ? 9   HOH A O   1 
HETATM 1798 O O   . HOH C 2 .   ? -11.900 11.969  0.257   1.00 35.12  ? 10  HOH A O   1 
HETATM 1799 O O   . HOH C 2 .   ? 10.205  6.174   -8.304  1.00 41.29  ? 13  HOH A O   1 
HETATM 1800 O O   . HOH C 2 .   ? -24.112 4.337   7.668   1.00 45.41  ? 14  HOH A O   1 
HETATM 1801 O O   . HOH C 2 .   ? -3.253  7.590   -14.468 1.00 30.47  ? 16  HOH A O   1 
HETATM 1802 O O   . HOH D 2 .   ? 0.496   -16.246 -17.010 1.00 30.02  ? 4   HOH B O   1 
HETATM 1803 O O   . HOH D 2 .   ? 11.844  -23.183 -11.579 1.00 38.51  ? 6   HOH B O   1 
HETATM 1804 O O   . HOH D 2 .   ? -0.719  4.842   -12.828 1.00 34.39  ? 7   HOH B O   1 
HETATM 1805 O O   . HOH D 2 .   ? 14.443  -12.547 -21.326 1.00 33.78  ? 8   HOH B O   1 
HETATM 1806 O O   . HOH D 2 .   ? 14.765  -10.717 -14.579 1.00 34.74  ? 11  HOH B O   1 
HETATM 1807 O O   . HOH D 2 .   ? 0.167   -0.628  -10.171 1.00 25.06  ? 12  HOH B O   1 
HETATM 1808 O O   . HOH D 2 .   ? 10.859  -25.356 -16.065 1.00 35.69  ? 15  HOH B O   1 
# 
